data_5VDI
#
_entry.id   5VDI
#
_cell.length_a   136.006
_cell.length_b   136.000
_cell.length_c   191.635
_cell.angle_alpha   90.00
_cell.angle_beta   90.00
_cell.angle_gamma   90.00
#
_symmetry.space_group_name_H-M   'P 21 21 21'
#
loop_
_entity.id
_entity.type
_entity.pdbx_description
1 polymer 'Glycine receptor subunit alpha-3'
2 non-polymer (3S,3aS,9bS)-2-[(2H-1,3-benzodioxol-5-yl)sulfonyl]-3,5-dimethyl-1,2,3,3a,5,9b-hexahydro-4H-pyrrolo[3,4-c][1,6]naphthyridin-4-one
3 non-polymer GLYCINE
4 non-polymer "(2aE,4E,5'S,6S,6'R,7S,8E,11R,13R,15S,17aR,20R,20aR,20bS)-6'-[(2S)-butan-2-yl]-20,20b-dihydroxy-5',6,8,19-tetramethyl-17 -oxo-3',4',5',6,6',10,11,14,15,17,17a,20,20a,20b-tetradecahydro-2H,7H-spiro[11,15-methanofuro[4,3,2-pq][2,6]benzodioxacy clooctadecine-13,2'-pyran]-7-yl 2,6-dideoxy-4-O-(2,6-dideoxy-3-O-methyl-alpha-L-arabino-hexopyranosyl)-3-O-methyl-alpha-L-arabino-hexopyranoside"
5 non-polymer 'ZINC ION'
6 water water
#
_entity_poly.entity_id   1
_entity_poly.type   'polypeptide(L)'
_entity_poly.pdbx_seq_one_letter_code
;ARSRSAPMSPSDFLDKLMGRTSGYDARIRPNFKGPPVQVTCNIFINSFGSIAETTMDYRVNIFLRQKWNDPRLAYSEYPD
DSLDLDPSMLDSIWKPDLFFANEKGANFHEVTTDNKLLRIFKNGNVLYSIRLTLTLSCPMDLKNFPMDVQTCIMQLESFG
YTMNDLIFEWQDEAPVQVAEGLTLPQFLLKEEKDLRYCTKHYNTGKFTCIEVRFHLERQMGYYLIQMYIPSLLIVILSWV
SFWINMDAAPARVALGITTVLTMTTQSSGSRASLPKVSYVKAIDIWMAVCLLFVFSALLEYAAVNFVSRAGTKVFIDRAK
KIDTISRACFPLAFLIFNIFYWVIYKILRHEDIHWSHPQFEK
;
_entity_poly.pdbx_strand_id   A,B,C,D,E
#
loop_
_chem_comp.id
_chem_comp.type
_chem_comp.name
_chem_comp.formula
7C6 non-polymer (3S,3aS,9bS)-2-[(2H-1,3-benzodioxol-5-yl)sulfonyl]-3,5-dimethyl-1,2,3,3a,5,9b-hexahydro-4H-pyrrolo[3,4-c][1,6]naphthyridin-4-one 'C19 H19 N3 O5 S'
IVM non-polymer '(2aE,4E,5'S,6S,6'R,7S,8E,11R,13R,15S,17aR,20R,20aR,20bS)-6'-[(2S)-butan-2-yl]-20,20b-dihydroxy-5',6,8,19-tetramethyl-17 -oxo-3',4',5',6,6',10,11,14,15,17,17a,20,20a,20b-tetradecahydro-2H,7H-spiro[11,15-methanofuro[4,3,2-pq][2,6]benzodioxacy clooctadecine-13,2'-pyran]-7-yl 2,6-dideoxy-4-O-(2,6-dideoxy-3-O-methyl-alpha-L-arabino-hexopyranosyl)-3-O-methyl-alpha-L-arabino-hexopyranoside' 'C48 H74 O14'
ZN non-polymer 'ZINC ION' 'Zn 2'
#
# COMPACT_ATOMS: atom_id res chain seq x y z
N MET A 8 -30.81 -47.13 9.08
CA MET A 8 -31.20 -46.11 8.05
C MET A 8 -29.96 -45.53 7.37
N SER A 9 -30.01 -45.39 6.06
CA SER A 9 -28.87 -44.84 5.30
C SER A 9 -28.72 -43.35 5.60
N PRO A 10 -27.47 -42.85 5.66
CA PRO A 10 -27.25 -41.44 5.96
C PRO A 10 -28.01 -40.49 5.02
N SER A 11 -28.03 -40.81 3.73
CA SER A 11 -28.68 -39.97 2.73
C SER A 11 -30.16 -39.78 3.05
N ASP A 12 -30.83 -40.86 3.44
CA ASP A 12 -32.25 -40.79 3.81
C ASP A 12 -32.45 -40.08 5.15
N PHE A 13 -31.55 -40.30 6.10
CA PHE A 13 -31.63 -39.63 7.39
C PHE A 13 -31.53 -38.11 7.27
N LEU A 14 -30.57 -37.62 6.49
CA LEU A 14 -30.43 -36.19 6.22
C LEU A 14 -31.63 -35.63 5.47
N ASP A 15 -32.22 -36.47 4.61
CA ASP A 15 -33.40 -36.10 3.85
C ASP A 15 -34.62 -35.93 4.76
N LYS A 16 -34.74 -36.81 5.75
CA LYS A 16 -35.88 -36.80 6.69
C LYS A 16 -35.72 -35.77 7.80
N LEU A 17 -34.49 -35.40 8.10
CA LEU A 17 -34.20 -34.49 9.21
C LEU A 17 -34.26 -33.02 8.81
N MET A 18 -33.60 -32.69 7.70
CA MET A 18 -33.50 -31.30 7.21
C MET A 18 -33.60 -31.14 5.68
N GLY A 19 -33.89 -32.21 4.95
CA GLY A 19 -33.91 -32.18 3.48
C GLY A 19 -35.31 -32.05 2.92
N ARG A 20 -35.49 -32.54 1.69
CA ARG A 20 -36.77 -32.48 0.97
C ARG A 20 -37.94 -32.97 1.82
N THR A 21 -37.88 -34.23 2.25
CA THR A 21 -39.00 -34.85 2.98
C THR A 21 -39.14 -34.42 4.45
N SER A 22 -38.27 -33.53 4.92
CA SER A 22 -38.23 -33.16 6.33
C SER A 22 -39.27 -32.12 6.72
N GLY A 23 -39.56 -31.22 5.78
CA GLY A 23 -40.44 -30.09 6.07
C GLY A 23 -39.82 -29.05 6.99
N TYR A 24 -38.50 -29.10 7.13
CA TYR A 24 -37.73 -28.17 7.96
C TYR A 24 -37.65 -26.86 7.22
N ASP A 25 -37.81 -25.74 7.92
CA ASP A 25 -37.66 -24.42 7.32
C ASP A 25 -36.61 -23.61 8.06
N ALA A 26 -35.48 -23.37 7.42
CA ALA A 26 -34.37 -22.65 8.06
C ALA A 26 -34.65 -21.16 8.27
N ARG A 27 -35.77 -20.68 7.74
CA ARG A 27 -36.18 -19.30 7.96
C ARG A 27 -36.89 -19.13 9.30
N ILE A 28 -37.11 -20.23 10.01
CA ILE A 28 -37.79 -20.22 11.29
C ILE A 28 -36.83 -20.70 12.39
N ARG A 29 -36.72 -19.93 13.46
CA ARG A 29 -35.82 -20.24 14.55
C ARG A 29 -36.37 -21.37 15.39
N PRO A 30 -35.52 -21.99 16.20
CA PRO A 30 -35.97 -22.95 17.21
C PRO A 30 -36.95 -22.32 18.21
N ASN A 31 -38.06 -23.02 18.47
CA ASN A 31 -39.09 -22.55 19.40
C ASN A 31 -39.56 -21.12 19.07
N PHE A 32 -39.99 -20.90 17.84
CA PHE A 32 -40.20 -19.52 17.37
C PHE A 32 -41.35 -18.80 18.07
N LYS A 33 -42.35 -19.54 18.53
CA LYS A 33 -43.41 -18.94 19.35
C LYS A 33 -43.03 -18.87 20.82
N GLY A 34 -41.94 -19.54 21.20
CA GLY A 34 -41.50 -19.62 22.60
C GLY A 34 -40.45 -18.57 22.96
N PRO A 35 -39.65 -18.85 24.01
CA PRO A 35 -38.63 -17.93 24.48
C PRO A 35 -37.46 -17.81 23.51
N PRO A 36 -36.56 -16.83 23.73
CA PRO A 36 -35.43 -16.61 22.82
C PRO A 36 -34.49 -17.81 22.73
N VAL A 37 -33.82 -17.95 21.59
CA VAL A 37 -32.82 -19.00 21.41
C VAL A 37 -31.58 -18.61 22.20
N GLN A 38 -31.17 -19.49 23.11
CA GLN A 38 -29.98 -19.27 23.93
C GLN A 38 -28.78 -19.83 23.19
N VAL A 39 -27.93 -18.94 22.70
CA VAL A 39 -26.71 -19.33 22.01
C VAL A 39 -25.55 -19.17 22.97
N THR A 40 -24.59 -20.09 22.88
CA THR A 40 -23.42 -20.11 23.74
C THR A 40 -22.17 -20.07 22.87
N CYS A 41 -21.42 -18.97 22.99
CA CYS A 41 -20.25 -18.73 22.16
C CYS A 41 -18.96 -19.03 22.88
N ASN A 42 -17.95 -19.47 22.12
CA ASN A 42 -16.58 -19.52 22.59
C ASN A 42 -15.64 -19.37 21.39
N ILE A 43 -14.48 -18.78 21.61
CA ILE A 43 -13.53 -18.57 20.53
C ILE A 43 -12.18 -19.23 20.84
N PHE A 44 -11.58 -19.81 19.82
CA PHE A 44 -10.18 -20.23 19.88
C PHE A 44 -9.41 -19.19 19.08
N ILE A 45 -8.38 -18.60 19.68
CA ILE A 45 -7.59 -17.59 19.00
C ILE A 45 -6.36 -18.23 18.38
N ASN A 46 -6.43 -18.43 17.07
CA ASN A 46 -5.41 -19.10 16.30
C ASN A 46 -4.23 -18.18 16.01
N SER A 47 -4.51 -16.89 15.88
CA SER A 47 -3.45 -15.88 15.76
C SER A 47 -3.98 -14.51 16.16
N PHE A 48 -3.06 -13.62 16.51
CA PHE A 48 -3.37 -12.32 17.09
C PHE A 48 -2.22 -11.40 16.75
N GLY A 49 -2.49 -10.32 16.00
CA GLY A 49 -1.41 -9.46 15.55
C GLY A 49 -1.84 -8.24 14.77
N SER A 50 -0.92 -7.71 13.98
CA SER A 50 -1.14 -6.50 13.21
C SER A 50 -1.78 -5.41 14.06
N ILE A 51 -1.23 -5.21 15.26
CA ILE A 51 -1.77 -4.21 16.17
C ILE A 51 -1.24 -2.84 15.76
N ALA A 52 -2.08 -2.07 15.08
CA ALA A 52 -1.67 -0.82 14.47
C ALA A 52 -2.16 0.38 15.27
N GLU A 53 -1.25 1.28 15.59
CA GLU A 53 -1.59 2.52 16.30
C GLU A 53 -2.19 3.56 15.33
N THR A 54 -1.65 3.61 14.11
CA THR A 54 -2.04 4.62 13.13
C THR A 54 -3.47 4.43 12.67
N THR A 55 -3.78 3.20 12.26
CA THR A 55 -5.12 2.84 11.81
C THR A 55 -6.01 2.47 12.99
N MET A 56 -5.39 2.19 14.14
CA MET A 56 -6.09 2.06 15.41
C MET A 56 -6.97 0.81 15.42
N ASP A 57 -6.35 -0.32 15.13
CA ASP A 57 -7.06 -1.59 14.99
C ASP A 57 -6.11 -2.77 15.18
N TYR A 58 -6.65 -3.99 15.15
CA TYR A 58 -5.83 -5.20 15.27
C TYR A 58 -6.50 -6.34 14.53
N ARG A 59 -5.76 -7.43 14.35
CA ARG A 59 -6.22 -8.55 13.53
C ARG A 59 -6.15 -9.88 14.27
N VAL A 60 -7.17 -10.70 14.09
CA VAL A 60 -7.21 -12.03 14.69
C VAL A 60 -7.70 -13.06 13.70
N ASN A 61 -7.18 -14.29 13.84
CA ASN A 61 -7.72 -15.44 13.16
C ASN A 61 -8.30 -16.33 14.23
N ILE A 62 -9.60 -16.59 14.18
CA ILE A 62 -10.29 -17.32 15.24
C ILE A 62 -11.08 -18.49 14.70
N PHE A 63 -11.36 -19.45 15.57
CA PHE A 63 -12.44 -20.40 15.34
C PHE A 63 -13.59 -19.93 16.23
N LEU A 64 -14.70 -19.54 15.62
CA LEU A 64 -15.88 -19.12 16.35
C LEU A 64 -16.80 -20.32 16.53
N ARG A 65 -17.04 -20.70 17.78
CA ARG A 65 -17.95 -21.80 18.10
C ARG A 65 -19.26 -21.24 18.62
N GLN A 66 -20.37 -21.74 18.09
CA GLN A 66 -21.69 -21.39 18.58
C GLN A 66 -22.45 -22.66 18.92
N LYS A 67 -23.19 -22.61 20.01
CA LYS A 67 -23.97 -23.74 20.47
C LYS A 67 -25.39 -23.30 20.80
N TRP A 68 -26.36 -24.04 20.29
CA TRP A 68 -27.76 -23.77 20.58
C TRP A 68 -28.54 -25.05 20.37
N ASN A 69 -29.77 -25.09 20.87
CA ASN A 69 -30.62 -26.27 20.72
C ASN A 69 -31.69 -26.04 19.67
N ASP A 70 -31.80 -26.99 18.75
CA ASP A 70 -32.85 -26.99 17.75
C ASP A 70 -33.61 -28.31 17.87
N PRO A 71 -34.76 -28.31 18.58
CA PRO A 71 -35.48 -29.58 18.76
C PRO A 71 -35.85 -30.29 17.47
N ARG A 72 -35.94 -29.54 16.36
CA ARG A 72 -36.19 -30.14 15.05
C ARG A 72 -35.08 -31.11 14.61
N LEU A 73 -33.86 -30.90 15.11
CA LEU A 73 -32.71 -31.70 14.71
C LEU A 73 -32.40 -32.84 15.67
N ALA A 74 -33.25 -33.03 16.68
CA ALA A 74 -33.10 -34.16 17.59
C ALA A 74 -33.35 -35.44 16.78
N TYR A 75 -32.64 -36.50 17.14
CA TYR A 75 -32.75 -37.78 16.43
C TYR A 75 -32.67 -38.97 17.37
N SER A 76 -33.29 -40.07 16.95
CA SER A 76 -33.21 -41.35 17.65
C SER A 76 -32.70 -42.50 16.77
N GLU A 77 -32.59 -42.25 15.46
CA GLU A 77 -32.30 -43.31 14.48
C GLU A 77 -30.94 -43.97 14.68
N TYR A 78 -30.01 -43.26 15.32
CA TYR A 78 -28.70 -43.80 15.63
C TYR A 78 -28.42 -43.70 17.13
N PRO A 79 -27.69 -44.66 17.68
CA PRO A 79 -27.29 -44.63 19.08
C PRO A 79 -26.18 -43.63 19.39
N ASP A 80 -25.54 -43.10 18.34
CA ASP A 80 -24.43 -42.17 18.48
C ASP A 80 -24.91 -40.92 19.20
N ASP A 81 -24.16 -40.49 20.20
CA ASP A 81 -24.48 -39.26 20.91
C ASP A 81 -24.42 -38.02 20.03
N SER A 82 -23.48 -37.99 19.10
CA SER A 82 -23.42 -36.90 18.12
C SER A 82 -23.11 -37.41 16.72
N LEU A 83 -23.50 -36.63 15.72
CA LEU A 83 -23.18 -36.90 14.33
C LEU A 83 -22.38 -35.72 13.77
N ASP A 84 -21.20 -36.02 13.22
CA ASP A 84 -20.40 -35.02 12.52
C ASP A 84 -20.90 -34.93 11.08
N LEU A 85 -21.54 -33.80 10.73
CA LEU A 85 -22.14 -33.60 9.40
C LEU A 85 -21.30 -32.76 8.44
N ASP A 86 -21.49 -33.00 7.14
CA ASP A 86 -20.83 -32.24 6.09
C ASP A 86 -21.32 -30.79 6.11
N PRO A 87 -20.39 -29.81 6.09
CA PRO A 87 -20.76 -28.40 6.22
C PRO A 87 -21.73 -27.87 5.17
N SER A 88 -21.90 -28.56 4.05
CA SER A 88 -22.91 -28.20 3.06
C SER A 88 -24.31 -28.15 3.69
N MET A 89 -24.52 -28.96 4.72
CA MET A 89 -25.79 -29.00 5.43
C MET A 89 -26.06 -27.79 6.30
N LEU A 90 -25.04 -26.95 6.54
CA LEU A 90 -25.25 -25.69 7.26
C LEU A 90 -26.21 -24.75 6.55
N ASP A 91 -26.21 -24.78 5.22
CA ASP A 91 -27.15 -23.99 4.42
C ASP A 91 -28.59 -24.44 4.64
N SER A 92 -28.77 -25.72 4.94
CA SER A 92 -30.10 -26.30 5.13
C SER A 92 -30.71 -26.07 6.51
N ILE A 93 -29.93 -25.62 7.48
CA ILE A 93 -30.43 -25.44 8.86
C ILE A 93 -30.42 -23.99 9.30
N TRP A 94 -31.27 -23.68 10.27
CA TRP A 94 -31.28 -22.37 10.89
C TRP A 94 -30.01 -22.20 11.69
N LYS A 95 -29.48 -20.98 11.70
CA LYS A 95 -28.33 -20.63 12.55
C LYS A 95 -28.33 -19.14 12.90
N PRO A 96 -27.69 -18.77 14.02
CA PRO A 96 -27.72 -17.37 14.46
C PRO A 96 -27.04 -16.44 13.48
N ASP A 97 -27.41 -15.17 13.50
CA ASP A 97 -26.86 -14.19 12.56
C ASP A 97 -25.78 -13.31 13.20
N LEU A 98 -24.91 -13.96 13.97
CA LEU A 98 -23.87 -13.28 14.73
C LEU A 98 -22.99 -12.47 13.82
N PHE A 99 -22.74 -11.23 14.20
CA PHE A 99 -21.78 -10.40 13.48
C PHE A 99 -20.90 -9.69 14.47
N PHE A 100 -19.74 -9.22 14.01
CA PHE A 100 -18.80 -8.54 14.89
C PHE A 100 -18.97 -7.02 14.80
N ALA A 101 -19.53 -6.45 15.85
CA ALA A 101 -20.00 -5.07 15.81
C ALA A 101 -18.91 -4.05 15.56
N ASN A 102 -17.68 -4.35 15.99
CA ASN A 102 -16.56 -3.44 15.81
C ASN A 102 -15.56 -3.95 14.79
N GLU A 103 -16.06 -4.66 13.77
CA GLU A 103 -15.23 -5.22 12.74
C GLU A 103 -15.08 -4.27 11.57
N LYS A 104 -13.84 -4.00 11.18
CA LYS A 104 -13.55 -3.18 10.02
C LYS A 104 -13.49 -4.05 8.76
N GLY A 105 -12.88 -5.22 8.88
CA GLY A 105 -12.85 -6.19 7.80
C GLY A 105 -13.00 -7.60 8.35
N ALA A 106 -13.70 -8.45 7.62
CA ALA A 106 -13.91 -9.84 8.04
C ALA A 106 -13.98 -10.73 6.82
N ASN A 107 -13.45 -11.94 6.92
CA ASN A 107 -13.64 -12.91 5.86
C ASN A 107 -13.65 -14.35 6.34
N PHE A 108 -14.27 -15.19 5.54
CA PHE A 108 -14.28 -16.63 5.76
C PHE A 108 -13.01 -17.22 5.14
N HIS A 109 -12.78 -18.51 5.38
CA HIS A 109 -11.69 -19.24 4.77
C HIS A 109 -12.24 -20.40 3.98
N GLU A 110 -11.83 -20.49 2.71
CA GLU A 110 -12.42 -21.43 1.78
C GLU A 110 -11.44 -22.37 1.12
N VAL A 111 -10.17 -22.30 1.52
CA VAL A 111 -9.14 -23.18 0.98
C VAL A 111 -8.83 -24.26 2.01
N THR A 112 -8.85 -25.53 1.64
CA THR A 112 -9.19 -26.03 0.31
C THR A 112 -10.68 -26.29 0.17
N THR A 113 -11.39 -26.30 1.29
CA THR A 113 -12.84 -26.30 1.31
C THR A 113 -13.27 -25.29 2.36
N ASP A 114 -14.56 -25.03 2.49
CA ASP A 114 -15.03 -24.08 3.49
C ASP A 114 -14.56 -24.56 4.87
N ASN A 115 -13.89 -23.70 5.60
CA ASN A 115 -13.38 -24.02 6.94
C ASN A 115 -14.52 -23.91 7.94
N LYS A 116 -15.39 -24.92 7.93
CA LYS A 116 -16.57 -24.95 8.77
C LYS A 116 -16.77 -26.33 9.39
N LEU A 117 -17.51 -26.35 10.48
CA LEU A 117 -17.75 -27.56 11.23
C LEU A 117 -19.20 -27.60 11.66
N LEU A 118 -19.87 -28.72 11.39
CA LEU A 118 -21.25 -28.92 11.88
C LEU A 118 -21.33 -30.23 12.64
N ARG A 119 -21.88 -30.17 13.85
CA ARG A 119 -22.08 -31.35 14.66
C ARG A 119 -23.41 -31.22 15.38
N ILE A 120 -24.27 -32.23 15.25
CA ILE A 120 -25.55 -32.25 15.94
C ILE A 120 -25.61 -33.42 16.93
N PHE A 121 -26.37 -33.24 18.01
CA PHE A 121 -26.46 -34.24 19.08
C PHE A 121 -27.87 -34.87 19.14
N LYS A 122 -27.99 -35.98 19.85
CA LYS A 122 -29.28 -36.71 20.01
C LYS A 122 -30.45 -35.78 20.35
N ASN A 123 -30.23 -34.89 21.31
CA ASN A 123 -31.27 -33.98 21.79
C ASN A 123 -31.51 -32.75 20.93
N GLY A 124 -30.83 -32.65 19.79
CA GLY A 124 -31.02 -31.52 18.87
C GLY A 124 -30.06 -30.36 19.07
N ASN A 125 -29.13 -30.50 20.02
CA ASN A 125 -28.08 -29.50 20.17
C ASN A 125 -27.22 -29.42 18.93
N VAL A 126 -26.73 -28.23 18.64
CA VAL A 126 -25.87 -27.98 17.50
C VAL A 126 -24.56 -27.37 17.96
N LEU A 127 -23.45 -27.83 17.39
CA LEU A 127 -22.16 -27.18 17.51
C LEU A 127 -21.77 -26.70 16.12
N TYR A 128 -21.50 -25.40 16.00
CA TYR A 128 -21.16 -24.81 14.71
C TYR A 128 -19.89 -24.00 14.89
N SER A 129 -18.80 -24.48 14.31
CA SER A 129 -17.53 -23.78 14.34
C SER A 129 -17.14 -23.30 12.96
N ILE A 130 -16.72 -22.04 12.89
CA ILE A 130 -16.33 -21.43 11.63
C ILE A 130 -15.07 -20.60 11.81
N ARG A 131 -14.18 -20.69 10.84
CA ARG A 131 -12.91 -19.99 10.93
C ARG A 131 -13.00 -18.62 10.27
N LEU A 132 -12.52 -17.59 10.97
CA LEU A 132 -12.66 -16.22 10.52
C LEU A 132 -11.39 -15.44 10.75
N THR A 133 -11.01 -14.64 9.76
CA THR A 133 -10.03 -13.56 9.95
C THR A 133 -10.82 -12.26 10.14
N LEU A 134 -10.58 -11.58 11.26
CA LEU A 134 -11.23 -10.33 11.57
C LEU A 134 -10.21 -9.24 11.81
N THR A 135 -10.47 -8.06 11.28
CA THR A 135 -9.78 -6.84 11.67
C THR A 135 -10.76 -6.04 12.51
N LEU A 136 -10.41 -5.81 13.77
CA LEU A 136 -11.31 -5.20 14.73
C LEU A 136 -10.75 -3.85 15.15
N SER A 137 -11.62 -2.88 15.35
CA SER A 137 -11.20 -1.55 15.78
C SER A 137 -10.91 -1.58 17.27
N CYS A 138 -9.80 -0.94 17.63
CA CYS A 138 -9.37 -0.84 19.02
C CYS A 138 -8.86 0.58 19.24
N PRO A 139 -9.76 1.50 19.65
CA PRO A 139 -9.37 2.84 20.03
C PRO A 139 -8.35 2.81 21.13
N MET A 140 -7.27 3.57 20.96
CA MET A 140 -6.14 3.48 21.86
C MET A 140 -5.90 4.78 22.62
N ASP A 141 -5.49 4.62 23.87
CA ASP A 141 -5.13 5.75 24.72
C ASP A 141 -3.61 5.79 24.78
N LEU A 142 -3.01 6.70 24.02
CA LEU A 142 -1.55 6.77 23.94
C LEU A 142 -0.90 7.72 24.96
N LYS A 143 -1.64 8.15 25.99
CA LYS A 143 -1.12 9.07 26.99
C LYS A 143 0.20 8.61 27.62
N ASN A 144 0.36 7.30 27.85
CA ASN A 144 1.58 6.76 28.48
C ASN A 144 2.54 6.04 27.53
N PHE A 145 2.37 6.25 26.23
CA PHE A 145 3.23 5.62 25.23
C PHE A 145 4.68 6.07 25.42
N PRO A 146 5.65 5.15 25.41
CA PRO A 146 5.48 3.74 25.06
C PRO A 146 5.39 2.80 26.26
N MET A 147 4.98 3.32 27.41
CA MET A 147 4.77 2.48 28.59
C MET A 147 3.29 2.23 28.78
N ASP A 148 2.55 2.30 27.67
CA ASP A 148 1.10 2.19 27.70
C ASP A 148 0.65 0.74 27.73
N VAL A 149 -0.61 0.56 28.07
CA VAL A 149 -1.27 -0.73 28.01
C VAL A 149 -2.65 -0.48 27.40
N GLN A 150 -2.95 -1.20 26.33
CA GLN A 150 -4.19 -1.01 25.62
C GLN A 150 -5.20 -2.07 25.99
N THR A 151 -6.48 -1.75 25.75
CA THR A 151 -7.57 -2.69 25.96
C THR A 151 -8.34 -2.77 24.64
N CYS A 152 -8.18 -3.89 23.94
CA CYS A 152 -8.85 -4.10 22.67
C CYS A 152 -10.01 -5.05 22.85
N ILE A 153 -11.15 -4.71 22.27
CA ILE A 153 -12.37 -5.50 22.48
C ILE A 153 -12.80 -6.24 21.22
N MET A 154 -13.83 -7.06 21.38
CA MET A 154 -14.40 -7.84 20.30
C MET A 154 -15.85 -8.12 20.66
N GLN A 155 -16.78 -7.53 19.90
CA GLN A 155 -18.20 -7.61 20.23
C GLN A 155 -18.93 -8.57 19.31
N LEU A 156 -19.59 -9.56 19.90
CA LEU A 156 -20.40 -10.52 19.15
C LEU A 156 -21.86 -10.13 19.34
N GLU A 157 -22.53 -9.80 18.23
CA GLU A 157 -23.85 -9.18 18.28
C GLU A 157 -24.78 -9.83 17.26
N SER A 158 -26.09 -9.77 17.52
CA SER A 158 -27.08 -10.20 16.53
C SER A 158 -27.54 -8.98 15.73
N PHE A 159 -27.67 -9.15 14.41
CA PHE A 159 -28.04 -8.03 13.56
C PHE A 159 -29.54 -7.88 13.43
N GLY A 160 -30.24 -9.01 13.24
CA GLY A 160 -31.67 -8.99 12.93
C GLY A 160 -32.61 -9.45 14.03
N TYR A 161 -32.10 -10.27 14.95
CA TYR A 161 -32.91 -10.82 16.04
C TYR A 161 -32.81 -9.93 17.29
N THR A 162 -33.96 -9.54 17.82
CA THR A 162 -34.02 -8.79 19.08
C THR A 162 -33.96 -9.74 20.27
N MET A 163 -33.76 -9.17 21.45
CA MET A 163 -33.56 -9.92 22.70
C MET A 163 -34.69 -10.89 23.04
N ASN A 164 -35.85 -10.71 22.44
CA ASN A 164 -36.96 -11.63 22.65
C ASN A 164 -36.96 -12.85 21.72
N ASP A 165 -36.09 -12.84 20.71
CA ASP A 165 -35.92 -13.99 19.82
C ASP A 165 -34.57 -14.70 19.94
N LEU A 166 -33.52 -13.98 20.34
CA LEU A 166 -32.15 -14.52 20.33
C LEU A 166 -31.28 -13.87 21.39
N ILE A 167 -30.55 -14.71 22.13
CA ILE A 167 -29.68 -14.25 23.22
C ILE A 167 -28.30 -14.95 23.15
N PHE A 168 -27.24 -14.15 23.03
CA PHE A 168 -25.86 -14.66 23.12
C PHE A 168 -25.35 -14.62 24.56
N GLU A 169 -24.46 -15.55 24.84
CA GLU A 169 -23.88 -15.71 26.15
C GLU A 169 -22.53 -16.40 25.99
N TRP A 170 -21.51 -15.96 26.73
CA TRP A 170 -20.24 -16.67 26.74
C TRP A 170 -20.41 -18.01 27.44
N GLN A 171 -19.69 -19.01 26.96
CA GLN A 171 -19.63 -20.32 27.60
C GLN A 171 -19.16 -20.21 29.04
N ASP A 172 -19.60 -21.14 29.89
CA ASP A 172 -19.16 -21.14 31.28
C ASP A 172 -17.69 -21.54 31.40
N GLU A 173 -17.33 -22.71 30.87
CA GLU A 173 -15.95 -23.22 30.96
C GLU A 173 -15.12 -22.84 29.72
N ALA A 174 -14.07 -22.04 29.94
CA ALA A 174 -13.06 -21.72 28.93
C ALA A 174 -13.64 -21.13 27.65
N PRO A 175 -14.24 -19.93 27.74
CA PRO A 175 -14.87 -19.31 26.59
C PRO A 175 -13.87 -18.79 25.55
N VAL A 176 -12.68 -18.42 25.99
CA VAL A 176 -11.66 -17.89 25.10
C VAL A 176 -10.37 -18.68 25.27
N GLN A 177 -10.08 -19.55 24.30
CA GLN A 177 -8.83 -20.30 24.30
C GLN A 177 -7.84 -19.58 23.40
N VAL A 178 -6.55 -19.71 23.70
CA VAL A 178 -5.50 -19.12 22.90
C VAL A 178 -4.51 -20.20 22.48
N ALA A 179 -4.13 -20.20 21.21
CA ALA A 179 -3.21 -21.21 20.67
C ALA A 179 -1.91 -21.29 21.46
N GLU A 180 -1.41 -22.51 21.69
CA GLU A 180 -0.21 -22.72 22.48
C GLU A 180 0.98 -22.06 21.80
N GLY A 181 1.76 -21.32 22.59
CA GLY A 181 2.97 -20.67 22.09
C GLY A 181 2.74 -19.44 21.23
N LEU A 182 1.52 -18.91 21.27
CA LEU A 182 1.21 -17.71 20.51
C LEU A 182 1.86 -16.49 21.17
N THR A 183 2.70 -15.78 20.44
CA THR A 183 3.32 -14.56 20.96
C THR A 183 3.07 -13.36 20.06
N LEU A 184 3.22 -12.18 20.64
CA LEU A 184 3.16 -10.92 19.91
C LEU A 184 4.53 -10.25 20.07
N PRO A 185 5.05 -9.60 19.01
CA PRO A 185 6.40 -9.04 19.10
C PRO A 185 6.51 -7.74 19.90
N GLN A 186 5.45 -6.91 19.84
CA GLN A 186 5.43 -5.60 20.48
C GLN A 186 4.68 -5.59 21.81
N PHE A 187 3.76 -6.53 22.00
CA PHE A 187 2.91 -6.56 23.20
C PHE A 187 2.99 -7.88 23.96
N LEU A 188 2.51 -7.85 25.20
CA LEU A 188 2.25 -9.06 25.97
C LEU A 188 0.75 -9.14 26.14
N LEU A 189 0.17 -10.25 25.70
CA LEU A 189 -1.27 -10.49 25.85
C LEU A 189 -1.54 -11.10 27.22
N LYS A 190 -2.26 -10.38 28.08
CA LYS A 190 -2.46 -10.83 29.45
C LYS A 190 -3.43 -12.00 29.51
N GLU A 191 -3.16 -12.92 30.44
CA GLU A 191 -3.91 -14.15 30.59
C GLU A 191 -5.39 -13.88 30.88
N GLU A 192 -5.66 -12.88 31.71
CA GLU A 192 -7.04 -12.55 32.08
C GLU A 192 -7.76 -11.75 30.97
N LYS A 193 -8.81 -12.36 30.40
CA LYS A 193 -9.73 -11.68 29.51
C LYS A 193 -10.99 -11.32 30.29
N ASP A 194 -11.46 -10.09 30.13
CA ASP A 194 -12.72 -9.68 30.74
C ASP A 194 -13.83 -10.03 29.79
N LEU A 195 -14.92 -10.59 30.33
CA LEU A 195 -16.13 -10.83 29.56
C LEU A 195 -17.21 -9.91 30.08
N ARG A 196 -18.07 -9.42 29.19
CA ARG A 196 -19.19 -8.58 29.61
C ARG A 196 -20.29 -8.51 28.55
N TYR A 197 -21.30 -7.68 28.82
CA TYR A 197 -22.40 -7.45 27.89
C TYR A 197 -22.30 -6.06 27.27
N CYS A 198 -22.56 -5.99 25.96
CA CYS A 198 -22.64 -4.72 25.24
C CYS A 198 -24.07 -4.46 24.74
N THR A 199 -25.05 -5.11 25.36
CA THR A 199 -26.45 -5.08 24.89
C THR A 199 -26.82 -3.76 24.24
N LYS A 200 -27.14 -3.81 22.95
CA LYS A 200 -27.35 -2.61 22.14
C LYS A 200 -28.81 -2.19 22.06
N HIS A 201 -29.04 -0.87 22.16
CA HIS A 201 -30.36 -0.29 21.93
C HIS A 201 -30.32 0.66 20.74
N TYR A 202 -30.90 0.22 19.62
CA TYR A 202 -31.03 1.06 18.44
C TYR A 202 -32.49 1.46 18.28
N ASN A 203 -32.78 2.33 17.32
CA ASN A 203 -34.17 2.66 16.99
C ASN A 203 -34.91 1.50 16.32
N THR A 204 -34.18 0.45 15.96
CA THR A 204 -34.78 -0.76 15.40
C THR A 204 -35.08 -1.79 16.48
N GLY A 205 -34.59 -1.54 17.69
CA GLY A 205 -34.87 -2.42 18.81
C GLY A 205 -33.68 -2.62 19.74
N LYS A 206 -33.81 -3.63 20.59
CA LYS A 206 -32.81 -3.98 21.58
C LYS A 206 -32.15 -5.30 21.14
N PHE A 207 -30.83 -5.31 21.04
CA PHE A 207 -30.13 -6.44 20.44
C PHE A 207 -29.06 -7.02 21.37
N THR A 208 -29.02 -8.36 21.44
CA THR A 208 -28.01 -9.06 22.24
C THR A 208 -26.60 -8.82 21.72
N CYS A 209 -25.67 -8.70 22.65
CA CYS A 209 -24.30 -8.37 22.34
C CYS A 209 -23.47 -8.78 23.54
N ILE A 210 -22.45 -9.60 23.30
CA ILE A 210 -21.49 -9.99 24.32
C ILE A 210 -20.12 -9.56 23.84
N GLU A 211 -19.22 -9.33 24.79
CA GLU A 211 -17.98 -8.62 24.54
C GLU A 211 -16.85 -9.37 25.23
N VAL A 212 -15.65 -9.33 24.65
CA VAL A 212 -14.46 -9.82 25.34
C VAL A 212 -13.35 -8.78 25.22
N ARG A 213 -12.66 -8.51 26.33
CA ARG A 213 -11.61 -7.51 26.34
C ARG A 213 -10.26 -8.17 26.54
N PHE A 214 -9.34 -7.94 25.61
CA PHE A 214 -7.97 -8.39 25.74
C PHE A 214 -7.14 -7.22 26.25
N HIS A 215 -6.22 -7.49 27.17
CA HIS A 215 -5.32 -6.46 27.67
C HIS A 215 -3.92 -6.64 27.08
N LEU A 216 -3.42 -5.59 26.43
CA LEU A 216 -2.14 -5.67 25.73
C LEU A 216 -1.13 -4.70 26.37
N GLU A 217 -0.16 -5.27 27.08
CA GLU A 217 0.91 -4.47 27.70
C GLU A 217 2.04 -4.33 26.70
N ARG A 218 2.37 -3.09 26.34
CA ARG A 218 3.42 -2.84 25.36
C ARG A 218 4.77 -3.21 25.98
N GLN A 219 5.59 -3.96 25.23
CA GLN A 219 6.92 -4.35 25.69
C GLN A 219 7.87 -3.16 25.60
N MET A 220 8.58 -2.90 26.69
CA MET A 220 9.40 -1.71 26.85
C MET A 220 10.79 -1.81 26.21
N GLY A 221 11.27 -3.04 26.05
CA GLY A 221 12.65 -3.28 25.62
C GLY A 221 13.08 -2.60 24.33
N TYR A 222 12.23 -2.64 23.33
CA TYR A 222 12.51 -2.01 22.04
C TYR A 222 12.79 -0.52 22.18
N TYR A 223 12.04 0.16 23.06
CA TYR A 223 12.13 1.61 23.21
C TYR A 223 13.35 2.07 24.00
N LEU A 224 13.87 1.20 24.88
CA LEU A 224 15.14 1.49 25.54
C LEU A 224 16.24 1.62 24.50
N ILE A 225 16.28 0.67 23.57
CA ILE A 225 17.34 0.60 22.58
C ILE A 225 17.20 1.61 21.46
N GLN A 226 15.98 1.87 21.00
CA GLN A 226 15.80 2.67 19.79
C GLN A 226 15.28 4.09 20.08
N MET A 227 14.97 4.41 21.32
CA MET A 227 14.42 5.73 21.66
C MET A 227 15.09 6.40 22.86
N TYR A 228 15.15 5.68 23.98
CA TYR A 228 15.65 6.25 25.24
C TYR A 228 17.17 6.31 25.32
N ILE A 229 17.85 5.24 24.92
CA ILE A 229 19.32 5.27 24.91
C ILE A 229 19.92 6.23 23.87
N PRO A 230 19.44 6.20 22.61
CA PRO A 230 20.00 7.18 21.66
C PRO A 230 19.71 8.65 22.00
N SER A 231 18.66 8.93 22.77
CA SER A 231 18.41 10.29 23.24
C SER A 231 19.36 10.62 24.40
N LEU A 232 19.71 9.61 25.18
CA LEU A 232 20.72 9.74 26.23
C LEU A 232 22.08 10.10 25.65
N LEU A 233 22.41 9.51 24.49
CA LEU A 233 23.63 9.87 23.74
C LEU A 233 23.69 11.36 23.45
N ILE A 234 22.64 11.89 22.84
CA ILE A 234 22.63 13.27 22.37
C ILE A 234 22.75 14.24 23.53
N VAL A 235 22.16 13.88 24.67
CA VAL A 235 22.28 14.71 25.87
C VAL A 235 23.71 14.66 26.41
N ILE A 236 24.29 13.46 26.54
CA ILE A 236 25.68 13.29 27.00
C ILE A 236 26.66 13.96 26.04
N LEU A 237 26.42 13.80 24.74
CA LEU A 237 27.24 14.44 23.73
C LEU A 237 27.22 15.96 23.91
N SER A 238 26.05 16.51 24.23
CA SER A 238 25.91 17.96 24.41
C SER A 238 26.81 18.48 25.51
N TRP A 239 27.12 17.64 26.50
CA TRP A 239 27.92 18.06 27.66
C TRP A 239 29.42 18.20 27.36
N VAL A 240 29.93 17.58 26.30
CA VAL A 240 31.37 17.66 26.02
C VAL A 240 31.77 19.09 25.69
N SER A 241 30.83 19.89 25.22
CA SER A 241 31.01 21.33 25.03
C SER A 241 31.59 22.01 26.28
N PHE A 242 31.15 21.58 27.47
CA PHE A 242 31.59 22.18 28.73
C PHE A 242 33.08 21.96 29.04
N TRP A 243 33.68 20.94 28.42
CA TRP A 243 35.12 20.70 28.56
C TRP A 243 35.94 21.27 27.40
N ILE A 244 35.28 21.90 26.43
CA ILE A 244 35.95 22.54 25.31
C ILE A 244 36.30 23.97 25.68
N ASN A 245 37.39 24.46 25.10
CA ASN A 245 37.88 25.81 25.33
C ASN A 245 36.84 26.87 24.96
N MET A 246 36.59 27.80 25.87
CA MET A 246 35.61 28.88 25.62
C MET A 246 35.96 29.77 24.42
N ASP A 247 37.24 29.81 24.04
CA ASP A 247 37.70 30.54 22.85
C ASP A 247 37.29 29.90 21.53
N ALA A 248 37.04 28.59 21.54
CA ALA A 248 36.62 27.85 20.33
C ALA A 248 35.11 27.91 20.11
N ALA A 249 34.63 29.10 19.72
CA ALA A 249 33.21 29.33 19.50
C ALA A 249 32.63 28.44 18.40
N PRO A 250 33.30 28.36 17.23
CA PRO A 250 32.72 27.53 16.17
C PRO A 250 32.56 26.05 16.55
N ALA A 251 33.45 25.54 17.40
CA ALA A 251 33.38 24.17 17.87
C ALA A 251 32.25 23.97 18.86
N ARG A 252 32.14 24.88 19.81
CA ARG A 252 31.10 24.78 20.86
C ARG A 252 29.69 25.08 20.36
N VAL A 253 29.57 25.98 19.39
CA VAL A 253 28.29 26.25 18.74
C VAL A 253 27.93 25.07 17.84
N ALA A 254 28.91 24.54 17.12
CA ALA A 254 28.70 23.37 16.27
C ALA A 254 28.09 22.21 17.07
N LEU A 255 28.67 21.93 18.24
CA LEU A 255 28.16 20.89 19.13
C LEU A 255 26.73 21.20 19.57
N GLY A 256 26.50 22.45 19.96
CA GLY A 256 25.19 22.88 20.46
C GLY A 256 24.09 22.76 19.42
N ILE A 257 24.36 23.24 18.21
CA ILE A 257 23.38 23.16 17.13
C ILE A 257 23.09 21.70 16.83
N THR A 258 24.13 20.95 16.45
CA THR A 258 23.94 19.59 15.96
C THR A 258 23.31 18.65 16.97
N THR A 259 23.49 18.90 18.26
CA THR A 259 22.79 18.12 19.27
C THR A 259 21.30 18.50 19.32
N VAL A 260 21.00 19.79 19.28
CA VAL A 260 19.61 20.25 19.23
C VAL A 260 18.91 19.67 18.00
N LEU A 261 19.53 19.78 16.84
CA LEU A 261 18.93 19.31 15.59
C LEU A 261 18.81 17.79 15.56
N THR A 262 19.82 17.08 16.04
CA THR A 262 19.72 15.63 16.14
C THR A 262 18.57 15.26 17.05
N MET A 263 18.44 16.01 18.14
CA MET A 263 17.39 15.76 19.12
C MET A 263 15.99 16.03 18.56
N THR A 264 15.85 17.00 17.66
CA THR A 264 14.55 17.28 17.04
C THR A 264 14.16 16.24 16.00
N THR A 265 15.14 15.76 15.22
CA THR A 265 14.85 14.74 14.20
C THR A 265 14.61 13.38 14.85
N GLN A 266 15.30 13.15 15.96
CA GLN A 266 15.00 12.00 16.83
C GLN A 266 13.55 12.05 17.30
N SER A 267 13.13 13.22 17.77
CA SER A 267 11.81 13.42 18.34
C SER A 267 10.70 13.23 17.33
N SER A 268 10.86 13.83 16.15
CA SER A 268 9.85 13.73 15.10
C SER A 268 9.93 12.39 14.36
N GLY A 269 11.09 11.74 14.40
CA GLY A 269 11.24 10.39 13.90
C GLY A 269 10.32 9.41 14.61
N SER A 270 10.26 9.52 15.93
CA SER A 270 9.40 8.65 16.76
C SER A 270 7.90 8.96 16.63
N ARG A 271 7.57 10.23 16.41
CA ARG A 271 6.17 10.66 16.21
C ARG A 271 5.59 10.19 14.86
N ALA A 272 6.45 9.74 13.94
CA ALA A 272 6.03 9.32 12.60
C ALA A 272 5.26 8.00 12.59
N SER A 273 5.50 7.16 13.59
CA SER A 273 4.89 5.83 13.67
C SER A 273 3.51 5.82 14.36
N LEU A 274 3.04 7.00 14.78
CA LEU A 274 1.82 7.11 15.60
C LEU A 274 0.74 7.91 14.88
N PRO A 275 -0.51 7.80 15.36
CA PRO A 275 -1.54 8.67 14.84
C PRO A 275 -1.35 10.11 15.31
N LYS A 276 -2.06 11.04 14.70
CA LYS A 276 -1.90 12.46 15.02
C LYS A 276 -2.87 12.88 16.11
N VAL A 277 -2.69 12.29 17.30
CA VAL A 277 -3.49 12.64 18.47
C VAL A 277 -3.08 14.01 18.98
N SER A 278 -4.04 14.69 19.61
CA SER A 278 -3.84 16.05 20.10
C SER A 278 -3.75 16.09 21.63
N TYR A 279 -3.09 15.11 22.23
CA TYR A 279 -2.81 15.15 23.67
C TYR A 279 -1.34 14.81 23.94
N VAL A 280 -0.86 15.20 25.12
CA VAL A 280 0.54 14.99 25.48
C VAL A 280 0.75 13.53 25.89
N LYS A 281 1.69 12.87 25.22
CA LYS A 281 2.05 11.49 25.53
C LYS A 281 3.30 11.51 26.41
N ALA A 282 3.65 10.36 26.97
CA ALA A 282 4.84 10.27 27.82
C ALA A 282 6.13 10.49 27.03
N ILE A 283 6.19 9.97 25.81
CA ILE A 283 7.33 10.18 24.92
C ILE A 283 7.55 11.65 24.58
N ASP A 284 6.47 12.44 24.54
CA ASP A 284 6.56 13.89 24.28
C ASP A 284 7.27 14.62 25.41
N ILE A 285 6.98 14.21 26.65
CA ILE A 285 7.58 14.83 27.83
C ILE A 285 9.08 14.55 27.85
N TRP A 286 9.44 13.30 27.60
CA TRP A 286 10.84 12.89 27.55
C TRP A 286 11.62 13.68 26.50
N MET A 287 11.11 13.68 25.27
CA MET A 287 11.76 14.40 24.17
C MET A 287 11.82 15.89 24.45
N ALA A 288 10.81 16.42 25.13
CA ALA A 288 10.78 17.84 25.47
C ALA A 288 11.87 18.17 26.46
N VAL A 289 11.98 17.37 27.51
CA VAL A 289 12.98 17.62 28.54
C VAL A 289 14.40 17.38 28.00
N CYS A 290 14.61 16.28 27.27
CA CYS A 290 15.90 16.06 26.61
C CYS A 290 16.30 17.25 25.75
N LEU A 291 15.34 17.78 25.00
CA LEU A 291 15.57 18.90 24.11
C LEU A 291 15.82 20.19 24.91
N LEU A 292 15.22 20.28 26.10
CA LEU A 292 15.47 21.38 27.02
C LEU A 292 16.91 21.38 27.51
N PHE A 293 17.39 20.21 27.92
CA PHE A 293 18.78 20.03 28.39
C PHE A 293 19.82 20.31 27.30
N VAL A 294 19.49 19.92 26.08
CA VAL A 294 20.38 20.10 24.94
C VAL A 294 20.38 21.56 24.49
N PHE A 295 19.22 22.22 24.60
CA PHE A 295 19.06 23.63 24.24
C PHE A 295 19.66 24.54 25.30
N SER A 296 19.52 24.16 26.56
CA SER A 296 20.10 24.92 27.67
C SER A 296 21.62 24.95 27.59
N ALA A 297 22.21 23.85 27.14
CA ALA A 297 23.65 23.75 26.96
C ALA A 297 24.19 24.73 25.93
N LEU A 298 23.43 24.96 24.86
CA LEU A 298 23.79 25.96 23.85
C LEU A 298 23.66 27.36 24.43
N LEU A 299 22.54 27.63 25.10
CA LEU A 299 22.36 28.89 25.81
C LEU A 299 23.46 29.09 26.83
N GLU A 300 23.92 28.00 27.44
CA GLU A 300 25.02 28.09 28.39
C GLU A 300 26.27 28.69 27.74
N TYR A 301 26.62 28.23 26.54
CA TYR A 301 27.78 28.80 25.85
C TYR A 301 27.52 30.24 25.41
N ALA A 302 26.33 30.52 24.89
CA ALA A 302 25.97 31.88 24.53
C ALA A 302 26.23 32.81 25.72
N ALA A 303 25.88 32.35 26.93
CA ALA A 303 26.17 33.09 28.15
C ALA A 303 27.68 33.19 28.39
N VAL A 304 28.37 32.06 28.32
CA VAL A 304 29.84 32.02 28.49
C VAL A 304 30.53 32.97 27.52
N ASN A 305 30.16 32.88 26.25
CA ASN A 305 30.72 33.73 25.23
C ASN A 305 30.43 35.22 25.48
N PHE A 306 29.20 35.51 25.90
CA PHE A 306 28.75 36.89 26.08
C PHE A 306 29.34 37.59 27.31
N VAL A 307 29.46 36.88 28.43
CA VAL A 307 29.98 37.52 29.64
C VAL A 307 31.49 37.77 29.55
N SER A 308 32.17 37.02 28.69
CA SER A 308 33.62 37.15 28.50
C SER A 308 34.04 38.02 27.32
N ARG A 309 33.14 38.87 26.82
CA ARG A 309 33.44 39.73 25.65
C ARG A 309 34.73 40.53 25.84
N ALA A 310 34.74 41.41 26.84
CA ALA A 310 35.96 42.09 27.24
C ALA A 310 36.91 41.03 27.78
N GLY A 311 38.14 41.00 27.29
CA GLY A 311 39.09 39.92 27.64
C GLY A 311 39.75 40.03 29.00
N THR A 312 39.08 40.68 29.96
CA THR A 312 39.64 40.96 31.29
C THR A 312 39.41 39.80 32.27
N LYS A 313 40.37 39.59 33.17
CA LYS A 313 40.36 38.44 34.09
C LYS A 313 39.08 38.28 34.90
N VAL A 314 38.54 39.38 35.41
CA VAL A 314 37.31 39.32 36.22
C VAL A 314 36.11 38.71 35.44
N PHE A 315 36.02 39.04 34.16
CA PHE A 315 34.95 38.53 33.29
C PHE A 315 35.28 37.15 32.75
N ILE A 316 36.54 36.89 32.43
CA ILE A 316 36.99 35.57 32.01
C ILE A 316 36.76 34.56 33.13
N ASP A 317 37.03 34.96 34.37
CA ASP A 317 36.81 34.11 35.55
C ASP A 317 35.34 33.80 35.74
N ARG A 318 34.49 34.80 35.52
CA ARG A 318 33.06 34.64 35.66
C ARG A 318 32.51 33.64 34.64
N ALA A 319 33.00 33.72 33.41
CA ALA A 319 32.63 32.76 32.36
C ALA A 319 33.11 31.35 32.69
N LYS A 320 34.34 31.23 33.19
CA LYS A 320 34.92 29.95 33.55
C LYS A 320 34.08 29.26 34.65
N LYS A 321 33.55 30.04 35.60
CA LYS A 321 32.71 29.52 36.67
C LYS A 321 31.41 28.94 36.12
N ILE A 322 30.86 29.58 35.08
CA ILE A 322 29.65 29.08 34.44
C ILE A 322 29.89 27.67 33.88
N ASP A 323 31.04 27.46 33.24
CA ASP A 323 31.41 26.14 32.73
C ASP A 323 31.63 25.09 33.83
N THR A 324 32.36 25.43 34.89
CA THR A 324 32.67 24.45 35.93
C THR A 324 31.42 24.05 36.71
N ILE A 325 30.52 25.00 36.96
CA ILE A 325 29.22 24.69 37.56
C ILE A 325 28.42 23.78 36.62
N SER A 326 28.45 24.09 35.32
CA SER A 326 27.70 23.33 34.31
C SER A 326 28.11 21.86 34.26
N ARG A 327 29.41 21.58 34.36
CA ARG A 327 29.90 20.19 34.31
C ARG A 327 29.31 19.30 35.40
N ALA A 328 29.01 19.88 36.56
CA ALA A 328 28.40 19.15 37.66
C ALA A 328 26.87 19.19 37.58
N CYS A 329 26.31 20.39 37.41
CA CYS A 329 24.87 20.58 37.51
C CYS A 329 24.08 19.96 36.35
N PHE A 330 24.59 20.04 35.12
CA PHE A 330 23.85 19.51 33.98
C PHE A 330 23.61 18.01 34.12
N PRO A 331 24.67 17.21 34.33
CA PRO A 331 24.44 15.78 34.57
C PRO A 331 23.63 15.49 35.82
N LEU A 332 23.94 16.18 36.91
CA LEU A 332 23.20 15.98 38.15
C LEU A 332 21.71 16.26 37.99
N ALA A 333 21.37 17.36 37.30
CA ALA A 333 19.98 17.72 37.05
C ALA A 333 19.30 16.70 36.14
N PHE A 334 20.03 16.24 35.12
CA PHE A 334 19.51 15.25 34.19
C PHE A 334 19.28 13.89 34.88
N LEU A 335 20.14 13.56 35.82
CA LEU A 335 19.97 12.35 36.64
C LEU A 335 18.72 12.45 37.50
N ILE A 336 18.54 13.61 38.15
CA ILE A 336 17.34 13.87 38.96
C ILE A 336 16.08 13.77 38.11
N PHE A 337 16.11 14.31 36.90
CA PHE A 337 14.95 14.22 36.00
C PHE A 337 14.60 12.77 35.69
N ASN A 338 15.60 11.95 35.37
CA ASN A 338 15.40 10.52 35.12
C ASN A 338 14.77 9.79 36.31
N ILE A 339 15.22 10.10 37.53
CA ILE A 339 14.63 9.51 38.73
C ILE A 339 13.12 9.82 38.72
N PHE A 340 12.78 11.10 38.63
CA PHE A 340 11.37 11.54 38.61
C PHE A 340 10.57 10.87 37.49
N TYR A 341 11.08 10.96 36.26
CA TYR A 341 10.37 10.43 35.09
C TYR A 341 10.07 8.94 35.22
N TRP A 342 11.10 8.15 35.50
CA TRP A 342 10.94 6.70 35.60
C TRP A 342 10.07 6.28 36.79
N VAL A 343 10.25 6.94 37.93
CA VAL A 343 9.41 6.68 39.10
C VAL A 343 7.93 6.94 38.81
N ILE A 344 7.63 8.07 38.18
CA ILE A 344 6.24 8.44 37.88
C ILE A 344 5.54 7.36 37.05
N TYR A 345 6.18 6.86 35.99
CA TYR A 345 5.54 5.85 35.11
C TYR A 345 5.80 4.39 35.55
N ALA B 6 -56.17 -23.74 14.57
CA ALA B 6 -54.73 -23.39 14.66
C ALA B 6 -54.37 -22.29 13.66
N PRO B 7 -53.38 -21.45 14.00
CA PRO B 7 -52.98 -20.41 13.07
C PRO B 7 -52.18 -21.00 11.91
N MET B 8 -51.91 -20.16 10.92
CA MET B 8 -51.23 -20.58 9.70
C MET B 8 -49.74 -20.76 9.95
N SER B 9 -49.13 -21.80 9.36
CA SER B 9 -47.70 -22.05 9.55
C SER B 9 -46.89 -20.97 8.82
N PRO B 10 -45.75 -20.56 9.40
CA PRO B 10 -44.94 -19.51 8.78
C PRO B 10 -44.57 -19.81 7.32
N SER B 11 -44.20 -21.06 7.05
CA SER B 11 -43.80 -21.46 5.71
C SER B 11 -44.90 -21.19 4.68
N ASP B 12 -46.15 -21.52 5.03
CA ASP B 12 -47.29 -21.26 4.14
C ASP B 12 -47.62 -19.78 4.03
N PHE B 13 -47.50 -19.05 5.14
CA PHE B 13 -47.73 -17.61 5.14
C PHE B 13 -46.77 -16.87 4.21
N LEU B 14 -45.48 -17.20 4.29
CA LEU B 14 -44.48 -16.61 3.40
C LEU B 14 -44.72 -17.00 1.95
N ASP B 15 -45.22 -18.21 1.75
CA ASP B 15 -45.57 -18.71 0.43
C ASP B 15 -46.74 -17.93 -0.19
N LYS B 16 -47.74 -17.61 0.63
CA LYS B 16 -48.95 -16.91 0.18
C LYS B 16 -48.72 -15.40 0.05
N LEU B 17 -47.76 -14.86 0.79
CA LEU B 17 -47.52 -13.42 0.83
C LEU B 17 -46.57 -12.95 -0.27
N MET B 18 -45.45 -13.64 -0.42
CA MET B 18 -44.42 -13.27 -1.39
C MET B 18 -43.75 -14.44 -2.13
N GLY B 19 -44.25 -15.67 -1.94
CA GLY B 19 -43.63 -16.86 -2.52
C GLY B 19 -44.33 -17.35 -3.76
N ARG B 20 -44.22 -18.65 -4.04
CA ARG B 20 -44.81 -19.29 -5.23
C ARG B 20 -46.27 -18.94 -5.42
N THR B 21 -47.10 -19.28 -4.43
CA THR B 21 -48.56 -19.09 -4.55
C THR B 21 -49.04 -17.63 -4.38
N SER B 22 -48.13 -16.69 -4.16
CA SER B 22 -48.49 -15.31 -3.83
C SER B 22 -48.82 -14.48 -5.05
N GLY B 23 -48.15 -14.77 -6.17
CA GLY B 23 -48.27 -13.96 -7.38
C GLY B 23 -47.66 -12.57 -7.25
N TYR B 24 -46.78 -12.41 -6.25
CA TYR B 24 -46.06 -11.16 -6.01
C TYR B 24 -44.97 -11.05 -7.04
N ASP B 25 -44.76 -9.86 -7.58
CA ASP B 25 -43.67 -9.60 -8.53
C ASP B 25 -42.79 -8.46 -8.03
N ALA B 26 -41.58 -8.79 -7.62
CA ALA B 26 -40.65 -7.80 -7.08
C ALA B 26 -40.13 -6.80 -8.12
N ARG B 27 -40.45 -7.03 -9.38
CA ARG B 27 -40.08 -6.11 -10.45
C ARG B 27 -41.04 -4.94 -10.57
N ILE B 28 -42.10 -4.99 -9.76
CA ILE B 28 -43.14 -3.96 -9.78
C ILE B 28 -43.16 -3.28 -8.42
N ARG B 29 -43.11 -1.95 -8.45
CA ARG B 29 -43.10 -1.17 -7.21
C ARG B 29 -44.47 -1.14 -6.58
N PRO B 30 -44.54 -0.78 -5.30
CA PRO B 30 -45.81 -0.48 -4.64
C PRO B 30 -46.59 0.64 -5.35
N ASN B 31 -47.87 0.40 -5.59
CA ASN B 31 -48.74 1.38 -6.25
C ASN B 31 -48.16 1.87 -7.56
N PHE B 32 -47.84 0.95 -8.47
CA PHE B 32 -47.04 1.32 -9.63
C PHE B 32 -47.76 2.23 -10.62
N LYS B 33 -49.08 2.15 -10.68
CA LYS B 33 -49.85 3.10 -11.48
C LYS B 33 -50.14 4.40 -10.72
N GLY B 34 -49.89 4.39 -9.42
CA GLY B 34 -50.20 5.52 -8.54
C GLY B 34 -49.04 6.47 -8.33
N PRO B 35 -49.07 7.23 -7.22
CA PRO B 35 -48.02 8.19 -6.91
C PRO B 35 -46.69 7.51 -6.53
N PRO B 36 -45.60 8.31 -6.43
CA PRO B 36 -44.29 7.73 -6.13
C PRO B 36 -44.23 7.04 -4.77
N VAL B 37 -43.35 6.06 -4.63
CA VAL B 37 -43.12 5.38 -3.37
C VAL B 37 -42.35 6.33 -2.46
N GLN B 38 -42.92 6.62 -1.29
CA GLN B 38 -42.28 7.49 -0.32
C GLN B 38 -41.43 6.63 0.59
N VAL B 39 -40.11 6.77 0.43
CA VAL B 39 -39.16 6.06 1.27
C VAL B 39 -38.64 7.03 2.33
N THR B 40 -38.44 6.50 3.53
CA THR B 40 -37.96 7.27 4.66
C THR B 40 -36.67 6.65 5.20
N CYS B 41 -35.58 7.40 5.08
CA CYS B 41 -34.27 6.90 5.43
C CYS B 41 -33.80 7.43 6.79
N ASN B 42 -33.01 6.61 7.47
CA ASN B 42 -32.24 7.07 8.63
C ASN B 42 -30.99 6.21 8.75
N ILE B 43 -29.91 6.79 9.27
CA ILE B 43 -28.65 6.06 9.41
C ILE B 43 -28.19 6.03 10.85
N PHE B 44 -27.65 4.90 11.27
CA PHE B 44 -26.91 4.81 12.51
C PHE B 44 -25.44 4.77 12.12
N ILE B 45 -24.62 5.65 12.69
CA ILE B 45 -23.20 5.71 12.35
C ILE B 45 -22.40 4.93 13.38
N ASN B 46 -22.01 3.72 12.98
CA ASN B 46 -21.33 2.77 13.84
C ASN B 46 -19.85 3.13 13.98
N SER B 47 -19.28 3.72 12.94
CA SER B 47 -17.92 4.23 12.99
C SER B 47 -17.71 5.29 11.93
N PHE B 48 -16.69 6.13 12.14
CA PHE B 48 -16.45 7.30 11.32
C PHE B 48 -14.96 7.60 11.41
N GLY B 49 -14.26 7.55 10.30
CA GLY B 49 -12.81 7.70 10.34
C GLY B 49 -12.12 7.71 9.00
N SER B 50 -10.82 7.40 9.02
CA SER B 50 -10.00 7.41 7.82
C SER B 50 -10.24 8.69 7.02
N ILE B 51 -10.24 9.84 7.70
CA ILE B 51 -10.44 11.11 7.05
C ILE B 51 -9.12 11.56 6.41
N ALA B 52 -9.01 11.36 5.10
CA ALA B 52 -7.76 11.56 4.40
C ALA B 52 -7.79 12.86 3.60
N GLU B 53 -6.77 13.69 3.80
CA GLU B 53 -6.61 14.94 3.04
C GLU B 53 -6.05 14.66 1.64
N THR B 54 -5.13 13.69 1.54
CA THR B 54 -4.43 13.41 0.30
C THR B 54 -5.37 12.83 -0.76
N THR B 55 -6.10 11.80 -0.37
CA THR B 55 -7.07 11.15 -1.24
C THR B 55 -8.41 11.88 -1.21
N MET B 56 -8.60 12.73 -0.19
CA MET B 56 -9.71 13.67 -0.13
C MET B 56 -11.05 12.94 0.03
N ASP B 57 -11.12 12.10 1.06
CA ASP B 57 -12.27 11.24 1.31
C ASP B 57 -12.32 10.80 2.77
N TYR B 58 -13.36 10.07 3.15
CA TYR B 58 -13.51 9.56 4.52
C TYR B 58 -14.30 8.27 4.50
N ARG B 59 -14.30 7.55 5.62
CA ARG B 59 -14.90 6.24 5.71
C ARG B 59 -15.90 6.13 6.85
N VAL B 60 -17.02 5.46 6.59
CA VAL B 60 -18.03 5.24 7.60
C VAL B 60 -18.54 3.80 7.54
N ASN B 61 -18.92 3.28 8.70
CA ASN B 61 -19.64 2.04 8.81
C ASN B 61 -21.00 2.42 9.36
N ILE B 62 -22.05 2.14 8.59
CA ILE B 62 -23.39 2.56 8.96
C ILE B 62 -24.38 1.41 8.94
N PHE B 63 -25.49 1.59 9.65
CA PHE B 63 -26.69 0.82 9.40
C PHE B 63 -27.63 1.75 8.64
N LEU B 64 -27.96 1.38 7.40
CA LEU B 64 -28.89 2.14 6.58
C LEU B 64 -30.30 1.58 6.74
N ARG B 65 -31.21 2.39 7.28
CA ARG B 65 -32.60 1.99 7.45
C ARG B 65 -33.44 2.66 6.39
N GLN B 66 -34.29 1.87 5.74
CA GLN B 66 -35.25 2.38 4.77
C GLN B 66 -36.64 1.91 5.16
N LYS B 67 -37.60 2.81 5.02
CA LYS B 67 -38.98 2.51 5.35
C LYS B 67 -39.90 2.94 4.22
N TRP B 68 -40.81 2.05 3.83
CA TRP B 68 -41.78 2.35 2.80
C TRP B 68 -42.94 1.41 2.96
N ASN B 69 -44.06 1.73 2.32
CA ASN B 69 -45.26 0.90 2.40
C ASN B 69 -45.47 0.09 1.14
N ASP B 70 -45.68 -1.20 1.32
CA ASP B 70 -46.02 -2.09 0.22
C ASP B 70 -47.34 -2.78 0.56
N PRO B 71 -48.47 -2.26 0.03
CA PRO B 71 -49.77 -2.85 0.38
C PRO B 71 -49.90 -4.34 0.08
N ARG B 72 -49.10 -4.85 -0.85
CA ARG B 72 -49.03 -6.28 -1.12
C ARG B 72 -48.58 -7.11 0.09
N LEU B 73 -47.80 -6.52 0.99
CA LEU B 73 -47.24 -7.24 2.14
C LEU B 73 -48.04 -7.04 3.41
N ALA B 74 -49.18 -6.35 3.31
CA ALA B 74 -50.08 -6.23 4.45
C ALA B 74 -50.62 -7.61 4.77
N TYR B 75 -50.85 -7.87 6.05
CA TYR B 75 -51.33 -9.17 6.51
C TYR B 75 -52.35 -9.04 7.65
N SER B 76 -53.22 -10.04 7.74
CA SER B 76 -54.16 -10.17 8.85
C SER B 76 -54.04 -11.50 9.60
N GLU B 77 -53.27 -12.44 9.07
CA GLU B 77 -53.23 -13.82 9.57
C GLU B 77 -52.71 -13.93 10.99
N TYR B 78 -51.93 -12.94 11.41
CA TYR B 78 -51.40 -12.90 12.78
C TYR B 78 -51.77 -11.58 13.45
N PRO B 79 -52.01 -11.61 14.76
CA PRO B 79 -52.33 -10.41 15.54
C PRO B 79 -51.10 -9.53 15.79
N ASP B 80 -49.92 -10.07 15.51
CA ASP B 80 -48.67 -9.38 15.76
C ASP B 80 -48.64 -8.13 14.91
N ASP B 81 -48.29 -7.00 15.52
CA ASP B 81 -48.13 -5.75 14.80
C ASP B 81 -47.02 -5.80 13.74
N SER B 82 -45.92 -6.50 14.03
CA SER B 82 -44.87 -6.70 13.05
C SER B 82 -44.34 -8.13 13.07
N LEU B 83 -43.76 -8.54 11.94
CA LEU B 83 -43.09 -9.82 11.84
C LEU B 83 -41.63 -9.58 11.46
N ASP B 84 -40.71 -10.12 12.25
CA ASP B 84 -39.29 -10.10 11.92
C ASP B 84 -38.96 -11.27 11.01
N LEU B 85 -38.65 -10.98 9.74
CA LEU B 85 -38.42 -12.02 8.72
C LEU B 85 -36.96 -12.30 8.44
N ASP B 86 -36.69 -13.52 7.98
CA ASP B 86 -35.35 -13.94 7.57
C ASP B 86 -34.90 -13.15 6.34
N PRO B 87 -33.68 -12.58 6.38
CA PRO B 87 -33.23 -11.69 5.29
C PRO B 87 -33.20 -12.33 3.89
N SER B 88 -33.24 -13.65 3.81
CA SER B 88 -33.34 -14.34 2.51
C SER B 88 -34.58 -13.87 1.75
N MET B 89 -35.60 -13.48 2.48
CA MET B 89 -36.83 -12.99 1.88
C MET B 89 -36.72 -11.61 1.25
N LEU B 90 -35.64 -10.89 1.53
CA LEU B 90 -35.40 -9.60 0.87
C LEU B 90 -35.28 -9.73 -0.65
N ASP B 91 -34.74 -10.86 -1.12
CA ASP B 91 -34.63 -11.12 -2.55
C ASP B 91 -36.01 -11.29 -3.19
N SER B 92 -36.99 -11.77 -2.41
CA SER B 92 -38.33 -12.00 -2.91
C SER B 92 -39.23 -10.77 -2.97
N ILE B 93 -38.84 -9.67 -2.34
CA ILE B 93 -39.67 -8.47 -2.30
C ILE B 93 -39.05 -7.29 -3.06
N TRP B 94 -39.90 -6.36 -3.48
CA TRP B 94 -39.46 -5.11 -4.08
C TRP B 94 -38.79 -4.26 -3.02
N LYS B 95 -37.73 -3.55 -3.41
CA LYS B 95 -37.07 -2.61 -2.51
C LYS B 95 -36.38 -1.50 -3.30
N PRO B 96 -36.18 -0.32 -2.68
CA PRO B 96 -35.64 0.81 -3.41
C PRO B 96 -34.23 0.54 -3.88
N ASP B 97 -33.80 1.26 -4.91
CA ASP B 97 -32.47 1.07 -5.48
C ASP B 97 -31.47 2.16 -5.04
N LEU B 98 -31.54 2.49 -3.75
CA LEU B 98 -30.73 3.55 -3.17
C LEU B 98 -29.25 3.29 -3.40
N PHE B 99 -28.53 4.30 -3.84
CA PHE B 99 -27.09 4.23 -3.97
C PHE B 99 -26.47 5.51 -3.44
N PHE B 100 -25.19 5.46 -3.10
CA PHE B 100 -24.51 6.63 -2.54
C PHE B 100 -23.75 7.38 -3.63
N ALA B 101 -24.26 8.54 -3.99
CA ALA B 101 -23.84 9.24 -5.20
C ALA B 101 -22.38 9.67 -5.17
N ASN B 102 -21.86 9.92 -3.97
CA ASN B 102 -20.46 10.35 -3.82
C ASN B 102 -19.59 9.27 -3.19
N GLU B 103 -19.91 8.01 -3.47
CA GLU B 103 -19.18 6.87 -2.91
C GLU B 103 -18.06 6.44 -3.83
N LYS B 104 -16.86 6.34 -3.28
CA LYS B 104 -15.70 5.85 -4.02
C LYS B 104 -15.60 4.34 -3.89
N GLY B 105 -15.86 3.82 -2.69
CA GLY B 105 -15.93 2.38 -2.44
C GLY B 105 -17.04 2.05 -1.47
N ALA B 106 -17.71 0.94 -1.69
CA ALA B 106 -18.80 0.51 -0.81
C ALA B 106 -18.83 -0.99 -0.75
N ASN B 107 -19.17 -1.54 0.40
CA ASN B 107 -19.40 -2.98 0.49
C ASN B 107 -20.41 -3.38 1.55
N PHE B 108 -20.98 -4.56 1.35
CA PHE B 108 -21.86 -5.17 2.32
C PHE B 108 -21.01 -5.93 3.35
N HIS B 109 -21.66 -6.44 4.38
CA HIS B 109 -21.02 -7.26 5.39
C HIS B 109 -21.72 -8.60 5.44
N GLU B 110 -20.94 -9.67 5.33
CA GLU B 110 -21.48 -11.00 5.17
C GLU B 110 -21.02 -12.00 6.20
N VAL B 111 -20.23 -11.55 7.18
CA VAL B 111 -19.76 -12.42 8.25
C VAL B 111 -20.57 -12.14 9.52
N THR B 112 -21.14 -13.16 10.17
CA THR B 112 -21.09 -14.56 9.74
C THR B 112 -22.27 -14.93 8.82
N THR B 113 -23.26 -14.04 8.74
CA THR B 113 -24.31 -14.12 7.72
C THR B 113 -24.51 -12.70 7.20
N ASP B 114 -25.35 -12.53 6.19
CA ASP B 114 -25.59 -11.21 5.62
C ASP B 114 -26.09 -10.31 6.74
N ASN B 115 -25.43 -9.18 6.94
CA ASN B 115 -25.82 -8.21 7.98
C ASN B 115 -26.99 -7.40 7.48
N LYS B 116 -28.17 -8.02 7.48
CA LYS B 116 -29.40 -7.41 6.98
C LYS B 116 -30.56 -7.67 7.92
N LEU B 117 -31.57 -6.82 7.81
CA LEU B 117 -32.74 -6.88 8.68
C LEU B 117 -33.98 -6.63 7.85
N LEU B 118 -34.97 -7.52 7.98
CA LEU B 118 -36.26 -7.32 7.32
C LEU B 118 -37.37 -7.42 8.36
N ARG B 119 -38.24 -6.41 8.38
CA ARG B 119 -39.38 -6.40 9.28
C ARG B 119 -40.58 -5.81 8.54
N ILE B 120 -41.69 -6.54 8.52
CA ILE B 120 -42.92 -6.06 7.88
C ILE B 120 -44.01 -5.90 8.93
N PHE B 121 -44.92 -4.96 8.69
CA PHE B 121 -45.98 -4.64 9.63
C PHE B 121 -47.36 -5.02 9.07
N LYS B 122 -48.37 -5.06 9.94
CA LYS B 122 -49.76 -5.40 9.56
C LYS B 122 -50.22 -4.67 8.29
N ASN B 123 -49.97 -3.37 8.25
CA ASN B 123 -50.43 -2.53 7.15
C ASN B 123 -49.57 -2.59 5.89
N GLY B 124 -48.55 -3.45 5.87
CA GLY B 124 -47.68 -3.58 4.71
C GLY B 124 -46.44 -2.70 4.74
N ASN B 125 -46.24 -1.93 5.81
CA ASN B 125 -45.00 -1.18 5.97
C ASN B 125 -43.81 -2.12 6.07
N VAL B 126 -42.67 -1.66 5.57
CA VAL B 126 -41.45 -2.43 5.59
C VAL B 126 -40.37 -1.60 6.28
N LEU B 127 -39.58 -2.27 7.14
CA LEU B 127 -38.33 -1.74 7.65
C LEU B 127 -37.20 -2.61 7.13
N TYR B 128 -36.24 -1.98 6.46
CA TYR B 128 -35.12 -2.68 5.85
C TYR B 128 -33.84 -2.00 6.30
N SER B 129 -33.08 -2.68 7.15
CA SER B 129 -31.80 -2.18 7.61
C SER B 129 -30.68 -3.05 7.07
N ILE B 130 -29.65 -2.38 6.55
CA ILE B 130 -28.49 -3.08 5.99
C ILE B 130 -27.20 -2.39 6.42
N ARG B 131 -26.19 -3.18 6.76
CA ARG B 131 -24.93 -2.65 7.23
C ARG B 131 -23.96 -2.45 6.09
N LEU B 132 -23.36 -1.26 6.02
CA LEU B 132 -22.50 -0.89 4.91
C LEU B 132 -21.25 -0.17 5.38
N THR B 133 -20.12 -0.53 4.78
CA THR B 133 -18.92 0.28 4.86
C THR B 133 -18.85 1.11 3.59
N LEU B 134 -18.78 2.42 3.74
CA LEU B 134 -18.67 3.34 2.61
C LEU B 134 -17.41 4.20 2.74
N THR B 135 -16.72 4.39 1.63
CA THR B 135 -15.72 5.42 1.50
C THR B 135 -16.33 6.51 0.63
N LEU B 136 -16.47 7.70 1.18
CA LEU B 136 -17.20 8.78 0.52
C LEU B 136 -16.24 9.90 0.22
N SER B 137 -16.42 10.55 -0.92
CA SER B 137 -15.56 11.66 -1.29
C SER B 137 -15.98 12.91 -0.52
N CYS B 138 -14.98 13.63 -0.03
CA CYS B 138 -15.20 14.87 0.71
C CYS B 138 -14.14 15.86 0.25
N PRO B 139 -14.46 16.66 -0.77
CA PRO B 139 -13.60 17.75 -1.22
C PRO B 139 -13.33 18.72 -0.08
N MET B 140 -12.06 19.06 0.12
CA MET B 140 -11.67 19.83 1.29
C MET B 140 -11.09 21.17 0.91
N ASP B 141 -11.39 22.17 1.72
CA ASP B 141 -10.85 23.50 1.58
C ASP B 141 -9.77 23.68 2.64
N LEU B 142 -8.51 23.59 2.23
CA LEU B 142 -7.40 23.64 3.17
C LEU B 142 -6.82 25.04 3.39
N LYS B 143 -7.54 26.08 2.98
CA LYS B 143 -7.08 27.47 3.11
C LYS B 143 -6.65 27.83 4.54
N ASN B 144 -7.35 27.30 5.55
CA ASN B 144 -7.05 27.61 6.95
C ASN B 144 -6.36 26.48 7.74
N PHE B 145 -5.82 25.49 7.02
CA PHE B 145 -5.15 24.36 7.65
C PHE B 145 -3.95 24.86 8.45
N PRO B 146 -3.77 24.41 9.70
CA PRO B 146 -4.53 23.33 10.33
C PRO B 146 -5.61 23.81 11.29
N MET B 147 -6.11 25.03 11.09
CA MET B 147 -7.22 25.55 11.88
C MET B 147 -8.51 25.48 11.07
N ASP B 148 -8.54 24.55 10.12
CA ASP B 148 -9.66 24.43 9.19
C ASP B 148 -10.78 23.63 9.81
N VAL B 149 -11.93 23.72 9.16
CA VAL B 149 -13.09 22.91 9.50
C VAL B 149 -13.70 22.45 8.17
N GLN B 150 -13.85 21.13 8.02
CA GLN B 150 -14.35 20.58 6.77
C GLN B 150 -15.82 20.23 6.88
N THR B 151 -16.45 20.11 5.72
CA THR B 151 -17.85 19.71 5.62
C THR B 151 -17.92 18.52 4.68
N CYS B 152 -18.12 17.34 5.23
CA CYS B 152 -18.17 16.13 4.41
C CYS B 152 -19.60 15.66 4.28
N ILE B 153 -20.00 15.30 3.07
CA ILE B 153 -21.39 14.98 2.79
C ILE B 153 -21.59 13.49 2.48
N MET B 154 -22.86 13.12 2.34
CA MET B 154 -23.23 11.76 2.05
C MET B 154 -24.59 11.82 1.35
N GLN B 155 -24.60 11.46 0.07
CA GLN B 155 -25.80 11.59 -0.75
C GLN B 155 -26.47 10.25 -0.99
N LEU B 156 -27.74 10.15 -0.62
CA LEU B 156 -28.55 8.95 -0.86
C LEU B 156 -29.46 9.24 -2.07
N GLU B 157 -29.31 8.47 -3.13
CA GLU B 157 -29.92 8.76 -4.42
C GLU B 157 -30.52 7.50 -5.03
N SER B 158 -31.53 7.67 -5.88
CA SER B 158 -32.07 6.55 -6.65
C SER B 158 -31.38 6.52 -8.01
N PHE B 159 -31.00 5.33 -8.47
CA PHE B 159 -30.31 5.22 -9.73
C PHE B 159 -31.26 5.11 -10.92
N GLY B 160 -32.30 4.31 -10.79
CA GLY B 160 -33.19 3.97 -11.91
C GLY B 160 -34.58 4.58 -11.87
N TYR B 161 -35.06 4.91 -10.67
CA TYR B 161 -36.42 5.46 -10.49
C TYR B 161 -36.39 6.98 -10.51
N THR B 162 -37.22 7.57 -11.37
CA THR B 162 -37.37 9.03 -11.41
C THR B 162 -38.34 9.50 -10.33
N MET B 163 -38.37 10.81 -10.11
CA MET B 163 -39.17 11.45 -9.05
C MET B 163 -40.66 11.12 -9.08
N ASN B 164 -41.14 10.64 -10.23
CA ASN B 164 -42.55 10.25 -10.35
C ASN B 164 -42.82 8.81 -9.92
N ASP B 165 -41.77 8.02 -9.71
CA ASP B 165 -41.92 6.66 -9.22
C ASP B 165 -41.38 6.43 -7.79
N LEU B 166 -40.40 7.24 -7.37
CA LEU B 166 -39.72 7.01 -6.09
C LEU B 166 -39.18 8.29 -5.51
N ILE B 167 -39.43 8.50 -4.21
CA ILE B 167 -38.98 9.71 -3.50
C ILE B 167 -38.35 9.36 -2.15
N PHE B 168 -37.10 9.78 -1.94
CA PHE B 168 -36.44 9.64 -0.65
C PHE B 168 -36.65 10.88 0.21
N GLU B 169 -36.63 10.64 1.51
CA GLU B 169 -36.86 11.69 2.49
C GLU B 169 -36.22 11.24 3.80
N TRP B 170 -35.55 12.16 4.50
CA TRP B 170 -35.04 11.86 5.83
C TRP B 170 -36.20 11.70 6.79
N GLN B 171 -36.03 10.79 7.74
CA GLN B 171 -36.99 10.59 8.83
C GLN B 171 -37.20 11.89 9.61
N ASP B 172 -38.37 12.06 10.19
CA ASP B 172 -38.65 13.25 11.00
C ASP B 172 -37.88 13.22 12.31
N GLU B 173 -38.05 12.15 13.09
CA GLU B 173 -37.39 12.00 14.39
C GLU B 173 -36.06 11.24 14.29
N ALA B 174 -34.96 11.92 14.61
CA ALA B 174 -33.62 11.32 14.74
C ALA B 174 -33.15 10.56 13.50
N PRO B 175 -32.95 11.27 12.37
CA PRO B 175 -32.58 10.61 11.13
C PRO B 175 -31.14 10.09 11.13
N VAL B 176 -30.26 10.74 11.89
CA VAL B 176 -28.86 10.35 11.94
C VAL B 176 -28.45 10.12 13.38
N GLN B 177 -28.33 8.86 13.78
CA GLN B 177 -27.84 8.52 15.11
C GLN B 177 -26.34 8.22 15.03
N VAL B 178 -25.62 8.49 16.12
CA VAL B 178 -24.19 8.23 16.20
C VAL B 178 -23.91 7.35 17.40
N ALA B 179 -23.09 6.31 17.21
CA ALA B 179 -22.78 5.35 18.26
C ALA B 179 -22.22 6.04 19.50
N GLU B 180 -22.63 5.57 20.67
CA GLU B 180 -22.22 6.18 21.95
C GLU B 180 -20.72 6.07 22.13
N GLY B 181 -20.09 7.19 22.50
CA GLY B 181 -18.65 7.23 22.74
C GLY B 181 -17.77 7.20 21.51
N LEU B 182 -18.34 7.46 20.33
CA LEU B 182 -17.59 7.47 19.09
C LEU B 182 -16.76 8.73 19.02
N THR B 183 -15.44 8.59 18.88
CA THR B 183 -14.53 9.73 18.75
C THR B 183 -13.66 9.61 17.52
N LEU B 184 -13.13 10.75 17.09
CA LEU B 184 -12.17 10.83 16.00
C LEU B 184 -10.89 11.42 16.59
N PRO B 185 -9.71 10.93 16.16
CA PRO B 185 -8.47 11.40 16.80
C PRO B 185 -7.99 12.79 16.35
N GLN B 186 -8.27 13.14 15.08
CA GLN B 186 -7.83 14.39 14.48
C GLN B 186 -8.92 15.46 14.43
N PHE B 187 -10.18 15.04 14.45
CA PHE B 187 -11.31 15.95 14.31
C PHE B 187 -12.31 15.86 15.46
N LEU B 188 -13.16 16.88 15.56
CA LEU B 188 -14.35 16.85 16.41
C LEU B 188 -15.55 16.85 15.50
N LEU B 189 -16.39 15.83 15.62
CA LEU B 189 -17.61 15.73 14.82
C LEU B 189 -18.71 16.51 15.52
N LYS B 190 -19.18 17.58 14.88
CA LYS B 190 -20.16 18.46 15.51
C LYS B 190 -21.53 17.78 15.59
N GLU B 191 -22.23 18.06 16.68
CA GLU B 191 -23.51 17.45 16.98
C GLU B 191 -24.55 17.76 15.90
N GLU B 192 -24.56 18.99 15.38
CA GLU B 192 -25.52 19.39 14.36
C GLU B 192 -25.13 18.86 12.97
N LYS B 193 -25.98 17.99 12.43
CA LYS B 193 -25.88 17.57 11.02
C LYS B 193 -26.91 18.34 10.21
N ASP B 194 -26.50 18.86 9.05
CA ASP B 194 -27.43 19.52 8.15
C ASP B 194 -28.04 18.46 7.26
N LEU B 195 -29.34 18.54 7.05
CA LEU B 195 -30.01 17.69 6.07
C LEU B 195 -30.44 18.57 4.92
N ARG B 196 -30.37 18.05 3.70
CA ARG B 196 -30.77 18.81 2.53
C ARG B 196 -31.18 17.90 1.35
N TYR B 197 -31.58 18.52 0.23
CA TYR B 197 -31.90 17.80 -0.99
C TYR B 197 -30.83 18.04 -2.03
N CYS B 198 -30.44 16.98 -2.73
CA CYS B 198 -29.50 17.08 -3.83
C CYS B 198 -30.18 16.72 -5.14
N THR B 199 -31.51 16.83 -5.19
CA THR B 199 -32.30 16.37 -6.35
C THR B 199 -31.57 16.53 -7.68
N LYS B 200 -31.29 15.41 -8.34
CA LYS B 200 -30.43 15.39 -9.52
C LYS B 200 -31.23 15.48 -10.81
N HIS B 201 -30.74 16.28 -11.76
CA HIS B 201 -31.29 16.33 -13.12
C HIS B 201 -30.23 15.90 -14.13
N TYR B 202 -30.38 14.69 -14.65
CA TYR B 202 -29.49 14.17 -15.67
C TYR B 202 -30.22 14.15 -17.00
N ASN B 203 -29.52 13.82 -18.08
CA ASN B 203 -30.15 13.63 -19.37
C ASN B 203 -31.04 12.37 -19.41
N THR B 204 -30.98 11.54 -18.38
CA THR B 204 -31.82 10.37 -18.26
C THR B 204 -33.08 10.67 -17.44
N GLY B 205 -33.11 11.84 -16.81
CA GLY B 205 -34.28 12.25 -16.05
C GLY B 205 -33.96 12.97 -14.76
N LYS B 206 -34.97 13.12 -13.92
CA LYS B 206 -34.89 13.81 -12.65
C LYS B 206 -34.96 12.76 -11.54
N PHE B 207 -33.96 12.75 -10.66
CA PHE B 207 -33.82 11.68 -9.67
C PHE B 207 -33.74 12.17 -8.23
N THR B 208 -34.47 11.51 -7.35
CA THR B 208 -34.49 11.87 -5.94
C THR B 208 -33.13 11.67 -5.32
N CYS B 209 -32.79 12.56 -4.40
CA CYS B 209 -31.49 12.55 -3.76
C CYS B 209 -31.62 13.39 -2.49
N ILE B 210 -31.24 12.78 -1.36
CA ILE B 210 -31.20 13.48 -0.08
C ILE B 210 -29.79 13.40 0.44
N GLU B 211 -29.41 14.36 1.26
CA GLU B 211 -28.02 14.62 1.60
C GLU B 211 -27.90 14.85 3.09
N VAL B 212 -26.78 14.47 3.69
CA VAL B 212 -26.49 14.85 5.08
C VAL B 212 -25.08 15.40 5.13
N ARG B 213 -24.90 16.50 5.85
CA ARG B 213 -23.59 17.12 5.97
C ARG B 213 -23.08 17.01 7.39
N PHE B 214 -21.90 16.43 7.55
CA PHE B 214 -21.22 16.37 8.83
C PHE B 214 -20.19 17.49 8.87
N HIS B 215 -20.06 18.18 10.00
CA HIS B 215 -19.04 19.22 10.15
C HIS B 215 -17.89 18.72 11.03
N LEU B 216 -16.68 18.78 10.48
CA LEU B 216 -15.50 18.23 11.16
C LEU B 216 -14.50 19.34 11.48
N GLU B 217 -14.42 19.69 12.76
CA GLU B 217 -13.50 20.71 13.23
C GLU B 217 -12.18 20.04 13.57
N ARG B 218 -11.11 20.45 12.90
CA ARG B 218 -9.79 19.85 13.13
C ARG B 218 -9.29 20.24 14.51
N GLN B 219 -8.80 19.26 15.27
CA GLN B 219 -8.26 19.52 16.60
C GLN B 219 -6.88 20.14 16.49
N MET B 220 -6.69 21.24 17.21
CA MET B 220 -5.52 22.09 17.09
C MET B 220 -4.31 21.58 17.90
N GLY B 221 -4.57 20.81 18.94
CA GLY B 221 -3.53 20.41 19.90
C GLY B 221 -2.30 19.74 19.31
N TYR B 222 -2.53 18.83 18.37
CA TYR B 222 -1.43 18.13 17.72
C TYR B 222 -0.45 19.08 17.05
N TYR B 223 -0.99 20.13 16.43
CA TYR B 223 -0.18 21.06 15.64
C TYR B 223 0.62 22.04 16.49
N LEU B 224 0.16 22.34 17.70
CA LEU B 224 0.94 23.14 18.64
C LEU B 224 2.23 22.41 18.96
N ILE B 225 2.12 21.11 19.24
CA ILE B 225 3.26 20.32 19.68
C ILE B 225 4.20 19.93 18.53
N GLN B 226 3.66 19.59 17.37
CA GLN B 226 4.48 19.03 16.31
C GLN B 226 4.78 20.00 15.16
N MET B 227 4.21 21.20 15.20
CA MET B 227 4.41 22.16 14.11
C MET B 227 4.75 23.58 14.58
N TYR B 228 3.92 24.13 15.46
CA TYR B 228 4.07 25.52 15.90
C TYR B 228 5.17 25.70 16.96
N ILE B 229 5.23 24.84 17.95
CA ILE B 229 6.29 24.94 18.96
C ILE B 229 7.70 24.64 18.41
N PRO B 230 7.86 23.55 17.64
CA PRO B 230 9.20 23.32 17.09
C PRO B 230 9.68 24.39 16.09
N SER B 231 8.76 25.10 15.45
CA SER B 231 9.14 26.24 14.61
C SER B 231 9.53 27.45 15.47
N LEU B 232 8.88 27.56 16.63
CA LEU B 232 9.23 28.57 17.63
C LEU B 232 10.64 28.38 18.14
N LEU B 233 11.04 27.10 18.31
CA LEU B 233 12.41 26.76 18.67
C LEU B 233 13.41 27.33 17.70
N ILE B 234 13.22 27.05 16.42
CA ILE B 234 14.19 27.40 15.39
C ILE B 234 14.33 28.91 15.28
N VAL B 235 13.23 29.64 15.50
CA VAL B 235 13.27 31.09 15.49
C VAL B 235 14.04 31.62 16.72
N ILE B 236 13.71 31.09 17.90
CA ILE B 236 14.42 31.47 19.14
C ILE B 236 15.91 31.09 19.07
N LEU B 237 16.19 29.91 18.54
CA LEU B 237 17.57 29.45 18.34
C LEU B 237 18.32 30.44 17.46
N SER B 238 17.66 30.93 16.41
CA SER B 238 18.28 31.87 15.48
C SER B 238 18.76 33.14 16.18
N TRP B 239 18.09 33.52 17.27
CA TRP B 239 18.42 34.74 17.98
C TRP B 239 19.68 34.68 18.84
N VAL B 240 20.15 33.49 19.19
CA VAL B 240 21.34 33.39 20.05
C VAL B 240 22.56 33.93 19.33
N SER B 241 22.53 33.91 18.00
CA SER B 241 23.56 34.54 17.17
C SER B 241 23.82 35.99 17.60
N PHE B 242 22.77 36.72 18.00
CA PHE B 242 22.91 38.13 18.37
C PHE B 242 23.71 38.35 19.66
N TRP B 243 23.83 37.32 20.49
CA TRP B 243 24.66 37.38 21.70
C TRP B 243 26.04 36.78 21.50
N ILE B 244 26.33 36.29 20.30
CA ILE B 244 27.64 35.72 19.96
C ILE B 244 28.54 36.84 19.45
N ASN B 245 29.84 36.69 19.70
CA ASN B 245 30.85 37.65 19.29
C ASN B 245 30.85 37.85 17.77
N MET B 246 30.82 39.11 17.34
CA MET B 246 30.82 39.42 15.90
C MET B 246 32.07 38.93 15.17
N ASP B 247 33.16 38.71 15.90
CA ASP B 247 34.40 38.17 15.33
C ASP B 247 34.30 36.68 14.98
N ALA B 248 33.38 35.96 15.62
CA ALA B 248 33.20 34.53 15.36
C ALA B 248 32.25 34.29 14.19
N ALA B 249 32.73 34.58 12.99
CA ALA B 249 31.94 34.43 11.77
C ALA B 249 31.48 32.99 11.52
N PRO B 250 32.41 32.02 11.61
CA PRO B 250 31.98 30.64 11.36
C PRO B 250 30.88 30.14 12.29
N ALA B 251 30.87 30.62 13.54
CA ALA B 251 29.86 30.26 14.51
C ALA B 251 28.53 30.91 14.18
N ARG B 252 28.55 32.21 13.87
CA ARG B 252 27.31 32.95 13.60
C ARG B 252 26.69 32.62 12.25
N VAL B 253 27.52 32.29 11.26
CA VAL B 253 27.02 31.81 9.96
C VAL B 253 26.48 30.39 10.11
N ALA B 254 27.20 29.56 10.88
CA ALA B 254 26.73 28.20 11.17
C ALA B 254 25.31 28.21 11.74
N LEU B 255 25.08 29.05 12.74
CA LEU B 255 23.76 29.20 13.35
C LEU B 255 22.74 29.66 12.32
N GLY B 256 23.10 30.65 11.52
CA GLY B 256 22.21 31.21 10.51
C GLY B 256 21.79 30.22 9.44
N ILE B 257 22.75 29.49 8.89
CA ILE B 257 22.46 28.48 7.88
C ILE B 257 21.57 27.42 8.48
N THR B 258 22.04 26.76 9.54
CA THR B 258 21.36 25.58 10.09
C THR B 258 19.95 25.87 10.59
N THR B 259 19.68 27.10 11.03
CA THR B 259 18.31 27.47 11.37
C THR B 259 17.44 27.63 10.13
N VAL B 260 17.98 28.29 9.08
CA VAL B 260 17.26 28.41 7.82
C VAL B 260 16.94 27.02 7.25
N LEU B 261 17.95 26.16 7.20
CA LEU B 261 17.77 24.83 6.63
C LEU B 261 16.86 23.96 7.47
N THR B 262 16.99 24.02 8.79
CA THR B 262 16.06 23.30 9.67
C THR B 262 14.64 23.79 9.42
N MET B 263 14.50 25.10 9.24
CA MET B 263 13.20 25.72 9.02
C MET B 263 12.59 25.31 7.68
N THR B 264 13.42 25.08 6.66
CA THR B 264 12.92 24.64 5.36
C THR B 264 12.49 23.17 5.37
N THR B 265 13.25 22.31 6.06
CA THR B 265 12.89 20.89 6.14
C THR B 265 11.68 20.68 7.05
N GLN B 266 11.56 21.52 8.06
CA GLN B 266 10.37 21.61 8.88
C GLN B 266 9.15 21.93 8.01
N SER B 267 9.31 22.94 7.16
CA SER B 267 8.24 23.44 6.31
C SER B 267 7.77 22.41 5.29
N SER B 268 8.71 21.77 4.62
CA SER B 268 8.37 20.76 3.61
C SER B 268 8.00 19.42 4.24
N GLY B 269 8.44 19.18 5.46
CA GLY B 269 7.99 18.02 6.23
C GLY B 269 6.49 18.02 6.45
N SER B 270 5.95 19.19 6.82
CA SER B 270 4.51 19.35 7.06
C SER B 270 3.66 19.31 5.77
N ARG B 271 4.22 19.80 4.65
CA ARG B 271 3.54 19.77 3.35
C ARG B 271 3.42 18.35 2.76
N ALA B 272 4.16 17.40 3.33
CA ALA B 272 4.20 16.02 2.82
C ALA B 272 2.93 15.23 3.10
N SER B 273 2.21 15.64 4.14
CA SER B 273 0.98 14.95 4.56
C SER B 273 -0.30 15.43 3.86
N LEU B 274 -0.16 16.39 2.94
CA LEU B 274 -1.30 17.07 2.31
C LEU B 274 -1.34 16.83 0.81
N PRO B 275 -2.49 17.09 0.17
CA PRO B 275 -2.53 17.07 -1.29
C PRO B 275 -1.79 18.27 -1.88
N LYS B 276 -1.54 18.23 -3.18
CA LYS B 276 -0.78 19.27 -3.84
C LYS B 276 -1.72 20.34 -4.39
N VAL B 277 -2.38 21.01 -3.46
CA VAL B 277 -3.24 22.15 -3.81
C VAL B 277 -2.41 23.35 -4.21
N SER B 278 -2.97 24.19 -5.07
CA SER B 278 -2.29 25.35 -5.62
C SER B 278 -2.83 26.66 -5.03
N TYR B 279 -3.13 26.68 -3.72
CA TYR B 279 -3.51 27.91 -3.03
C TYR B 279 -2.77 28.05 -1.71
N VAL B 280 -2.71 29.27 -1.20
CA VAL B 280 -1.96 29.53 0.03
C VAL B 280 -2.78 29.09 1.23
N LYS B 281 -2.20 28.24 2.07
CA LYS B 281 -2.84 27.77 3.29
C LYS B 281 -2.31 28.59 4.45
N ALA B 282 -2.93 28.45 5.61
CA ALA B 282 -2.49 29.18 6.81
C ALA B 282 -1.11 28.73 7.28
N ILE B 283 -0.86 27.43 7.21
CA ILE B 283 0.45 26.88 7.56
C ILE B 283 1.57 27.42 6.66
N ASP B 284 1.25 27.75 5.41
CA ASP B 284 2.25 28.31 4.49
C ASP B 284 2.67 29.70 4.93
N ILE B 285 1.73 30.49 5.43
CA ILE B 285 2.00 31.86 5.88
C ILE B 285 2.92 31.82 7.09
N TRP B 286 2.59 30.94 8.03
CA TRP B 286 3.38 30.78 9.24
C TRP B 286 4.81 30.37 8.92
N MET B 287 4.96 29.32 8.13
CA MET B 287 6.29 28.84 7.75
C MET B 287 7.05 29.89 6.97
N ALA B 288 6.34 30.67 6.16
CA ALA B 288 6.96 31.74 5.39
C ALA B 288 7.52 32.83 6.30
N VAL B 289 6.72 33.27 7.25
CA VAL B 289 7.14 34.34 8.16
C VAL B 289 8.24 33.84 9.10
N CYS B 290 8.08 32.64 9.67
CA CYS B 290 9.16 32.05 10.47
C CYS B 290 10.47 32.01 9.69
N LEU B 291 10.40 31.62 8.44
CA LEU B 291 11.57 31.51 7.58
C LEU B 291 12.14 32.89 7.24
N LEU B 292 11.25 33.88 7.20
CA LEU B 292 11.66 35.27 7.00
C LEU B 292 12.49 35.78 8.18
N PHE B 293 11.99 35.52 9.39
CA PHE B 293 12.69 35.90 10.63
C PHE B 293 14.04 35.21 10.80
N VAL B 294 14.11 33.95 10.38
CA VAL B 294 15.32 33.14 10.48
C VAL B 294 16.34 33.57 9.41
N PHE B 295 15.82 33.95 8.24
CA PHE B 295 16.65 34.41 7.12
C PHE B 295 17.15 35.83 7.35
N SER B 296 16.30 36.67 7.94
CA SER B 296 16.67 38.04 8.27
C SER B 296 17.81 38.09 9.27
N ALA B 297 17.80 37.14 10.21
CA ALA B 297 18.85 37.03 11.23
C ALA B 297 20.23 36.73 10.62
N LEU B 298 20.26 35.93 9.57
CA LEU B 298 21.51 35.65 8.84
C LEU B 298 21.95 36.89 8.09
N LEU B 299 21.03 37.53 7.38
CA LEU B 299 21.30 38.81 6.71
C LEU B 299 21.75 39.84 7.71
N GLU B 300 21.21 39.79 8.94
CA GLU B 300 21.66 40.69 9.99
C GLU B 300 23.16 40.54 10.24
N TYR B 301 23.66 39.31 10.34
CA TYR B 301 25.10 39.13 10.56
C TYR B 301 25.91 39.53 9.33
N ALA B 302 25.44 39.17 8.15
CA ALA B 302 26.09 39.61 6.92
C ALA B 302 26.30 41.12 6.95
N ALA B 303 25.30 41.85 7.43
CA ALA B 303 25.40 43.30 7.61
C ALA B 303 26.44 43.63 8.69
N VAL B 304 26.33 43.00 9.85
CA VAL B 304 27.27 43.21 10.96
C VAL B 304 28.70 42.96 10.50
N ASN B 305 28.92 41.82 9.84
CA ASN B 305 30.24 41.46 9.33
C ASN B 305 30.76 42.47 8.31
N PHE B 306 29.87 42.92 7.43
CA PHE B 306 30.25 43.81 6.33
C PHE B 306 30.57 45.24 6.75
N VAL B 307 29.78 45.80 7.67
CA VAL B 307 30.01 47.18 8.08
C VAL B 307 31.26 47.32 8.95
N SER B 308 31.67 46.21 9.57
CA SER B 308 32.85 46.21 10.44
C SER B 308 34.14 45.70 9.76
N ARG B 309 34.19 45.71 8.43
CA ARG B 309 35.38 45.22 7.68
C ARG B 309 36.67 45.87 8.16
N ALA B 310 36.76 47.19 7.99
CA ALA B 310 37.86 47.95 8.57
C ALA B 310 37.71 47.88 10.08
N GLY B 311 38.77 47.51 10.79
CA GLY B 311 38.69 47.25 12.23
C GLY B 311 38.65 48.48 13.12
N THR B 312 38.14 49.60 12.60
CA THR B 312 38.16 50.89 13.29
C THR B 312 36.95 51.07 14.21
N LYS B 313 37.14 51.76 15.33
CA LYS B 313 36.11 51.90 16.37
C LYS B 313 34.77 52.43 15.86
N VAL B 314 34.80 53.43 14.98
CA VAL B 314 33.55 54.03 14.46
C VAL B 314 32.68 53.00 13.73
N PHE B 315 33.33 52.09 12.99
CA PHE B 315 32.64 51.04 12.24
C PHE B 315 32.29 49.85 13.14
N ILE B 316 33.19 49.51 14.05
CA ILE B 316 32.93 48.45 15.04
C ILE B 316 31.72 48.83 15.92
N ASP B 317 31.65 50.10 16.30
CA ASP B 317 30.52 50.61 17.08
C ASP B 317 29.21 50.55 16.31
N ARG B 318 29.26 50.88 15.02
CA ARG B 318 28.07 50.82 14.14
C ARG B 318 27.54 49.39 14.02
N ALA B 319 28.45 48.42 13.89
CA ALA B 319 28.08 47.00 13.85
C ALA B 319 27.48 46.53 15.18
N LYS B 320 28.09 46.95 16.29
CA LYS B 320 27.61 46.60 17.63
C LYS B 320 26.18 47.09 17.87
N LYS B 321 25.85 48.29 17.34
CA LYS B 321 24.49 48.84 17.46
C LYS B 321 23.46 48.00 16.69
N ILE B 322 23.86 47.44 15.55
CA ILE B 322 22.98 46.56 14.78
C ILE B 322 22.61 45.34 15.63
N ASP B 323 23.58 44.77 16.34
CA ASP B 323 23.32 43.62 17.24
C ASP B 323 22.42 43.98 18.42
N THR B 324 22.69 45.10 19.09
CA THR B 324 21.91 45.45 20.29
C THR B 324 20.47 45.81 19.94
N ILE B 325 20.26 46.49 18.81
CA ILE B 325 18.91 46.73 18.30
C ILE B 325 18.22 45.41 17.96
N SER B 326 18.96 44.49 17.32
CA SER B 326 18.42 43.19 16.92
C SER B 326 17.91 42.36 18.10
N ARG B 327 18.64 42.37 19.22
CA ARG B 327 18.24 41.61 20.41
C ARG B 327 16.85 41.99 20.93
N ALA B 328 16.48 43.26 20.78
CA ALA B 328 15.16 43.74 21.20
C ALA B 328 14.14 43.59 20.07
N CYS B 329 14.48 44.08 18.88
CA CYS B 329 13.52 44.17 17.78
C CYS B 329 13.08 42.83 17.21
N PHE B 330 14.01 41.89 17.08
CA PHE B 330 13.67 40.59 16.48
C PHE B 330 12.59 39.86 17.30
N PRO B 331 12.81 39.66 18.62
CA PRO B 331 11.75 39.07 19.43
C PRO B 331 10.48 39.90 19.49
N LEU B 332 10.63 41.21 19.66
CA LEU B 332 9.48 42.10 19.71
C LEU B 332 8.63 42.01 18.44
N ALA B 333 9.29 42.02 17.28
CA ALA B 333 8.61 41.92 15.99
C ALA B 333 7.94 40.56 15.82
N PHE B 334 8.63 39.50 16.26
CA PHE B 334 8.09 38.15 16.19
C PHE B 334 6.89 37.97 17.12
N LEU B 335 6.92 38.63 18.26
CA LEU B 335 5.77 38.64 19.19
C LEU B 335 4.57 39.35 18.56
N ILE B 336 4.81 40.50 17.94
CA ILE B 336 3.77 41.24 17.23
C ILE B 336 3.16 40.40 16.11
N PHE B 337 4.00 39.69 15.37
CA PHE B 337 3.50 38.81 14.31
C PHE B 337 2.56 37.75 14.86
N ASN B 338 2.96 37.10 15.95
CA ASN B 338 2.12 36.09 16.62
C ASN B 338 0.75 36.63 17.06
N ILE B 339 0.75 37.84 17.63
CA ILE B 339 -0.51 38.48 17.99
C ILE B 339 -1.41 38.56 16.74
N PHE B 340 -0.90 39.16 15.66
CA PHE B 340 -1.65 39.30 14.41
C PHE B 340 -2.12 37.95 13.86
N TYR B 341 -1.21 37.01 13.72
CA TYR B 341 -1.51 35.69 13.15
C TYR B 341 -2.61 34.97 13.90
N TRP B 342 -2.44 34.83 15.22
CA TRP B 342 -3.40 34.10 16.04
C TRP B 342 -4.76 34.81 16.11
N VAL B 343 -4.75 36.14 16.25
CA VAL B 343 -5.99 36.93 16.24
C VAL B 343 -6.77 36.74 14.94
N ILE B 344 -6.08 36.81 13.80
CA ILE B 344 -6.72 36.67 12.48
C ILE B 344 -7.43 35.32 12.31
N TYR B 345 -6.69 34.23 12.54
CA TYR B 345 -7.22 32.88 12.30
C TYR B 345 -8.11 32.37 13.44
N LYS B 346 -7.72 32.63 14.68
CA LYS B 346 -8.57 32.30 15.83
C LYS B 346 -9.49 33.48 16.19
N ILE B 347 -9.93 34.23 15.18
CA ILE B 347 -11.15 35.06 15.21
C ILE B 347 -11.89 34.88 13.87
N LEU B 348 -11.29 35.36 12.78
CA LEU B 348 -11.87 35.22 11.42
C LEU B 348 -11.06 34.25 10.53
N MET C 8 -53.16 -5.07 -19.79
CA MET C 8 -52.29 -6.27 -19.53
C MET C 8 -51.42 -6.05 -18.28
N SER C 9 -51.31 -7.08 -17.43
CA SER C 9 -50.50 -6.98 -16.21
C SER C 9 -49.02 -6.93 -16.57
N PRO C 10 -48.22 -6.15 -15.82
CA PRO C 10 -46.80 -6.02 -16.12
C PRO C 10 -46.08 -7.37 -16.17
N SER C 11 -46.41 -8.27 -15.25
CA SER C 11 -45.76 -9.58 -15.18
C SER C 11 -45.95 -10.36 -16.48
N ASP C 12 -47.17 -10.34 -17.03
CA ASP C 12 -47.45 -11.00 -18.30
C ASP C 12 -46.79 -10.29 -19.48
N PHE C 13 -46.76 -8.96 -19.46
CA PHE C 13 -46.13 -8.19 -20.53
C PHE C 13 -44.63 -8.49 -20.64
N LEU C 14 -43.94 -8.52 -19.51
CA LEU C 14 -42.53 -8.87 -19.48
C LEU C 14 -42.30 -10.32 -19.91
N ASP C 15 -43.26 -11.18 -19.60
CA ASP C 15 -43.21 -12.58 -19.98
C ASP C 15 -43.36 -12.75 -21.50
N LYS C 16 -44.23 -11.96 -22.10
CA LYS C 16 -44.49 -12.03 -23.55
C LYS C 16 -43.43 -11.30 -24.37
N LEU C 17 -42.76 -10.32 -23.78
CA LEU C 17 -41.79 -9.48 -24.50
C LEU C 17 -40.39 -10.07 -24.52
N MET C 18 -39.92 -10.51 -23.35
CA MET C 18 -38.56 -11.06 -23.19
C MET C 18 -38.45 -12.27 -22.25
N GLY C 19 -39.57 -12.80 -21.76
CA GLY C 19 -39.54 -13.89 -20.79
C GLY C 19 -39.79 -15.25 -21.42
N ARG C 20 -40.32 -16.17 -20.62
CA ARG C 20 -40.59 -17.56 -21.06
C ARG C 20 -41.37 -17.63 -22.38
N THR C 21 -42.57 -17.05 -22.40
CA THR C 21 -43.43 -17.14 -23.56
C THR C 21 -43.05 -16.25 -24.75
N SER C 22 -41.97 -15.47 -24.61
CA SER C 22 -41.59 -14.48 -25.62
C SER C 22 -40.85 -15.06 -26.81
N GLY C 23 -40.06 -16.11 -26.55
CA GLY C 23 -39.20 -16.69 -27.57
C GLY C 23 -38.04 -15.78 -27.95
N TYR C 24 -37.74 -14.80 -27.09
CA TYR C 24 -36.63 -13.87 -27.28
C TYR C 24 -35.34 -14.60 -26.94
N ASP C 25 -34.31 -14.39 -27.73
CA ASP C 25 -33.00 -14.99 -27.47
C ASP C 25 -31.95 -13.89 -27.38
N ALA C 26 -31.44 -13.66 -26.17
CA ALA C 26 -30.45 -12.61 -25.94
C ALA C 26 -29.08 -12.93 -26.56
N ARG C 27 -28.90 -14.13 -27.08
CA ARG C 27 -27.67 -14.50 -27.77
C ARG C 27 -27.67 -14.02 -29.23
N ILE C 28 -28.78 -13.43 -29.66
CA ILE C 28 -28.93 -12.93 -31.02
C ILE C 28 -29.11 -11.43 -30.98
N ARG C 29 -28.32 -10.72 -31.78
CA ARG C 29 -28.38 -9.26 -31.83
C ARG C 29 -29.60 -8.79 -32.61
N PRO C 30 -29.95 -7.51 -32.45
CA PRO C 30 -30.99 -6.88 -33.27
C PRO C 30 -30.64 -6.92 -34.76
N ASN C 31 -31.60 -7.32 -35.61
CA ASN C 31 -31.40 -7.40 -37.05
C ASN C 31 -30.17 -8.21 -37.42
N PHE C 32 -30.09 -9.44 -36.93
CA PHE C 32 -28.82 -10.18 -37.00
C PHE C 32 -28.42 -10.56 -38.43
N LYS C 33 -29.39 -10.72 -39.31
CA LYS C 33 -29.08 -10.91 -40.74
C LYS C 33 -28.88 -9.59 -41.49
N GLY C 34 -29.22 -8.48 -40.83
CA GLY C 34 -29.14 -7.15 -41.44
C GLY C 34 -27.86 -6.41 -41.13
N PRO C 35 -27.90 -5.06 -41.21
CA PRO C 35 -26.73 -4.22 -40.98
C PRO C 35 -26.33 -4.19 -39.51
N PRO C 36 -25.14 -3.64 -39.20
CA PRO C 36 -24.66 -3.62 -37.84
C PRO C 36 -25.57 -2.84 -36.89
N VAL C 37 -25.57 -3.22 -35.61
CA VAL C 37 -26.32 -2.50 -34.59
C VAL C 37 -25.61 -1.18 -34.33
N GLN C 38 -26.33 -0.08 -34.48
CA GLN C 38 -25.81 1.25 -34.24
C GLN C 38 -26.05 1.61 -32.79
N VAL C 39 -24.99 1.64 -32.01
CA VAL C 39 -25.06 2.00 -30.61
C VAL C 39 -24.60 3.45 -30.48
N THR C 40 -25.23 4.18 -29.57
CA THR C 40 -24.94 5.57 -29.32
C THR C 40 -24.58 5.76 -27.85
N CYS C 41 -23.33 6.13 -27.59
CA CYS C 41 -22.82 6.23 -26.24
C CYS C 41 -22.77 7.67 -25.76
N ASN C 42 -22.95 7.85 -24.46
CA ASN C 42 -22.63 9.11 -23.79
C ASN C 42 -22.27 8.83 -22.33
N ILE C 43 -21.39 9.64 -21.76
CA ILE C 43 -20.96 9.43 -20.38
C ILE C 43 -21.24 10.67 -19.52
N PHE C 44 -21.67 10.44 -18.29
CA PHE C 44 -21.71 11.47 -17.29
C PHE C 44 -20.52 11.18 -16.37
N ILE C 45 -19.67 12.19 -16.15
CA ILE C 45 -18.49 12.03 -15.31
C ILE C 45 -18.79 12.51 -13.90
N ASN C 46 -19.05 11.55 -13.02
CA ASN C 46 -19.45 11.79 -11.64
C ASN C 46 -18.26 12.18 -10.77
N SER C 47 -17.08 11.67 -11.10
CA SER C 47 -15.84 12.07 -10.43
C SER C 47 -14.64 11.76 -11.33
N PHE C 48 -13.54 12.45 -11.06
CA PHE C 48 -12.36 12.41 -11.92
C PHE C 48 -11.17 12.76 -11.04
N GLY C 49 -10.23 11.84 -10.90
CA GLY C 49 -9.12 12.06 -9.97
C GLY C 49 -8.06 10.98 -9.97
N SER C 50 -7.32 10.91 -8.87
CA SER C 50 -6.24 9.95 -8.73
C SER C 50 -5.35 9.96 -9.97
N ILE C 51 -5.00 11.14 -10.44
CA ILE C 51 -4.14 11.28 -11.61
C ILE C 51 -2.69 11.06 -11.18
N ALA C 52 -2.18 9.86 -11.44
CA ALA C 52 -0.87 9.46 -10.97
C ALA C 52 0.18 9.50 -12.08
N GLU C 53 1.29 10.18 -11.82
CA GLU C 53 2.41 10.23 -12.75
C GLU C 53 3.24 8.95 -12.68
N THR C 54 3.40 8.41 -11.48
CA THR C 54 4.27 7.25 -11.26
C THR C 54 3.72 5.99 -11.93
N THR C 55 2.45 5.70 -11.65
CA THR C 55 1.75 4.56 -12.22
C THR C 55 1.21 4.90 -13.60
N MET C 56 1.12 6.21 -13.90
CA MET C 56 0.81 6.71 -15.24
C MET C 56 -0.63 6.36 -15.65
N ASP C 57 -1.58 6.76 -14.82
CA ASP C 57 -2.99 6.44 -15.00
C ASP C 57 -3.87 7.41 -14.23
N TYR C 58 -5.19 7.28 -14.38
CA TYR C 58 -6.16 8.13 -13.68
C TYR C 58 -7.44 7.36 -13.44
N ARG C 59 -8.32 7.92 -12.60
CA ARG C 59 -9.52 7.23 -12.17
C ARG C 59 -10.78 8.07 -12.39
N VAL C 60 -11.84 7.42 -12.85
CA VAL C 60 -13.11 8.09 -13.06
C VAL C 60 -14.25 7.23 -12.53
N ASN C 61 -15.30 7.91 -12.06
CA ASN C 61 -16.57 7.28 -11.75
C ASN C 61 -17.56 7.86 -12.76
N ILE C 62 -18.15 7.01 -13.60
CA ILE C 62 -19.01 7.47 -14.68
C ILE C 62 -20.36 6.77 -14.68
N PHE C 63 -21.34 7.40 -15.31
CA PHE C 63 -22.54 6.70 -15.76
C PHE C 63 -22.38 6.51 -17.25
N LEU C 64 -22.31 5.27 -17.70
CA LEU C 64 -22.18 4.93 -19.12
C LEU C 64 -23.56 4.67 -19.68
N ARG C 65 -23.96 5.51 -20.64
CA ARG C 65 -25.26 5.36 -21.31
C ARG C 65 -25.05 4.79 -22.69
N GLN C 66 -25.82 3.76 -23.02
CA GLN C 66 -25.81 3.16 -24.35
C GLN C 66 -27.22 3.13 -24.91
N LYS C 67 -27.35 3.45 -26.19
CA LYS C 67 -28.65 3.50 -26.84
C LYS C 67 -28.60 2.75 -28.15
N TRP C 68 -29.57 1.89 -28.36
CA TRP C 68 -29.66 1.12 -29.60
C TRP C 68 -31.08 0.68 -29.77
N ASN C 69 -31.43 0.24 -30.98
CA ASN C 69 -32.79 -0.22 -31.27
C ASN C 69 -32.88 -1.73 -31.37
N ASP C 70 -33.83 -2.29 -30.64
CA ASP C 70 -34.11 -3.70 -30.71
C ASP C 70 -35.56 -3.88 -31.09
N PRO C 71 -35.85 -4.09 -32.39
CA PRO C 71 -37.25 -4.22 -32.81
C PRO C 71 -38.05 -5.30 -32.05
N ARG C 72 -37.37 -6.30 -31.50
CA ARG C 72 -38.03 -7.31 -30.67
C ARG C 72 -38.68 -6.72 -29.41
N LEU C 73 -38.17 -5.59 -28.92
CA LEU C 73 -38.66 -4.99 -27.68
C LEU C 73 -39.64 -3.86 -27.92
N ALA C 74 -40.03 -3.64 -29.18
CA ALA C 74 -41.08 -2.69 -29.49
C ALA C 74 -42.38 -3.21 -28.88
N TYR C 75 -43.23 -2.29 -28.42
CA TYR C 75 -44.51 -2.65 -27.79
C TYR C 75 -45.63 -1.67 -28.17
N SER C 76 -46.85 -2.20 -28.14
CA SER C 76 -48.06 -1.39 -28.34
C SER C 76 -49.06 -1.50 -27.16
N GLU C 77 -48.82 -2.43 -26.24
CA GLU C 77 -49.78 -2.75 -25.18
C GLU C 77 -50.06 -1.58 -24.24
N TYR C 78 -49.13 -0.64 -24.15
CA TYR C 78 -49.30 0.54 -23.32
C TYR C 78 -49.11 1.80 -24.14
N PRO C 79 -49.83 2.87 -23.81
CA PRO C 79 -49.70 4.14 -24.50
C PRO C 79 -48.45 4.92 -24.10
N ASP C 80 -47.78 4.46 -23.03
CA ASP C 80 -46.61 5.12 -22.50
C ASP C 80 -45.51 5.11 -23.57
N ASP C 81 -44.88 6.26 -23.78
CA ASP C 81 -43.75 6.40 -24.73
C ASP C 81 -42.54 5.54 -24.32
N SER C 82 -42.30 5.45 -23.01
CA SER C 82 -41.25 4.57 -22.50
C SER C 82 -41.68 3.84 -21.23
N LEU C 83 -41.04 2.71 -20.97
CA LEU C 83 -41.25 1.95 -19.74
C LEU C 83 -39.92 1.86 -19.00
N ASP C 84 -39.90 2.29 -17.74
CA ASP C 84 -38.74 2.12 -16.88
C ASP C 84 -38.79 0.73 -16.26
N LEU C 85 -37.87 -0.15 -16.68
CA LEU C 85 -37.87 -1.55 -16.22
C LEU C 85 -36.85 -1.85 -15.12
N ASP C 86 -37.15 -2.89 -14.35
CA ASP C 86 -36.27 -3.37 -13.29
C ASP C 86 -34.99 -3.95 -13.90
N PRO C 87 -33.81 -3.51 -13.40
CA PRO C 87 -32.54 -3.93 -14.00
C PRO C 87 -32.30 -5.44 -14.09
N SER C 88 -33.04 -6.23 -13.30
CA SER C 88 -32.94 -7.70 -13.41
C SER C 88 -33.26 -8.17 -14.83
N MET C 89 -34.08 -7.41 -15.53
CA MET C 89 -34.42 -7.73 -16.91
C MET C 89 -33.28 -7.50 -17.91
N LEU C 90 -32.21 -6.82 -17.50
CA LEU C 90 -31.04 -6.64 -18.38
C LEU C 90 -30.41 -7.97 -18.74
N ASP C 91 -30.47 -8.93 -17.83
CA ASP C 91 -29.93 -10.28 -18.09
C ASP C 91 -30.74 -10.99 -19.17
N SER C 92 -32.03 -10.64 -19.28
CA SER C 92 -32.91 -11.27 -20.26
C SER C 92 -32.82 -10.71 -21.67
N ILE C 93 -32.18 -9.55 -21.86
CA ILE C 93 -32.11 -8.92 -23.19
C ILE C 93 -30.70 -8.89 -23.74
N TRP C 94 -30.61 -8.79 -25.08
CA TRP C 94 -29.33 -8.59 -25.74
C TRP C 94 -28.82 -7.18 -25.42
N LYS C 95 -27.51 -7.05 -25.26
CA LYS C 95 -26.88 -5.75 -25.09
C LYS C 95 -25.43 -5.77 -25.58
N PRO C 96 -24.89 -4.60 -25.96
CA PRO C 96 -23.55 -4.56 -26.53
C PRO C 96 -22.50 -5.00 -25.53
N ASP C 97 -21.36 -5.46 -26.04
CA ASP C 97 -20.30 -5.98 -25.17
C ASP C 97 -19.17 -4.96 -25.01
N LEU C 98 -19.56 -3.71 -24.82
CA LEU C 98 -18.62 -2.60 -24.71
C LEU C 98 -17.63 -2.87 -23.58
N PHE C 99 -16.36 -2.66 -23.87
CA PHE C 99 -15.31 -2.70 -22.85
C PHE C 99 -14.37 -1.51 -23.03
N PHE C 100 -13.64 -1.18 -21.98
CA PHE C 100 -12.73 -0.06 -22.04
C PHE C 100 -11.32 -0.55 -22.35
N ALA C 101 -10.88 -0.24 -23.58
CA ALA C 101 -9.66 -0.83 -24.13
C ALA C 101 -8.40 -0.48 -23.34
N ASN C 102 -8.37 0.70 -22.73
CA ASN C 102 -7.21 1.15 -21.96
C ASN C 102 -7.47 1.16 -20.47
N GLU C 103 -8.30 0.22 -20.01
CA GLU C 103 -8.64 0.12 -18.60
C GLU C 103 -7.68 -0.83 -17.86
N LYS C 104 -7.10 -0.34 -16.76
CA LYS C 104 -6.26 -1.16 -15.90
C LYS C 104 -7.12 -1.87 -14.84
N GLY C 105 -8.09 -1.16 -14.29
CA GLY C 105 -9.05 -1.73 -13.36
C GLY C 105 -10.44 -1.16 -13.60
N ALA C 106 -11.46 -2.00 -13.45
CA ALA C 106 -12.86 -1.57 -13.64
C ALA C 106 -13.75 -2.34 -12.72
N ASN C 107 -14.78 -1.69 -12.20
CA ASN C 107 -15.79 -2.40 -11.42
C ASN C 107 -17.17 -1.78 -11.51
N PHE C 108 -18.17 -2.63 -11.26
CA PHE C 108 -19.54 -2.20 -11.15
C PHE C 108 -19.80 -1.72 -9.73
N HIS C 109 -20.98 -1.15 -9.51
CA HIS C 109 -21.40 -0.73 -8.19
C HIS C 109 -22.68 -1.46 -7.84
N GLU C 110 -22.69 -2.09 -6.67
CA GLU C 110 -23.76 -2.98 -6.28
C GLU C 110 -24.41 -2.63 -4.96
N VAL C 111 -24.01 -1.53 -4.35
CA VAL C 111 -24.60 -1.06 -3.11
C VAL C 111 -25.57 0.10 -3.41
N THR C 112 -26.81 0.06 -2.95
CA THR C 112 -27.40 -1.04 -2.19
C THR C 112 -28.03 -2.09 -3.10
N THR C 113 -28.21 -1.74 -4.37
CA THR C 113 -28.59 -2.68 -5.42
C THR C 113 -27.72 -2.37 -6.61
N ASP C 114 -27.80 -3.18 -7.67
CA ASP C 114 -26.98 -2.93 -8.86
C ASP C 114 -27.29 -1.54 -9.38
N ASN C 115 -26.26 -0.71 -9.54
CA ASN C 115 -26.43 0.65 -10.03
C ASN C 115 -26.59 0.61 -11.54
N LYS C 116 -27.78 0.20 -11.97
CA LYS C 116 -28.10 0.04 -13.39
C LYS C 116 -29.48 0.61 -13.71
N LEU C 117 -29.67 0.93 -14.98
CA LEU C 117 -30.89 1.55 -15.44
C LEU C 117 -31.29 0.90 -16.75
N LEU C 118 -32.53 0.46 -16.85
CA LEU C 118 -33.07 -0.04 -18.12
C LEU C 118 -34.35 0.71 -18.48
N ARG C 119 -34.41 1.23 -19.69
CA ARG C 119 -35.59 1.89 -20.19
C ARG C 119 -35.80 1.53 -21.64
N ILE C 120 -37.00 1.05 -21.98
CA ILE C 120 -37.34 0.71 -23.36
C ILE C 120 -38.47 1.61 -23.86
N PHE C 121 -38.49 1.87 -25.16
CA PHE C 121 -39.45 2.77 -25.78
C PHE C 121 -40.42 2.02 -26.71
N LYS C 122 -41.53 2.66 -27.09
CA LYS C 122 -42.54 2.07 -27.97
C LYS C 122 -41.94 1.37 -29.19
N ASN C 123 -41.00 2.04 -29.83
CA ASN C 123 -40.40 1.55 -31.07
C ASN C 123 -39.28 0.53 -30.89
N GLY C 124 -39.03 0.11 -29.65
CA GLY C 124 -38.00 -0.88 -29.35
C GLY C 124 -36.63 -0.31 -29.01
N ASN C 125 -36.50 1.02 -28.98
CA ASN C 125 -35.27 1.64 -28.53
C ASN C 125 -34.99 1.28 -27.08
N VAL C 126 -33.71 1.17 -26.75
CA VAL C 126 -33.27 0.85 -25.39
C VAL C 126 -32.34 1.95 -24.90
N LEU C 127 -32.51 2.34 -23.65
CA LEU C 127 -31.54 3.15 -22.92
C LEU C 127 -31.00 2.29 -21.80
N TYR C 128 -29.69 2.14 -21.74
CA TYR C 128 -29.04 1.32 -20.73
C TYR C 128 -27.93 2.14 -20.09
N SER C 129 -28.13 2.52 -18.83
CA SER C 129 -27.13 3.26 -18.09
C SER C 129 -26.58 2.42 -16.95
N ILE C 130 -25.26 2.40 -16.83
CA ILE C 130 -24.60 1.63 -15.79
C ILE C 130 -23.48 2.46 -15.16
N ARG C 131 -23.36 2.37 -13.85
CA ARG C 131 -22.34 3.12 -13.14
C ARG C 131 -21.06 2.31 -12.99
N LEU C 132 -19.92 2.93 -13.33
CA LEU C 132 -18.64 2.25 -13.36
C LEU C 132 -17.53 3.11 -12.76
N THR C 133 -16.67 2.48 -11.95
CA THR C 133 -15.40 3.06 -11.56
C THR C 133 -14.34 2.44 -12.47
N LEU C 134 -13.60 3.28 -13.18
CA LEU C 134 -12.56 2.84 -14.09
C LEU C 134 -11.24 3.49 -13.70
N THR C 135 -10.18 2.70 -13.72
CA THR C 135 -8.82 3.21 -13.73
C THR C 135 -8.29 3.03 -15.13
N LEU C 136 -7.96 4.15 -15.78
CA LEU C 136 -7.57 4.13 -17.18
C LEU C 136 -6.11 4.54 -17.30
N SER C 137 -5.40 3.93 -18.23
CA SER C 137 -4.01 4.28 -18.47
C SER C 137 -3.95 5.57 -19.26
N CYS C 138 -3.02 6.44 -18.86
CA CYS C 138 -2.80 7.72 -19.51
C CYS C 138 -1.30 7.92 -19.55
N PRO C 139 -0.64 7.46 -20.64
CA PRO C 139 0.78 7.76 -20.88
C PRO C 139 1.03 9.25 -20.89
N MET C 140 2.03 9.69 -20.15
CA MET C 140 2.26 11.11 -19.96
C MET C 140 3.59 11.56 -20.53
N ASP C 141 3.58 12.78 -21.07
CA ASP C 141 4.77 13.41 -21.58
C ASP C 141 5.21 14.46 -20.58
N LEU C 142 6.22 14.15 -19.78
CA LEU C 142 6.66 15.04 -18.71
C LEU C 142 7.76 16.04 -19.10
N LYS C 143 8.01 16.22 -20.40
CA LYS C 143 9.05 17.11 -20.90
C LYS C 143 8.94 18.51 -20.31
N ASN C 144 7.73 19.02 -20.11
CA ASN C 144 7.53 20.38 -19.59
C ASN C 144 7.07 20.46 -18.14
N PHE C 145 7.21 19.37 -17.40
CA PHE C 145 6.79 19.33 -16.00
C PHE C 145 7.59 20.35 -15.19
N PRO C 146 6.94 21.14 -14.34
CA PRO C 146 5.53 21.04 -13.98
C PRO C 146 4.63 22.04 -14.69
N MET C 147 5.04 22.51 -15.87
CA MET C 147 4.20 23.38 -16.68
C MET C 147 3.57 22.58 -17.81
N ASP C 148 3.43 21.28 -17.59
CA ASP C 148 2.96 20.36 -18.62
C ASP C 148 1.47 20.37 -18.68
N VAL C 149 0.98 19.81 -19.78
CA VAL C 149 -0.44 19.58 -19.98
C VAL C 149 -0.58 18.18 -20.57
N GLN C 150 -1.37 17.34 -19.92
CA GLN C 150 -1.51 15.96 -20.34
C GLN C 150 -2.79 15.76 -21.13
N THR C 151 -2.82 14.69 -21.90
CA THR C 151 -4.00 14.29 -22.66
C THR C 151 -4.31 12.86 -22.31
N CYS C 152 -5.35 12.67 -21.51
CA CYS C 152 -5.74 11.33 -21.08
C CYS C 152 -6.96 10.89 -21.85
N ILE C 153 -6.94 9.65 -22.32
CA ILE C 153 -8.01 9.15 -23.18
C ILE C 153 -8.85 8.06 -22.51
N MET C 154 -9.89 7.65 -23.21
CA MET C 154 -10.82 6.65 -22.73
C MET C 154 -11.45 6.02 -23.95
N GLN C 155 -11.14 4.76 -24.19
CA GLN C 155 -11.57 4.07 -25.39
C GLN C 155 -12.71 3.10 -25.11
N LEU C 156 -13.83 3.28 -25.82
CA LEU C 156 -14.98 2.38 -25.72
C LEU C 156 -14.97 1.50 -26.95
N GLU C 157 -14.83 0.19 -26.73
CA GLU C 157 -14.58 -0.75 -27.81
C GLU C 157 -15.50 -1.98 -27.67
N SER C 158 -15.78 -2.66 -28.77
CA SER C 158 -16.44 -3.95 -28.73
C SER C 158 -15.41 -5.06 -28.70
N PHE C 159 -15.62 -6.07 -27.87
CA PHE C 159 -14.66 -7.16 -27.76
C PHE C 159 -14.90 -8.27 -28.77
N GLY C 160 -16.15 -8.66 -28.95
CA GLY C 160 -16.51 -9.84 -29.76
C GLY C 160 -17.18 -9.56 -31.11
N TYR C 161 -17.82 -8.40 -31.23
CA TYR C 161 -18.54 -8.03 -32.44
C TYR C 161 -17.66 -7.22 -33.38
N THR C 162 -17.56 -7.66 -34.63
CA THR C 162 -16.81 -6.93 -35.65
C THR C 162 -17.68 -5.81 -36.24
N MET C 163 -17.04 -4.92 -37.00
CA MET C 163 -17.70 -3.75 -37.58
C MET C 163 -18.92 -4.05 -38.45
N ASN C 164 -19.05 -5.29 -38.90
CA ASN C 164 -20.24 -5.70 -39.68
C ASN C 164 -21.43 -6.14 -38.82
N ASP C 165 -21.22 -6.32 -37.52
CA ASP C 165 -22.31 -6.64 -36.59
C ASP C 165 -22.63 -5.55 -35.56
N LEU C 166 -21.66 -4.71 -35.23
CA LEU C 166 -21.83 -3.71 -34.16
C LEU C 166 -20.96 -2.47 -34.37
N ILE C 167 -21.56 -1.29 -34.21
CA ILE C 167 -20.87 0.00 -34.42
C ILE C 167 -21.19 0.99 -33.30
N PHE C 168 -20.15 1.46 -32.62
CA PHE C 168 -20.29 2.51 -31.60
C PHE C 168 -20.08 3.88 -32.21
N GLU C 169 -20.76 4.85 -31.60
CA GLU C 169 -20.73 6.21 -32.07
C GLU C 169 -21.05 7.09 -30.86
N TRP C 170 -20.36 8.21 -30.72
CA TRP C 170 -20.74 9.19 -29.71
C TRP C 170 -22.07 9.84 -30.09
N GLN C 171 -22.86 10.14 -29.07
CA GLN C 171 -24.09 10.89 -29.23
C GLN C 171 -23.83 12.24 -29.91
N ASP C 172 -24.81 12.76 -30.63
CA ASP C 172 -24.66 14.06 -31.27
C ASP C 172 -24.67 15.18 -30.24
N GLU C 173 -25.73 15.24 -29.43
CA GLU C 173 -25.87 16.32 -28.43
C GLU C 173 -25.31 15.88 -27.05
N ALA C 174 -24.27 16.58 -26.60
CA ALA C 174 -23.71 16.46 -25.25
C ALA C 174 -23.32 15.04 -24.88
N PRO C 175 -22.32 14.47 -25.59
CA PRO C 175 -21.91 13.10 -25.35
C PRO C 175 -21.16 12.90 -24.03
N VAL C 176 -20.47 13.94 -23.55
CA VAL C 176 -19.72 13.86 -22.31
C VAL C 176 -20.15 14.99 -21.36
N GLN C 177 -20.95 14.64 -20.34
CA GLN C 177 -21.35 15.60 -19.32
C GLN C 177 -20.42 15.46 -18.13
N VAL C 178 -20.21 16.55 -17.40
CA VAL C 178 -19.38 16.55 -16.21
C VAL C 178 -20.17 17.11 -15.04
N ALA C 179 -20.10 16.42 -13.89
CA ALA C 179 -20.85 16.82 -12.71
C ALA C 179 -20.57 18.27 -12.32
N GLU C 180 -21.61 18.99 -11.91
CA GLU C 180 -21.52 20.41 -11.57
C GLU C 180 -20.58 20.58 -10.38
N GLY C 181 -19.66 21.53 -10.50
CA GLY C 181 -18.72 21.85 -9.42
C GLY C 181 -17.60 20.84 -9.22
N LEU C 182 -17.39 19.95 -10.19
CA LEU C 182 -16.33 18.96 -10.09
C LEU C 182 -14.99 19.63 -10.31
N THR C 183 -14.09 19.52 -9.34
CA THR C 183 -12.74 20.09 -9.47
C THR C 183 -11.67 19.04 -9.24
N LEU C 184 -10.48 19.34 -9.73
CA LEU C 184 -9.30 18.53 -9.50
C LEU C 184 -8.30 19.44 -8.76
N PRO C 185 -7.55 18.89 -7.78
CA PRO C 185 -6.67 19.75 -6.98
C PRO C 185 -5.36 20.15 -7.68
N GLN C 186 -4.83 19.26 -8.53
CA GLN C 186 -3.56 19.47 -9.23
C GLN C 186 -3.72 19.95 -10.66
N PHE C 187 -4.86 19.64 -11.28
CA PHE C 187 -5.10 19.94 -12.69
C PHE C 187 -6.33 20.80 -12.93
N LEU C 188 -6.42 21.38 -14.13
CA LEU C 188 -7.64 22.01 -14.63
C LEU C 188 -8.09 21.17 -15.79
N LEU C 189 -9.32 20.66 -15.70
CA LEU C 189 -9.90 19.87 -16.76
C LEU C 189 -10.53 20.81 -17.78
N LYS C 190 -10.01 20.82 -19.00
CA LYS C 190 -10.47 21.77 -20.01
C LYS C 190 -11.85 21.39 -20.53
N GLU C 191 -12.64 22.42 -20.80
CA GLU C 191 -14.03 22.27 -21.24
C GLU C 191 -14.16 21.46 -22.53
N GLU C 192 -13.25 21.69 -23.48
CA GLU C 192 -13.27 20.98 -24.75
C GLU C 192 -12.71 19.56 -24.65
N LYS C 193 -13.57 18.57 -24.89
CA LYS C 193 -13.14 17.19 -25.04
C LYS C 193 -13.11 16.86 -26.52
N ASP C 194 -12.05 16.20 -26.97
CA ASP C 194 -11.97 15.73 -28.35
C ASP C 194 -12.62 14.39 -28.42
N LEU C 195 -13.42 14.16 -29.46
CA LEU C 195 -13.97 12.85 -29.74
C LEU C 195 -13.33 12.33 -31.01
N ARG C 196 -13.07 11.04 -31.08
CA ARG C 196 -12.46 10.45 -32.28
C ARG C 196 -12.74 8.95 -32.38
N TYR C 197 -12.20 8.32 -33.43
CA TYR C 197 -12.32 6.89 -33.63
C TYR C 197 -10.98 6.20 -33.40
N CYS C 198 -11.01 5.08 -32.72
CA CYS C 198 -9.83 4.26 -32.49
C CYS C 198 -9.95 2.92 -33.21
N THR C 199 -10.80 2.86 -34.23
CA THR C 199 -11.14 1.59 -34.89
C THR C 199 -9.97 0.61 -34.93
N LYS C 200 -10.14 -0.53 -34.27
CA LYS C 200 -9.06 -1.47 -34.07
C LYS C 200 -9.02 -2.57 -35.12
N HIS C 201 -7.81 -2.91 -35.59
CA HIS C 201 -7.59 -4.06 -36.47
C HIS C 201 -6.70 -5.08 -35.78
N TYR C 202 -7.28 -6.19 -35.34
CA TYR C 202 -6.53 -7.29 -34.77
C TYR C 202 -6.51 -8.44 -35.77
N ASN C 203 -5.77 -9.50 -35.45
CA ASN C 203 -5.82 -10.72 -36.27
C ASN C 203 -7.15 -11.48 -36.15
N THR C 204 -7.99 -11.06 -35.21
CA THR C 204 -9.32 -11.63 -35.05
C THR C 204 -10.37 -10.85 -35.82
N GLY C 205 -9.98 -9.68 -36.34
CA GLY C 205 -10.88 -8.88 -37.16
C GLY C 205 -10.76 -7.39 -36.92
N LYS C 206 -11.74 -6.66 -37.43
CA LYS C 206 -11.80 -5.22 -37.32
C LYS C 206 -12.91 -4.86 -36.33
N PHE C 207 -12.59 -4.07 -35.32
CA PHE C 207 -13.51 -3.83 -34.21
C PHE C 207 -13.78 -2.34 -33.98
N THR C 208 -15.05 -2.01 -33.76
CA THR C 208 -15.45 -0.62 -33.49
C THR C 208 -14.86 -0.13 -32.18
N CYS C 209 -14.50 1.15 -32.17
CA CYS C 209 -13.85 1.74 -31.04
C CYS C 209 -13.99 3.24 -31.19
N ILE C 210 -14.53 3.90 -30.17
CA ILE C 210 -14.63 5.34 -30.12
C ILE C 210 -13.87 5.81 -28.90
N GLU C 211 -13.41 7.04 -28.94
CA GLU C 211 -12.42 7.55 -28.01
C GLU C 211 -12.83 8.93 -27.55
N VAL C 212 -12.50 9.30 -26.32
CA VAL C 212 -12.65 10.68 -25.85
C VAL C 212 -11.36 11.12 -25.20
N ARG C 213 -10.91 12.33 -25.50
CA ARG C 213 -9.66 12.85 -24.93
C ARG C 213 -9.94 14.00 -24.00
N PHE C 214 -9.51 13.88 -22.77
CA PHE C 214 -9.60 14.96 -21.79
C PHE C 214 -8.25 15.66 -21.75
N HIS C 215 -8.25 16.98 -21.70
CA HIS C 215 -7.00 17.76 -21.58
C HIS C 215 -6.84 18.28 -20.16
N LEU C 216 -5.72 17.94 -19.54
CA LEU C 216 -5.47 18.28 -18.15
C LEU C 216 -4.28 19.22 -18.03
N GLU C 217 -4.56 20.49 -17.75
CA GLU C 217 -3.52 21.49 -17.57
C GLU C 217 -3.09 21.49 -16.11
N ARG C 218 -1.82 21.23 -15.84
CA ARG C 218 -1.34 21.18 -14.47
C ARG C 218 -1.31 22.57 -13.88
N GLN C 219 -1.84 22.71 -12.66
CA GLN C 219 -1.88 24.00 -11.98
C GLN C 219 -0.51 24.32 -11.45
N MET C 220 -0.08 25.55 -11.74
CA MET C 220 1.31 25.99 -11.50
C MET C 220 1.54 26.47 -10.06
N GLY C 221 0.48 26.91 -9.39
CA GLY C 221 0.58 27.56 -8.08
C GLY C 221 1.33 26.77 -7.02
N TYR C 222 1.05 25.47 -6.93
CA TYR C 222 1.72 24.61 -5.96
C TYR C 222 3.23 24.62 -6.11
N TYR C 223 3.70 24.63 -7.35
CA TYR C 223 5.12 24.53 -7.65
C TYR C 223 5.88 25.81 -7.40
N LEU C 224 5.20 26.95 -7.49
CA LEU C 224 5.83 28.22 -7.09
C LEU C 224 6.20 28.18 -5.64
N ILE C 225 5.29 27.70 -4.80
CA ILE C 225 5.48 27.70 -3.36
C ILE C 225 6.40 26.59 -2.87
N GLN C 226 6.32 25.41 -3.46
CA GLN C 226 7.04 24.26 -2.90
C GLN C 226 8.26 23.84 -3.71
N MET C 227 8.52 24.49 -4.84
CA MET C 227 9.66 24.11 -5.69
C MET C 227 10.51 25.30 -6.16
N TYR C 228 9.85 26.30 -6.77
CA TYR C 228 10.54 27.44 -7.37
C TYR C 228 10.99 28.47 -6.35
N ILE C 229 10.14 28.83 -5.41
CA ILE C 229 10.52 29.81 -4.37
C ILE C 229 11.59 29.27 -3.42
N PRO C 230 11.43 28.03 -2.91
CA PRO C 230 12.50 27.53 -2.02
C PRO C 230 13.84 27.32 -2.70
N SER C 231 13.86 27.13 -4.01
CA SER C 231 15.12 27.06 -4.75
C SER C 231 15.70 28.47 -4.93
N LEU C 232 14.82 29.46 -5.05
CA LEU C 232 15.21 30.86 -5.09
C LEU C 232 15.89 31.28 -3.78
N LEU C 233 15.39 30.77 -2.66
CA LEU C 233 16.03 30.95 -1.35
C LEU C 233 17.48 30.51 -1.36
N ILE C 234 17.73 29.26 -1.78
CA ILE C 234 19.05 28.67 -1.68
C ILE C 234 20.03 29.42 -2.56
N VAL C 235 19.56 29.92 -3.71
CA VAL C 235 20.40 30.71 -4.60
C VAL C 235 20.72 32.06 -3.95
N ILE C 236 19.70 32.74 -3.42
CA ILE C 236 19.90 34.03 -2.73
C ILE C 236 20.79 33.86 -1.49
N LEU C 237 20.55 32.78 -0.75
CA LEU C 237 21.36 32.46 0.43
C LEU C 237 22.82 32.30 0.03
N SER C 238 23.06 31.66 -1.11
CA SER C 238 24.42 31.44 -1.59
C SER C 238 25.18 32.76 -1.80
N TRP C 239 24.45 33.82 -2.13
CA TRP C 239 25.08 35.12 -2.41
C TRP C 239 25.57 35.87 -1.18
N VAL C 240 25.08 35.53 0.02
CA VAL C 240 25.50 36.27 1.22
C VAL C 240 26.99 36.05 1.48
N SER C 241 27.52 34.93 0.99
CA SER C 241 28.95 34.66 1.01
C SER C 241 29.78 35.84 0.46
N PHE C 242 29.26 36.50 -0.58
CA PHE C 242 29.97 37.59 -1.25
C PHE C 242 30.13 38.83 -0.36
N TRP C 243 29.29 38.96 0.66
CA TRP C 243 29.41 40.05 1.64
C TRP C 243 30.15 39.64 2.91
N ILE C 244 30.58 38.38 2.99
CA ILE C 244 31.34 37.89 4.13
C ILE C 244 32.82 38.14 3.87
N ASN C 245 33.55 38.35 4.96
CA ASN C 245 34.99 38.60 4.91
C ASN C 245 35.75 37.44 4.25
N MET C 246 36.61 37.76 3.28
CA MET C 246 37.39 36.74 2.59
C MET C 246 38.32 35.93 3.50
N ASP C 247 38.68 36.50 4.65
CA ASP C 247 39.49 35.81 5.66
C ASP C 247 38.75 34.68 6.38
N ALA C 248 37.42 34.77 6.42
CA ALA C 248 36.60 33.75 7.09
C ALA C 248 36.29 32.58 6.16
N ALA C 249 37.30 31.77 5.88
CA ALA C 249 37.17 30.62 4.98
C ALA C 249 36.15 29.60 5.48
N PRO C 250 36.24 29.20 6.77
CA PRO C 250 35.27 28.19 7.23
C PRO C 250 33.81 28.64 7.11
N ALA C 251 33.55 29.93 7.26
CA ALA C 251 32.21 30.48 7.12
C ALA C 251 31.76 30.47 5.66
N ARG C 252 32.62 30.93 4.77
CA ARG C 252 32.26 31.04 3.34
C ARG C 252 32.20 29.69 2.63
N VAL C 253 33.03 28.74 3.05
CA VAL C 253 32.96 27.38 2.55
C VAL C 253 31.73 26.67 3.11
N ALA C 254 31.44 26.91 4.40
CA ALA C 254 30.24 26.37 5.02
C ALA C 254 28.99 26.77 4.25
N LEU C 255 28.87 28.05 3.92
CA LEU C 255 27.75 28.55 3.10
C LEU C 255 27.70 27.87 1.75
N GLY C 256 28.85 27.78 1.10
CA GLY C 256 28.95 27.19 -0.24
C GLY C 256 28.56 25.72 -0.29
N ILE C 257 29.08 24.93 0.64
CA ILE C 257 28.74 23.52 0.70
C ILE C 257 27.24 23.37 0.96
N THR C 258 26.77 23.92 2.08
CA THR C 258 25.39 23.69 2.53
C THR C 258 24.34 24.17 1.54
N THR C 259 24.65 25.20 0.75
CA THR C 259 23.72 25.60 -0.30
C THR C 259 23.73 24.60 -1.45
N VAL C 260 24.90 24.12 -1.86
CA VAL C 260 24.99 23.09 -2.89
C VAL C 260 24.23 21.85 -2.45
N LEU C 261 24.50 21.39 -1.23
CA LEU C 261 23.86 20.17 -0.72
C LEU C 261 22.36 20.34 -0.51
N THR C 262 21.93 21.50 0.00
CA THR C 262 20.50 21.77 0.11
C THR C 262 19.86 21.74 -1.26
N MET C 263 20.56 22.31 -2.23
CA MET C 263 20.09 22.36 -3.59
C MET C 263 19.98 20.99 -4.25
N THR C 264 20.88 20.07 -3.91
CA THR C 264 20.81 18.70 -4.45
C THR C 264 19.69 17.88 -3.82
N THR C 265 19.45 18.03 -2.51
CA THR C 265 18.37 17.29 -1.85
C THR C 265 17.01 17.85 -2.24
N GLN C 266 16.98 19.16 -2.47
CA GLN C 266 15.80 19.81 -3.06
C GLN C 266 15.49 19.19 -4.41
N SER C 267 16.52 19.04 -5.23
CA SER C 267 16.40 18.54 -6.60
C SER C 267 15.91 17.10 -6.66
N SER C 268 16.50 16.24 -5.83
CA SER C 268 16.13 14.83 -5.81
C SER C 268 14.85 14.61 -5.02
N GLY C 269 14.53 15.52 -4.10
CA GLY C 269 13.24 15.50 -3.41
C GLY C 269 12.06 15.61 -4.37
N SER C 270 12.16 16.52 -5.35
CA SER C 270 11.13 16.71 -6.36
C SER C 270 11.04 15.56 -7.39
N ARG C 271 12.19 14.94 -7.70
CA ARG C 271 12.24 13.79 -8.62
C ARG C 271 11.61 12.51 -8.03
N ALA C 272 11.37 12.51 -6.71
CA ALA C 272 10.84 11.33 -6.01
C ALA C 272 9.38 11.06 -6.31
N SER C 273 8.64 12.10 -6.68
CA SER C 273 7.21 11.99 -6.94
C SER C 273 6.87 11.58 -8.39
N LEU C 274 7.88 11.35 -9.22
CA LEU C 274 7.70 11.13 -10.66
C LEU C 274 8.19 9.75 -11.07
N PRO C 275 7.80 9.30 -12.27
CA PRO C 275 8.35 8.05 -12.78
C PRO C 275 9.79 8.25 -13.24
N LYS C 276 10.49 7.15 -13.49
CA LYS C 276 11.90 7.22 -13.85
C LYS C 276 12.06 7.28 -15.36
N VAL C 277 11.57 8.38 -15.93
CA VAL C 277 11.73 8.65 -17.36
C VAL C 277 13.16 9.01 -17.67
N SER C 278 13.57 8.72 -18.91
CA SER C 278 14.92 8.95 -19.37
C SER C 278 15.01 10.11 -20.36
N TYR C 279 14.27 11.19 -20.10
CA TYR C 279 14.41 12.42 -20.88
C TYR C 279 14.46 13.66 -19.98
N VAL C 280 14.97 14.76 -20.51
CA VAL C 280 15.13 15.98 -19.73
C VAL C 280 13.79 16.69 -19.60
N LYS C 281 13.40 16.96 -18.37
CA LYS C 281 12.17 17.69 -18.08
C LYS C 281 12.51 19.14 -17.82
N ALA C 282 11.51 20.00 -17.75
CA ALA C 282 11.73 21.42 -17.47
C ALA C 282 12.27 21.65 -16.06
N ILE C 283 11.75 20.90 -15.10
CA ILE C 283 12.23 20.96 -13.71
C ILE C 283 13.71 20.58 -13.59
N ASP C 284 14.19 19.70 -14.47
CA ASP C 284 15.60 19.30 -14.46
C ASP C 284 16.51 20.46 -14.87
N ILE C 285 16.06 21.24 -15.85
CA ILE C 285 16.83 22.39 -16.34
C ILE C 285 16.94 23.43 -15.25
N TRP C 286 15.83 23.72 -14.59
CA TRP C 286 15.79 24.70 -13.51
C TRP C 286 16.71 24.29 -12.37
N MET C 287 16.57 23.07 -11.88
CA MET C 287 17.42 22.57 -10.80
C MET C 287 18.88 22.54 -11.21
N ALA C 288 19.15 22.25 -12.48
CA ALA C 288 20.51 22.22 -12.99
C ALA C 288 21.13 23.62 -12.96
N VAL C 289 20.41 24.61 -13.47
CA VAL C 289 20.91 25.97 -13.50
C VAL C 289 21.02 26.56 -12.09
N CYS C 290 20.01 26.37 -11.25
CA CYS C 290 20.11 26.78 -9.85
C CYS C 290 21.35 26.19 -9.18
N LEU C 291 21.60 24.92 -9.44
CA LEU C 291 22.74 24.22 -8.86
C LEU C 291 24.06 24.73 -9.45
N LEU C 292 24.01 25.19 -10.69
CA LEU C 292 25.17 25.81 -11.35
C LEU C 292 25.53 27.13 -10.66
N PHE C 293 24.52 27.95 -10.41
CA PHE C 293 24.70 29.25 -9.73
C PHE C 293 25.21 29.10 -8.29
N VAL C 294 24.74 28.06 -7.62
CA VAL C 294 25.12 27.78 -6.23
C VAL C 294 26.53 27.18 -6.18
N PHE C 295 26.87 26.38 -7.18
CA PHE C 295 28.18 25.76 -7.30
C PHE C 295 29.23 26.76 -7.76
N SER C 296 28.85 27.66 -8.67
CA SER C 296 29.74 28.72 -9.14
C SER C 296 30.16 29.66 -8.02
N ALA C 297 29.23 29.92 -7.10
CA ALA C 297 29.49 30.77 -5.93
C ALA C 297 30.57 30.19 -5.01
N LEU C 298 30.58 28.86 -4.87
CA LEU C 298 31.62 28.18 -4.10
C LEU C 298 32.96 28.26 -4.82
N LEU C 299 32.95 27.97 -6.11
CA LEU C 299 34.14 28.13 -6.95
C LEU C 299 34.61 29.58 -6.91
N GLU C 300 33.68 30.51 -6.81
CA GLU C 300 34.05 31.93 -6.69
C GLU C 300 34.94 32.16 -5.47
N TYR C 301 34.56 31.61 -4.32
CA TYR C 301 35.39 31.76 -3.14
C TYR C 301 36.72 31.02 -3.26
N ALA C 302 36.68 29.80 -3.80
CA ALA C 302 37.91 29.06 -4.06
C ALA C 302 38.88 29.94 -4.83
N ALA C 303 38.37 30.67 -5.82
CA ALA C 303 39.18 31.62 -6.57
C ALA C 303 39.65 32.78 -5.67
N VAL C 304 38.73 33.39 -4.95
CA VAL C 304 39.06 34.48 -4.01
C VAL C 304 40.13 34.06 -3.03
N ASN C 305 39.93 32.90 -2.41
CA ASN C 305 40.89 32.35 -1.45
C ASN C 305 42.24 32.08 -2.08
N PHE C 306 42.24 31.54 -3.30
CA PHE C 306 43.46 31.13 -3.97
C PHE C 306 44.31 32.29 -4.50
N VAL C 307 43.68 33.32 -5.06
CA VAL C 307 44.43 34.45 -5.62
C VAL C 307 45.03 35.32 -4.52
N SER C 308 44.46 35.26 -3.32
CA SER C 308 44.93 36.05 -2.19
C SER C 308 45.86 35.29 -1.22
N ARG C 309 46.47 34.17 -1.66
CA ARG C 309 47.34 33.36 -0.80
C ARG C 309 48.43 34.20 -0.14
N ALA C 310 49.30 34.79 -0.96
CA ALA C 310 50.26 35.77 -0.46
C ALA C 310 49.47 36.98 0.03
N GLY C 311 49.73 37.42 1.25
CA GLY C 311 48.92 38.48 1.87
C GLY C 311 49.21 39.89 1.40
N THR C 312 49.69 40.04 0.17
CA THR C 312 50.12 41.35 -0.37
C THR C 312 48.96 42.12 -1.01
N LYS C 313 49.01 43.45 -0.89
CA LYS C 313 47.91 44.33 -1.33
C LYS C 313 47.46 44.12 -2.76
N VAL C 314 48.41 43.94 -3.68
CA VAL C 314 48.07 43.75 -5.11
C VAL C 314 47.18 42.52 -5.34
N PHE C 315 47.44 41.45 -4.59
CA PHE C 315 46.69 40.20 -4.69
C PHE C 315 45.42 40.25 -3.87
N ILE C 316 45.47 40.90 -2.70
CA ILE C 316 44.28 41.12 -1.87
C ILE C 316 43.27 41.98 -2.63
N ASP C 317 43.75 42.99 -3.33
CA ASP C 317 42.89 43.86 -4.16
C ASP C 317 42.24 43.09 -5.31
N ARG C 318 43.01 42.20 -5.94
CA ARG C 318 42.51 41.37 -7.06
C ARG C 318 41.39 40.44 -6.59
N ALA C 319 41.55 39.85 -5.40
CA ALA C 319 40.53 39.03 -4.78
C ALA C 319 39.26 39.83 -4.41
N LYS C 320 39.47 41.02 -3.86
CA LYS C 320 38.36 41.91 -3.49
C LYS C 320 37.51 42.30 -4.71
N LYS C 321 38.17 42.49 -5.86
CA LYS C 321 37.46 42.81 -7.12
C LYS C 321 36.57 41.64 -7.58
N ILE C 322 37.04 40.41 -7.36
CA ILE C 322 36.25 39.23 -7.71
C ILE C 322 34.94 39.24 -6.91
N ASP C 323 35.01 39.58 -5.62
CA ASP C 323 33.81 39.68 -4.79
C ASP C 323 32.87 40.81 -5.21
N THR C 324 33.39 42.00 -5.48
CA THR C 324 32.53 43.15 -5.80
C THR C 324 31.84 42.96 -7.15
N ILE C 325 32.55 42.38 -8.12
CA ILE C 325 31.94 42.01 -9.40
C ILE C 325 30.86 40.94 -9.18
N SER C 326 31.14 39.96 -8.33
CA SER C 326 30.20 38.87 -8.04
C SER C 326 28.88 39.36 -7.45
N ARG C 327 28.92 40.34 -6.55
CA ARG C 327 27.72 40.89 -5.93
C ARG C 327 26.71 41.45 -6.95
N ALA C 328 27.22 41.99 -8.05
CA ALA C 328 26.38 42.52 -9.13
C ALA C 328 26.04 41.45 -10.15
N CYS C 329 27.06 40.74 -10.64
CA CYS C 329 26.89 39.81 -11.76
C CYS C 329 26.08 38.56 -11.42
N PHE C 330 26.27 37.99 -10.25
CA PHE C 330 25.56 36.77 -9.88
C PHE C 330 24.04 36.98 -9.90
N PRO C 331 23.53 37.99 -9.15
CA PRO C 331 22.10 38.26 -9.23
C PRO C 331 21.63 38.68 -10.61
N LEU C 332 22.39 39.56 -11.26
CA LEU C 332 22.05 40.03 -12.59
C LEU C 332 21.94 38.86 -13.59
N ALA C 333 22.90 37.94 -13.54
CA ALA C 333 22.90 36.77 -14.42
C ALA C 333 21.72 35.84 -14.09
N PHE C 334 21.45 35.67 -12.80
CA PHE C 334 20.35 34.83 -12.36
C PHE C 334 18.99 35.43 -12.76
N LEU C 335 18.89 36.76 -12.74
CA LEU C 335 17.70 37.45 -13.20
C LEU C 335 17.49 37.24 -14.71
N ILE C 336 18.57 37.37 -15.48
CA ILE C 336 18.54 37.12 -16.92
C ILE C 336 18.11 35.68 -17.21
N PHE C 337 18.62 34.72 -16.45
CA PHE C 337 18.23 33.33 -16.63
C PHE C 337 16.72 33.14 -16.42
N ASN C 338 16.20 33.72 -15.36
CA ASN C 338 14.76 33.67 -15.08
C ASN C 338 13.91 34.24 -16.21
N ILE C 339 14.32 35.38 -16.78
CA ILE C 339 13.63 35.96 -17.92
C ILE C 339 13.55 34.89 -19.03
N PHE C 340 14.71 34.37 -19.44
CA PHE C 340 14.77 33.34 -20.49
C PHE C 340 13.91 32.12 -20.17
N TYR C 341 14.10 31.55 -18.98
CA TYR C 341 13.40 30.32 -18.58
C TYR C 341 11.88 30.50 -18.64
N TRP C 342 11.38 31.52 -17.97
CA TRP C 342 9.94 31.76 -17.90
C TRP C 342 9.34 32.11 -19.25
N VAL C 343 10.03 32.94 -20.03
CA VAL C 343 9.59 33.29 -21.39
C VAL C 343 9.47 32.06 -22.28
N ILE C 344 10.47 31.18 -22.24
CA ILE C 344 10.49 29.97 -23.07
C ILE C 344 9.25 29.09 -22.81
N TYR C 345 8.92 28.84 -21.54
CA TYR C 345 7.78 27.98 -21.21
C TYR C 345 6.46 28.75 -21.13
N PRO D 7 -34.09 -20.97 -43.69
CA PRO D 7 -32.99 -21.60 -42.94
C PRO D 7 -33.37 -21.86 -41.49
N MET D 8 -32.49 -22.56 -40.77
CA MET D 8 -32.74 -22.94 -39.39
C MET D 8 -32.53 -21.73 -38.46
N SER D 9 -33.39 -21.58 -37.45
CA SER D 9 -33.28 -20.45 -36.52
C SER D 9 -32.04 -20.64 -35.65
N PRO D 10 -31.35 -19.53 -35.31
CA PRO D 10 -30.15 -19.63 -34.48
C PRO D 10 -30.36 -20.39 -33.18
N SER D 11 -31.49 -20.13 -32.51
CA SER D 11 -31.78 -20.75 -31.22
C SER D 11 -31.81 -22.28 -31.35
N ASP D 12 -32.43 -22.79 -32.41
CA ASP D 12 -32.49 -24.23 -32.65
C ASP D 12 -31.14 -24.79 -33.05
N PHE D 13 -30.40 -24.04 -33.85
CA PHE D 13 -29.06 -24.48 -34.27
C PHE D 13 -28.12 -24.64 -33.08
N LEU D 14 -28.10 -23.68 -32.18
CA LEU D 14 -27.28 -23.77 -30.96
C LEU D 14 -27.75 -24.91 -30.06
N ASP D 15 -29.06 -25.16 -30.08
CA ASP D 15 -29.64 -26.25 -29.31
C ASP D 15 -29.21 -27.62 -29.85
N LYS D 16 -29.14 -27.75 -31.18
CA LYS D 16 -28.77 -29.00 -31.84
C LYS D 16 -27.27 -29.24 -31.85
N LEU D 17 -26.49 -28.16 -31.78
CA LEU D 17 -25.03 -28.25 -31.88
C LEU D 17 -24.35 -28.51 -30.54
N MET D 18 -24.73 -27.74 -29.53
CA MET D 18 -24.13 -27.85 -28.19
C MET D 18 -25.11 -27.71 -27.01
N GLY D 19 -26.42 -27.67 -27.28
CA GLY D 19 -27.43 -27.44 -26.24
C GLY D 19 -28.11 -28.73 -25.79
N ARG D 20 -29.34 -28.59 -25.29
CA ARG D 20 -30.11 -29.73 -24.77
C ARG D 20 -30.15 -30.90 -25.75
N THR D 21 -30.68 -30.67 -26.95
CA THR D 21 -30.88 -31.76 -27.93
C THR D 21 -29.60 -32.22 -28.64
N SER D 22 -28.45 -31.64 -28.31
CA SER D 22 -27.21 -31.91 -29.04
C SER D 22 -26.51 -33.18 -28.57
N GLY D 23 -26.64 -33.49 -27.28
CA GLY D 23 -25.92 -34.61 -26.69
C GLY D 23 -24.43 -34.37 -26.58
N TYR D 24 -24.03 -33.10 -26.68
CA TYR D 24 -22.64 -32.69 -26.55
C TYR D 24 -22.26 -32.75 -25.08
N ASP D 25 -21.06 -33.23 -24.77
CA ASP D 25 -20.57 -33.26 -23.39
C ASP D 25 -19.24 -32.53 -23.30
N ALA D 26 -19.24 -31.36 -22.65
CA ALA D 26 -18.03 -30.52 -22.56
C ALA D 26 -16.97 -31.12 -21.63
N ARG D 27 -17.31 -32.22 -20.95
CA ARG D 27 -16.34 -32.92 -20.11
C ARG D 27 -15.46 -33.87 -20.93
N ILE D 28 -15.75 -33.99 -22.23
CA ILE D 28 -15.02 -34.86 -23.12
C ILE D 28 -14.33 -34.02 -24.18
N ARG D 29 -13.02 -34.24 -24.35
CA ARG D 29 -12.24 -33.50 -25.32
C ARG D 29 -12.55 -33.97 -26.75
N PRO D 30 -12.17 -33.14 -27.74
CA PRO D 30 -12.21 -33.57 -29.14
C PRO D 30 -11.35 -34.81 -29.40
N ASN D 31 -11.91 -35.79 -30.10
CA ASN D 31 -11.21 -37.03 -30.44
C ASN D 31 -10.62 -37.70 -29.21
N PHE D 32 -11.45 -37.96 -28.20
CA PHE D 32 -10.91 -38.35 -26.90
C PHE D 32 -10.24 -39.72 -26.89
N LYS D 33 -10.66 -40.62 -27.76
CA LYS D 33 -9.95 -41.89 -27.92
C LYS D 33 -8.76 -41.77 -28.87
N GLY D 34 -8.67 -40.66 -29.59
CA GLY D 34 -7.63 -40.45 -30.60
C GLY D 34 -6.42 -39.71 -30.09
N PRO D 35 -5.67 -39.05 -30.99
CA PRO D 35 -4.47 -38.31 -30.63
C PRO D 35 -4.76 -37.04 -29.85
N PRO D 36 -3.73 -36.40 -29.29
CA PRO D 36 -3.94 -35.22 -28.46
C PRO D 36 -4.56 -34.07 -29.23
N VAL D 37 -5.28 -33.21 -28.53
CA VAL D 37 -5.83 -32.01 -29.13
C VAL D 37 -4.69 -31.02 -29.36
N GLN D 38 -4.54 -30.60 -30.62
CA GLN D 38 -3.52 -29.63 -30.99
C GLN D 38 -4.10 -28.24 -30.85
N VAL D 39 -3.63 -27.52 -29.85
CA VAL D 39 -4.05 -26.14 -29.61
C VAL D 39 -2.97 -25.21 -30.14
N THR D 40 -3.40 -24.09 -30.73
CA THR D 40 -2.50 -23.10 -31.31
C THR D 40 -2.76 -21.75 -30.65
N CYS D 41 -1.77 -21.26 -29.93
CA CYS D 41 -1.90 -20.04 -29.16
C CYS D 41 -1.27 -18.85 -29.85
N ASN D 42 -1.84 -17.68 -29.62
CA ASN D 42 -1.18 -16.41 -29.94
C ASN D 42 -1.68 -15.34 -28.99
N ILE D 43 -0.83 -14.36 -28.67
CA ILE D 43 -1.21 -13.30 -27.75
C ILE D 43 -1.08 -11.92 -28.41
N PHE D 44 -2.03 -11.04 -28.11
CA PHE D 44 -1.91 -9.63 -28.43
C PHE D 44 -1.60 -8.96 -27.11
N ILE D 45 -0.52 -8.17 -27.08
CA ILE D 45 -0.10 -7.48 -25.85
C ILE D 45 -0.65 -6.06 -25.85
N ASN D 46 -1.73 -5.88 -25.11
CA ASN D 46 -2.45 -4.62 -25.04
C ASN D 46 -1.73 -3.61 -24.15
N SER D 47 -1.04 -4.09 -23.13
CA SER D 47 -0.20 -3.25 -22.30
C SER D 47 0.86 -4.10 -21.59
N PHE D 48 1.93 -3.43 -21.16
CA PHE D 48 3.12 -4.10 -20.63
C PHE D 48 3.78 -3.09 -19.70
N GLY D 49 3.89 -3.43 -18.41
CA GLY D 49 4.41 -2.47 -17.45
C GLY D 49 4.58 -3.01 -16.04
N SER D 50 4.61 -2.09 -15.08
CA SER D 50 4.81 -2.42 -13.68
C SER D 50 5.97 -3.39 -13.51
N ILE D 51 7.08 -3.10 -14.18
CA ILE D 51 8.25 -3.96 -14.09
C ILE D 51 8.98 -3.63 -12.81
N ALA D 52 8.79 -4.47 -11.79
CA ALA D 52 9.31 -4.21 -10.46
C ALA D 52 10.55 -5.06 -10.16
N GLU D 53 11.61 -4.40 -9.71
CA GLU D 53 12.84 -5.08 -9.31
C GLU D 53 12.68 -5.71 -7.91
N THR D 54 11.98 -4.99 -7.03
CA THR D 54 11.88 -5.39 -5.62
C THR D 54 11.08 -6.66 -5.47
N THR D 55 9.89 -6.66 -6.07
CA THR D 55 8.99 -7.81 -6.06
C THR D 55 9.37 -8.80 -7.15
N MET D 56 10.16 -8.35 -8.12
CA MET D 56 10.79 -9.21 -9.12
C MET D 56 9.72 -9.82 -10.05
N ASP D 57 8.91 -8.95 -10.66
CA ASP D 57 7.80 -9.38 -11.50
C ASP D 57 7.41 -8.26 -12.47
N TYR D 58 6.43 -8.53 -13.34
CA TYR D 58 5.93 -7.54 -14.28
C TYR D 58 4.48 -7.83 -14.61
N ARG D 59 3.81 -6.87 -15.25
CA ARG D 59 2.37 -6.96 -15.50
C ARG D 59 2.04 -6.76 -16.97
N VAL D 60 1.11 -7.57 -17.47
CA VAL D 60 0.65 -7.45 -18.86
C VAL D 60 -0.86 -7.53 -18.92
N ASN D 61 -1.43 -6.83 -19.89
CA ASN D 61 -2.83 -7.02 -20.28
C ASN D 61 -2.80 -7.59 -21.67
N ILE D 62 -3.35 -8.78 -21.84
CA ILE D 62 -3.26 -9.48 -23.12
C ILE D 62 -4.62 -9.95 -23.62
N PHE D 63 -4.72 -10.19 -24.91
CA PHE D 63 -5.79 -11.02 -25.47
C PHE D 63 -5.13 -12.36 -25.76
N LEU D 64 -5.59 -13.40 -25.08
CA LEU D 64 -5.11 -14.75 -25.31
C LEU D 64 -6.02 -15.44 -26.34
N ARG D 65 -5.46 -15.80 -27.49
CA ARG D 65 -6.19 -16.54 -28.52
C ARG D 65 -5.79 -17.99 -28.50
N GLN D 66 -6.77 -18.88 -28.52
CA GLN D 66 -6.53 -20.30 -28.62
C GLN D 66 -7.34 -20.85 -29.80
N LYS D 67 -6.73 -21.76 -30.55
CA LYS D 67 -7.37 -22.38 -31.69
C LYS D 67 -7.20 -23.88 -31.64
N TRP D 68 -8.30 -24.59 -31.85
CA TRP D 68 -8.29 -26.04 -31.89
C TRP D 68 -9.48 -26.52 -32.69
N ASN D 69 -9.47 -27.78 -33.08
CA ASN D 69 -10.57 -28.36 -33.84
C ASN D 69 -11.44 -29.25 -32.98
N ASP D 70 -12.75 -29.01 -33.02
CA ASP D 70 -13.72 -29.86 -32.35
C ASP D 70 -14.72 -30.37 -33.41
N PRO D 71 -14.50 -31.59 -33.94
CA PRO D 71 -15.40 -32.08 -34.98
C PRO D 71 -16.89 -32.08 -34.60
N ARG D 72 -17.20 -32.11 -33.31
CA ARG D 72 -18.58 -32.01 -32.83
C ARG D 72 -19.24 -30.67 -33.20
N LEU D 73 -18.44 -29.62 -33.37
CA LEU D 73 -18.95 -28.28 -33.65
C LEU D 73 -18.95 -27.93 -35.12
N ALA D 74 -18.60 -28.88 -35.97
CA ALA D 74 -18.68 -28.69 -37.41
C ALA D 74 -20.15 -28.55 -37.79
N TYR D 75 -20.42 -27.71 -38.78
CA TYR D 75 -21.80 -27.45 -39.22
C TYR D 75 -21.91 -27.29 -40.73
N SER D 76 -23.08 -27.61 -41.25
CA SER D 76 -23.41 -27.40 -42.66
C SER D 76 -24.67 -26.53 -42.86
N GLU D 77 -25.40 -26.25 -41.78
CA GLU D 77 -26.71 -25.59 -41.86
C GLU D 77 -26.65 -24.18 -42.43
N TYR D 78 -25.49 -23.53 -42.34
CA TYR D 78 -25.30 -22.21 -42.92
C TYR D 78 -24.11 -22.22 -43.87
N PRO D 79 -24.17 -21.41 -44.93
CA PRO D 79 -23.07 -21.28 -45.89
C PRO D 79 -21.90 -20.45 -45.35
N ASP D 80 -22.12 -19.77 -44.23
CA ASP D 80 -21.12 -18.89 -43.63
C ASP D 80 -19.91 -19.75 -43.24
N ASP D 81 -18.73 -19.28 -43.59
CA ASP D 81 -17.49 -19.95 -43.21
C ASP D 81 -17.27 -19.99 -41.70
N SER D 82 -17.67 -18.92 -41.01
CA SER D 82 -17.61 -18.89 -39.54
C SER D 82 -18.84 -18.25 -38.93
N LEU D 83 -19.12 -18.60 -37.68
CA LEU D 83 -20.19 -18.00 -36.92
C LEU D 83 -19.60 -17.36 -35.68
N ASP D 84 -19.87 -16.07 -35.49
CA ASP D 84 -19.50 -15.38 -34.27
C ASP D 84 -20.58 -15.63 -33.20
N LEU D 85 -20.24 -16.40 -32.16
CA LEU D 85 -21.20 -16.78 -31.12
C LEU D 85 -21.09 -15.96 -29.84
N ASP D 86 -22.20 -15.89 -29.11
CA ASP D 86 -22.26 -15.22 -27.82
C ASP D 86 -21.43 -15.97 -26.78
N PRO D 87 -20.57 -15.25 -26.04
CA PRO D 87 -19.62 -15.91 -25.13
C PRO D 87 -20.25 -16.78 -24.05
N SER D 88 -21.54 -16.61 -23.78
CA SER D 88 -22.26 -17.49 -22.86
C SER D 88 -22.16 -18.95 -23.29
N MET D 89 -22.03 -19.17 -24.59
CA MET D 89 -21.88 -20.52 -25.14
C MET D 89 -20.52 -21.17 -24.86
N LEU D 90 -19.54 -20.40 -24.38
CA LEU D 90 -18.26 -20.96 -23.99
C LEU D 90 -18.40 -21.96 -22.85
N ASP D 91 -19.35 -21.73 -21.96
CA ASP D 91 -19.60 -22.64 -20.84
C ASP D 91 -20.14 -23.98 -21.35
N SER D 92 -20.81 -23.97 -22.49
CA SER D 92 -21.41 -25.17 -23.06
C SER D 92 -20.44 -26.05 -23.86
N ILE D 93 -19.26 -25.54 -24.20
CA ILE D 93 -18.32 -26.31 -25.03
C ILE D 93 -17.04 -26.65 -24.27
N TRP D 94 -16.36 -27.71 -24.75
CA TRP D 94 -15.06 -28.09 -24.23
C TRP D 94 -14.05 -27.03 -24.64
N LYS D 95 -13.10 -26.74 -23.75
CA LYS D 95 -11.98 -25.86 -24.06
C LYS D 95 -10.75 -26.21 -23.24
N PRO D 96 -9.55 -25.89 -23.74
CA PRO D 96 -8.32 -26.24 -23.03
C PRO D 96 -8.22 -25.58 -21.66
N ASP D 97 -7.44 -26.17 -20.76
CA ASP D 97 -7.32 -25.68 -19.39
C ASP D 97 -6.03 -24.91 -19.17
N LEU D 98 -5.68 -24.09 -20.16
CA LEU D 98 -4.44 -23.34 -20.17
C LEU D 98 -4.33 -22.50 -18.92
N PHE D 99 -3.18 -22.55 -18.27
CA PHE D 99 -2.88 -21.66 -17.15
C PHE D 99 -1.48 -21.10 -17.30
N PHE D 100 -1.20 -20.00 -16.63
CA PHE D 100 0.11 -19.38 -16.73
C PHE D 100 1.01 -19.83 -15.56
N ALA D 101 2.00 -20.66 -15.88
CA ALA D 101 2.77 -21.37 -14.87
C ALA D 101 3.55 -20.46 -13.95
N ASN D 102 3.97 -19.29 -14.44
CA ASN D 102 4.73 -18.34 -13.62
C ASN D 102 3.92 -17.10 -13.27
N GLU D 103 2.61 -17.28 -13.08
CA GLU D 103 1.72 -16.18 -12.76
C GLU D 103 1.56 -16.01 -11.25
N LYS D 104 1.79 -14.80 -10.76
CA LYS D 104 1.58 -14.48 -9.34
C LYS D 104 0.15 -14.04 -9.11
N GLY D 105 -0.38 -13.25 -10.03
CA GLY D 105 -1.79 -12.85 -10.00
C GLY D 105 -2.36 -12.85 -11.41
N ALA D 106 -3.62 -13.23 -11.53
CA ALA D 106 -4.30 -13.22 -12.82
C ALA D 106 -5.78 -12.91 -12.64
N ASN D 107 -6.37 -12.18 -13.57
CA ASN D 107 -7.80 -11.98 -13.54
C ASN D 107 -8.43 -11.80 -14.92
N PHE D 108 -9.71 -12.11 -14.99
CA PHE D 108 -10.51 -11.86 -16.17
C PHE D 108 -11.01 -10.42 -16.13
N HIS D 109 -11.63 -10.00 -17.23
CA HIS D 109 -12.24 -8.67 -17.30
C HIS D 109 -13.71 -8.84 -17.61
N GLU D 110 -14.55 -8.20 -16.79
CA GLU D 110 -15.98 -8.42 -16.84
C GLU D 110 -16.80 -7.17 -17.05
N VAL D 111 -16.15 -6.02 -17.24
CA VAL D 111 -16.82 -4.77 -17.49
C VAL D 111 -16.73 -4.44 -18.98
N THR D 112 -17.84 -4.14 -19.66
CA THR D 112 -19.20 -4.14 -19.12
C THR D 112 -19.87 -5.49 -19.25
N THR D 113 -19.28 -6.38 -20.05
CA THR D 113 -19.64 -7.79 -20.09
C THR D 113 -18.34 -8.59 -20.10
N ASP D 114 -18.42 -9.91 -20.01
CA ASP D 114 -17.20 -10.74 -20.03
C ASP D 114 -16.43 -10.44 -21.30
N ASN D 115 -15.17 -10.08 -21.17
CA ASN D 115 -14.31 -9.76 -22.32
C ASN D 115 -13.83 -11.06 -22.95
N LYS D 116 -14.73 -11.70 -23.67
CA LYS D 116 -14.47 -12.98 -24.31
C LYS D 116 -15.00 -13.01 -25.73
N LEU D 117 -14.44 -13.92 -26.52
CA LEU D 117 -14.78 -14.05 -27.93
C LEU D 117 -14.88 -15.52 -28.28
N LEU D 118 -15.97 -15.91 -28.92
CA LEU D 118 -16.11 -17.27 -29.43
C LEU D 118 -16.46 -17.23 -30.90
N ARG D 119 -15.74 -17.98 -31.70
CA ARG D 119 -16.00 -18.08 -33.12
C ARG D 119 -15.75 -19.52 -33.55
N ILE D 120 -16.74 -20.12 -34.21
CA ILE D 120 -16.60 -21.48 -34.74
C ILE D 120 -16.71 -21.49 -36.26
N PHE D 121 -16.03 -22.46 -36.90
CA PHE D 121 -15.97 -22.53 -38.36
C PHE D 121 -16.69 -23.78 -38.88
N LYS D 122 -16.98 -23.79 -40.19
CA LYS D 122 -17.68 -24.92 -40.84
C LYS D 122 -17.13 -26.28 -40.43
N ASN D 123 -15.81 -26.40 -40.44
CA ASN D 123 -15.13 -27.68 -40.16
C ASN D 123 -14.98 -28.01 -38.68
N GLY D 124 -15.54 -27.18 -37.80
CA GLY D 124 -15.47 -27.42 -36.35
C GLY D 124 -14.31 -26.75 -35.64
N ASN D 125 -13.50 -25.98 -36.37
CA ASN D 125 -12.46 -25.19 -35.74
C ASN D 125 -13.06 -24.15 -34.81
N VAL D 126 -12.34 -23.86 -33.73
CA VAL D 126 -12.76 -22.88 -32.75
C VAL D 126 -11.68 -21.82 -32.59
N LEU D 127 -12.11 -20.57 -32.50
CA LEU D 127 -11.25 -19.47 -32.07
C LEU D 127 -11.81 -18.96 -30.77
N TYR D 128 -10.98 -18.93 -29.73
CA TYR D 128 -11.38 -18.49 -28.41
C TYR D 128 -10.40 -17.44 -27.93
N SER D 129 -10.86 -16.19 -27.85
CA SER D 129 -10.02 -15.10 -27.33
C SER D 129 -10.58 -14.59 -26.03
N ILE D 130 -9.69 -14.42 -25.06
CA ILE D 130 -10.07 -13.94 -23.74
C ILE D 130 -9.06 -12.90 -23.23
N ARG D 131 -9.56 -11.83 -22.62
CA ARG D 131 -8.71 -10.76 -22.14
C ARG D 131 -8.30 -11.01 -20.70
N LEU D 132 -7.01 -10.90 -20.44
CA LEU D 132 -6.46 -11.21 -19.11
C LEU D 132 -5.43 -10.18 -18.67
N THR D 133 -5.50 -9.80 -17.40
CA THR D 133 -4.42 -9.09 -16.75
C THR D 133 -3.64 -10.14 -15.97
N LEU D 134 -2.34 -10.23 -16.26
CA LEU D 134 -1.46 -11.16 -15.56
C LEU D 134 -0.30 -10.39 -14.92
N THR D 135 0.03 -10.78 -13.69
CA THR D 135 1.29 -10.41 -13.07
C THR D 135 2.16 -11.67 -13.10
N LEU D 136 3.29 -11.59 -13.79
CA LEU D 136 4.14 -12.73 -14.02
C LEU D 136 5.47 -12.52 -13.33
N SER D 137 6.03 -13.60 -12.79
CA SER D 137 7.31 -13.52 -12.10
C SER D 137 8.42 -13.48 -13.15
N CYS D 138 9.39 -12.60 -12.91
CA CYS D 138 10.53 -12.43 -13.79
C CYS D 138 11.75 -12.25 -12.89
N PRO D 139 12.41 -13.36 -12.54
CA PRO D 139 13.70 -13.32 -11.83
C PRO D 139 14.72 -12.49 -12.59
N MET D 140 15.37 -11.57 -11.91
CA MET D 140 16.25 -10.60 -12.56
C MET D 140 17.69 -10.76 -12.13
N ASP D 141 18.58 -10.54 -13.09
CA ASP D 141 20.02 -10.53 -12.84
C ASP D 141 20.50 -9.08 -12.83
N LEU D 142 20.71 -8.53 -11.64
CA LEU D 142 21.06 -7.12 -11.52
C LEU D 142 22.56 -6.83 -11.52
N LYS D 143 23.38 -7.80 -11.95
CA LYS D 143 24.86 -7.65 -11.94
C LYS D 143 25.31 -6.39 -12.68
N ASN D 144 24.63 -6.02 -13.77
CA ASN D 144 25.02 -4.85 -14.56
C ASN D 144 24.12 -3.63 -14.41
N PHE D 145 23.30 -3.61 -13.36
CA PHE D 145 22.38 -2.49 -13.13
C PHE D 145 23.17 -1.20 -12.91
N PRO D 146 22.79 -0.09 -13.55
CA PRO D 146 21.59 0.06 -14.33
C PRO D 146 21.80 -0.05 -15.84
N MET D 147 22.85 -0.74 -16.26
CA MET D 147 23.07 -0.99 -17.68
C MET D 147 22.67 -2.42 -18.03
N ASP D 148 21.74 -2.97 -17.24
CA ASP D 148 21.32 -4.35 -17.35
C ASP D 148 20.26 -4.51 -18.43
N VAL D 149 20.06 -5.76 -18.82
CA VAL D 149 19.00 -6.13 -19.73
C VAL D 149 18.38 -7.42 -19.17
N GLN D 150 17.07 -7.39 -18.96
CA GLN D 150 16.39 -8.51 -18.35
C GLN D 150 15.68 -9.34 -19.39
N THR D 151 15.38 -10.59 -19.01
CA THR D 151 14.63 -11.51 -19.86
C THR D 151 13.45 -12.01 -19.05
N CYS D 152 12.27 -11.54 -19.37
CA CYS D 152 11.07 -11.92 -18.64
C CYS D 152 10.26 -12.88 -19.48
N ILE D 153 9.78 -13.96 -18.86
CA ILE D 153 9.11 -15.02 -19.60
C ILE D 153 7.62 -15.10 -19.29
N MET D 154 6.93 -15.96 -20.01
CA MET D 154 5.51 -16.18 -19.85
C MET D 154 5.22 -17.58 -20.33
N GLN D 155 4.84 -18.46 -19.41
CA GLN D 155 4.64 -19.86 -19.72
C GLN D 155 3.17 -20.23 -19.80
N LEU D 156 2.75 -20.79 -20.94
CA LEU D 156 1.39 -21.26 -21.13
C LEU D 156 1.41 -22.76 -20.99
N GLU D 157 0.68 -23.29 -20.02
CA GLU D 157 0.78 -24.69 -19.64
C GLU D 157 -0.60 -25.30 -19.44
N SER D 158 -0.71 -26.61 -19.61
CA SER D 158 -1.94 -27.32 -19.25
C SER D 158 -1.82 -27.85 -17.84
N PHE D 159 -2.89 -27.70 -17.05
CA PHE D 159 -2.86 -28.15 -15.68
C PHE D 159 -3.23 -29.64 -15.51
N GLY D 160 -4.27 -30.07 -16.20
CA GLY D 160 -4.85 -31.39 -16.00
C GLY D 160 -4.63 -32.40 -17.12
N TYR D 161 -4.39 -31.90 -18.34
CA TYR D 161 -4.20 -32.76 -19.51
C TYR D 161 -2.72 -33.05 -19.72
N THR D 162 -2.37 -34.34 -19.84
CA THR D 162 -1.02 -34.75 -20.17
C THR D 162 -0.79 -34.68 -21.68
N MET D 163 0.47 -34.79 -22.07
CA MET D 163 0.89 -34.66 -23.48
C MET D 163 0.22 -35.62 -24.45
N ASN D 164 -0.38 -36.69 -23.94
CA ASN D 164 -1.13 -37.63 -24.78
C ASN D 164 -2.59 -37.22 -25.01
N ASP D 165 -3.09 -36.22 -24.28
CA ASP D 165 -4.44 -35.69 -24.49
C ASP D 165 -4.47 -34.27 -25.04
N LEU D 166 -3.44 -33.47 -24.77
CA LEU D 166 -3.46 -32.04 -25.11
C LEU D 166 -2.06 -31.50 -25.36
N ILE D 167 -1.89 -30.76 -26.46
CA ILE D 167 -0.60 -30.19 -26.86
C ILE D 167 -0.73 -28.72 -27.29
N PHE D 168 -0.01 -27.83 -26.61
CA PHE D 168 0.04 -26.41 -26.99
C PHE D 168 1.22 -26.17 -27.94
N GLU D 169 1.03 -25.17 -28.78
CA GLU D 169 1.99 -24.81 -29.80
C GLU D 169 1.75 -23.34 -30.16
N TRP D 170 2.82 -22.57 -30.31
CA TRP D 170 2.68 -21.21 -30.81
C TRP D 170 2.25 -21.25 -32.28
N GLN D 171 1.43 -20.27 -32.66
CA GLN D 171 1.03 -20.07 -34.04
C GLN D 171 2.24 -19.89 -34.94
N ASP D 172 2.12 -20.27 -36.21
CA ASP D 172 3.22 -20.09 -37.15
C ASP D 172 3.42 -18.61 -37.48
N GLU D 173 2.37 -17.95 -37.97
CA GLU D 173 2.44 -16.53 -38.37
C GLU D 173 2.03 -15.59 -37.22
N ALA D 174 2.99 -14.77 -36.77
CA ALA D 174 2.75 -13.67 -35.81
C ALA D 174 2.09 -14.12 -34.52
N PRO D 175 2.79 -14.96 -33.74
CA PRO D 175 2.21 -15.48 -32.50
C PRO D 175 2.09 -14.45 -31.39
N VAL D 176 2.94 -13.43 -31.40
CA VAL D 176 2.93 -12.40 -30.38
C VAL D 176 2.86 -11.03 -31.04
N GLN D 177 1.68 -10.41 -31.01
CA GLN D 177 1.50 -9.05 -31.51
C GLN D 177 1.59 -8.08 -30.35
N VAL D 178 2.04 -6.86 -30.64
CA VAL D 178 2.15 -5.81 -29.63
C VAL D 178 1.40 -4.58 -30.10
N ALA D 179 0.60 -3.99 -29.21
CA ALA D 179 -0.21 -2.83 -29.54
C ALA D 179 0.63 -1.69 -30.10
N GLU D 180 0.10 -1.02 -31.11
CA GLU D 180 0.80 0.06 -31.79
C GLU D 180 1.06 1.21 -30.84
N GLY D 181 2.29 1.70 -30.83
CA GLY D 181 2.70 2.82 -29.99
C GLY D 181 2.88 2.50 -28.52
N LEU D 182 2.96 1.21 -28.17
CA LEU D 182 3.13 0.80 -26.79
C LEU D 182 4.57 1.07 -26.36
N THR D 183 4.75 1.85 -25.32
CA THR D 183 6.08 2.14 -24.78
C THR D 183 6.16 1.83 -23.30
N LEU D 184 7.39 1.65 -22.83
CA LEU D 184 7.68 1.47 -21.42
C LEU D 184 8.58 2.64 -21.02
N PRO D 185 8.39 3.19 -19.81
CA PRO D 185 9.17 4.39 -19.45
C PRO D 185 10.63 4.12 -19.04
N GLN D 186 10.87 2.95 -18.42
CA GLN D 186 12.19 2.56 -17.93
C GLN D 186 12.94 1.62 -18.87
N PHE D 187 12.22 0.86 -19.69
CA PHE D 187 12.81 -0.16 -20.56
C PHE D 187 12.50 0.04 -22.04
N LEU D 188 13.27 -0.65 -22.89
CA LEU D 188 12.96 -0.79 -24.30
C LEU D 188 12.64 -2.26 -24.51
N LEU D 189 11.45 -2.54 -25.02
CA LEU D 189 11.03 -3.90 -25.31
C LEU D 189 11.53 -4.26 -26.70
N LYS D 190 12.42 -5.25 -26.78
CA LYS D 190 13.03 -5.60 -28.07
C LYS D 190 12.04 -6.34 -28.97
N GLU D 191 12.15 -6.05 -30.26
CA GLU D 191 11.25 -6.57 -31.28
C GLU D 191 11.26 -8.10 -31.31
N GLU D 192 12.43 -8.70 -31.17
CA GLU D 192 12.54 -10.16 -31.22
C GLU D 192 12.12 -10.81 -29.90
N LYS D 193 11.06 -11.62 -29.97
CA LYS D 193 10.65 -12.48 -28.88
C LYS D 193 11.10 -13.90 -29.18
N ASP D 194 11.68 -14.56 -28.20
CA ASP D 194 12.06 -15.97 -28.35
C ASP D 194 10.87 -16.81 -27.97
N LEU D 195 10.61 -17.85 -28.76
CA LEU D 195 9.60 -18.83 -28.43
C LEU D 195 10.30 -20.14 -28.14
N ARG D 196 9.78 -20.90 -27.20
CA ARG D 196 10.35 -22.23 -26.92
C ARG D 196 9.38 -23.13 -26.15
N TYR D 197 9.86 -24.30 -25.74
CA TYR D 197 9.08 -25.25 -24.98
C TYR D 197 9.56 -25.32 -23.54
N CYS D 198 8.63 -25.37 -22.60
CA CYS D 198 8.94 -25.56 -21.19
C CYS D 198 8.40 -26.92 -20.70
N THR D 199 8.16 -27.85 -21.63
CA THR D 199 7.48 -29.12 -21.31
C THR D 199 7.80 -29.64 -19.92
N LYS D 200 6.77 -29.73 -19.08
CA LYS D 200 6.96 -30.02 -17.66
C LYS D 200 6.81 -31.51 -17.35
N HIS D 201 7.69 -32.01 -16.49
CA HIS D 201 7.57 -33.37 -15.93
C HIS D 201 7.38 -33.30 -14.43
N TYR D 202 6.17 -33.59 -13.97
CA TYR D 202 5.88 -33.66 -12.54
C TYR D 202 5.68 -35.12 -12.18
N ASN D 203 5.50 -35.40 -10.88
CA ASN D 203 5.10 -36.74 -10.44
C ASN D 203 3.66 -37.12 -10.83
N THR D 204 2.89 -36.15 -11.32
CA THR D 204 1.55 -36.39 -11.82
C THR D 204 1.54 -36.67 -13.32
N GLY D 205 2.69 -36.47 -13.98
CA GLY D 205 2.81 -36.76 -15.40
C GLY D 205 3.62 -35.73 -16.16
N LYS D 206 3.53 -35.82 -17.48
CA LYS D 206 4.23 -34.95 -18.41
C LYS D 206 3.23 -33.97 -19.02
N PHE D 207 3.50 -32.67 -18.93
CA PHE D 207 2.51 -31.66 -19.31
C PHE D 207 3.03 -30.68 -20.34
N THR D 208 2.21 -30.39 -21.36
CA THR D 208 2.57 -29.42 -22.39
C THR D 208 2.74 -28.02 -21.81
N CYS D 209 3.71 -27.30 -22.35
CA CYS D 209 4.05 -25.99 -21.88
C CYS D 209 4.83 -25.31 -22.99
N ILE D 210 4.38 -24.13 -23.39
CA ILE D 210 5.10 -23.30 -24.34
C ILE D 210 5.40 -21.97 -23.66
N GLU D 211 6.45 -21.31 -24.13
CA GLU D 211 7.04 -20.19 -23.41
C GLU D 211 7.33 -19.07 -24.41
N VAL D 212 7.27 -17.82 -23.95
CA VAL D 212 7.73 -16.69 -24.76
C VAL D 212 8.61 -15.81 -23.89
N ARG D 213 9.74 -15.37 -24.45
CA ARG D 213 10.68 -14.55 -23.71
C ARG D 213 10.74 -13.16 -24.30
N PHE D 214 10.47 -12.17 -23.47
CA PHE D 214 10.62 -10.78 -23.86
C PHE D 214 11.96 -10.27 -23.35
N HIS D 215 12.67 -9.49 -24.15
CA HIS D 215 13.94 -8.90 -23.74
C HIS D 215 13.77 -7.41 -23.43
N LEU D 216 14.13 -7.02 -22.22
CA LEU D 216 13.92 -5.65 -21.76
C LEU D 216 15.24 -4.96 -21.48
N GLU D 217 15.62 -4.05 -22.35
CA GLU D 217 16.83 -3.27 -22.19
C GLU D 217 16.53 -2.03 -21.37
N ARG D 218 17.18 -1.88 -20.22
CA ARG D 218 16.92 -0.73 -19.36
C ARG D 218 17.46 0.53 -20.02
N GLN D 219 16.65 1.58 -20.02
CA GLN D 219 17.05 2.87 -20.60
C GLN D 219 18.01 3.59 -19.66
N MET D 220 19.12 4.05 -20.22
CA MET D 220 20.24 4.57 -19.45
C MET D 220 20.07 6.05 -19.06
N GLY D 221 19.27 6.78 -19.84
CA GLY D 221 19.15 8.23 -19.68
C GLY D 221 18.80 8.74 -18.30
N TYR D 222 17.85 8.08 -17.64
CA TYR D 222 17.45 8.47 -16.29
C TYR D 222 18.61 8.44 -15.32
N TYR D 223 19.47 7.44 -15.45
CA TYR D 223 20.57 7.22 -14.50
C TYR D 223 21.73 8.18 -14.69
N LEU D 224 21.90 8.68 -15.90
CA LEU D 224 22.88 9.74 -16.13
C LEU D 224 22.51 10.97 -15.31
N ILE D 225 21.24 11.35 -15.34
CA ILE D 225 20.78 12.57 -14.70
C ILE D 225 20.63 12.43 -13.19
N GLN D 226 20.15 11.29 -12.71
CA GLN D 226 19.79 11.17 -11.30
C GLN D 226 20.79 10.34 -10.48
N MET D 227 21.80 9.76 -11.12
CA MET D 227 22.77 8.92 -10.40
C MET D 227 24.23 9.24 -10.74
N TYR D 228 24.57 9.24 -12.03
CA TYR D 228 25.95 9.40 -12.48
C TYR D 228 26.43 10.85 -12.45
N ILE D 229 25.62 11.78 -12.94
CA ILE D 229 26.00 13.19 -12.90
C ILE D 229 26.06 13.76 -11.48
N PRO D 230 25.04 13.50 -10.63
CA PRO D 230 25.15 14.04 -9.27
C PRO D 230 26.29 13.44 -8.43
N SER D 231 26.75 12.24 -8.77
CA SER D 231 27.93 11.66 -8.13
C SER D 231 29.21 12.34 -8.67
N LEU D 232 29.17 12.72 -9.94
CA LEU D 232 30.25 13.48 -10.56
C LEU D 232 30.42 14.84 -9.87
N LEU D 233 29.30 15.46 -9.50
CA LEU D 233 29.31 16.70 -8.70
C LEU D 233 30.11 16.54 -7.42
N ILE D 234 29.77 15.53 -6.64
CA ILE D 234 30.36 15.35 -5.31
C ILE D 234 31.85 15.10 -5.41
N VAL D 235 32.27 14.39 -6.47
CA VAL D 235 33.68 14.15 -6.70
C VAL D 235 34.39 15.44 -7.09
N ILE D 236 33.83 16.20 -8.03
CA ILE D 236 34.38 17.49 -8.44
C ILE D 236 34.39 18.50 -7.29
N LEU D 237 33.32 18.52 -6.52
CA LEU D 237 33.24 19.36 -5.33
C LEU D 237 34.36 19.03 -4.36
N SER D 238 34.66 17.74 -4.20
CA SER D 238 35.72 17.31 -3.29
C SER D 238 37.07 17.91 -3.65
N TRP D 239 37.29 18.19 -4.94
CA TRP D 239 38.57 18.69 -5.42
C TRP D 239 38.83 20.14 -5.11
N VAL D 240 37.79 20.93 -4.81
CA VAL D 240 38.02 22.36 -4.54
C VAL D 240 38.85 22.56 -3.27
N SER D 241 38.81 21.57 -2.38
CA SER D 241 39.68 21.52 -1.21
C SER D 241 41.17 21.75 -1.58
N PHE D 242 41.60 21.21 -2.71
CA PHE D 242 43.00 21.30 -3.13
C PHE D 242 43.43 22.72 -3.48
N TRP D 243 42.48 23.59 -3.78
CA TRP D 243 42.77 25.00 -4.04
C TRP D 243 42.55 25.89 -2.81
N ILE D 244 42.13 25.29 -1.70
CA ILE D 244 41.92 26.03 -0.46
C ILE D 244 43.22 26.05 0.32
N ASN D 245 43.42 27.11 1.08
CA ASN D 245 44.60 27.30 1.90
C ASN D 245 44.78 26.16 2.91
N MET D 246 45.97 25.58 2.97
CA MET D 246 46.27 24.48 3.92
C MET D 246 46.11 24.87 5.38
N ASP D 247 46.19 26.16 5.68
CA ASP D 247 45.97 26.69 7.04
C ASP D 247 44.50 26.62 7.48
N ALA D 248 43.57 26.63 6.52
CA ALA D 248 42.13 26.57 6.82
C ALA D 248 41.64 25.14 7.00
N ALA D 249 42.03 24.52 8.12
CA ALA D 249 41.66 23.15 8.41
C ALA D 249 40.16 22.94 8.51
N PRO D 250 39.45 23.81 9.28
CA PRO D 250 38.00 23.59 9.41
C PRO D 250 37.25 23.63 8.08
N ALA D 251 37.74 24.45 7.15
CA ALA D 251 37.13 24.55 5.82
C ALA D 251 37.40 23.31 4.99
N ARG D 252 38.66 22.86 4.98
CA ARG D 252 39.07 21.70 4.17
C ARG D 252 38.57 20.36 4.71
N VAL D 253 38.45 20.25 6.03
CA VAL D 253 37.84 19.08 6.67
C VAL D 253 36.33 19.09 6.44
N ALA D 254 35.72 20.27 6.56
CA ALA D 254 34.30 20.43 6.28
C ALA D 254 33.95 19.90 4.89
N LEU D 255 34.72 20.33 3.89
CA LEU D 255 34.53 19.86 2.51
C LEU D 255 34.68 18.34 2.42
N GLY D 256 35.72 17.82 3.05
CA GLY D 256 36.03 16.39 3.00
C GLY D 256 34.96 15.52 3.62
N ILE D 257 34.50 15.90 4.81
CA ILE D 257 33.43 15.16 5.47
C ILE D 257 32.17 15.20 4.63
N THR D 258 31.68 16.40 4.36
CA THR D 258 30.38 16.56 3.71
C THR D 258 30.31 15.94 2.32
N THR D 259 31.43 15.85 1.60
CA THR D 259 31.44 15.13 0.33
C THR D 259 31.37 13.62 0.55
N VAL D 260 32.13 13.11 1.51
CA VAL D 260 32.04 11.69 1.85
C VAL D 260 30.61 11.32 2.26
N LEU D 261 30.02 12.11 3.16
CA LEU D 261 28.68 11.82 3.67
C LEU D 261 27.62 11.98 2.59
N THR D 262 27.74 13.01 1.77
CA THR D 262 26.81 13.17 0.65
C THR D 262 26.92 11.96 -0.26
N MET D 263 28.14 11.50 -0.46
CA MET D 263 28.41 10.38 -1.34
C MET D 263 27.83 9.06 -0.78
N THR D 264 27.82 8.91 0.54
CA THR D 264 27.24 7.71 1.15
C THR D 264 25.72 7.71 1.12
N THR D 265 25.08 8.86 1.32
CA THR D 265 23.62 8.95 1.27
C THR D 265 23.12 8.85 -0.16
N GLN D 266 23.91 9.36 -1.10
CA GLN D 266 23.69 9.15 -2.52
C GLN D 266 23.68 7.65 -2.83
N SER D 267 24.69 6.95 -2.31
CA SER D 267 24.91 5.53 -2.58
C SER D 267 23.78 4.66 -2.05
N SER D 268 23.39 4.90 -0.79
CA SER D 268 22.33 4.12 -0.17
C SER D 268 20.94 4.57 -0.64
N GLY D 269 20.83 5.81 -1.11
CA GLY D 269 19.60 6.29 -1.73
C GLY D 269 19.22 5.45 -2.94
N SER D 270 20.21 5.15 -3.78
CA SER D 270 19.99 4.36 -4.99
C SER D 270 19.74 2.86 -4.72
N ARG D 271 20.35 2.33 -3.65
CA ARG D 271 20.13 0.94 -3.22
C ARG D 271 18.72 0.69 -2.64
N ALA D 272 18.00 1.76 -2.33
CA ALA D 272 16.66 1.67 -1.71
C ALA D 272 15.58 1.16 -2.66
N SER D 273 15.79 1.39 -3.96
CA SER D 273 14.82 1.02 -4.97
C SER D 273 14.95 -0.44 -5.48
N LEU D 274 15.90 -1.19 -4.94
CA LEU D 274 16.25 -2.52 -5.43
C LEU D 274 16.01 -3.59 -4.39
N PRO D 275 15.97 -4.86 -4.81
CA PRO D 275 15.90 -5.94 -3.83
C PRO D 275 17.24 -6.11 -3.13
N LYS D 276 17.26 -6.88 -2.05
CA LYS D 276 18.47 -7.05 -1.25
C LYS D 276 19.26 -8.26 -1.73
N VAL D 277 19.75 -8.16 -2.95
CA VAL D 277 20.60 -9.18 -3.53
C VAL D 277 21.97 -9.15 -2.87
N SER D 278 22.62 -10.32 -2.84
CA SER D 278 23.93 -10.49 -2.21
C SER D 278 25.05 -10.66 -3.23
N TYR D 279 25.00 -9.90 -4.33
CA TYR D 279 26.11 -9.87 -5.29
C TYR D 279 26.44 -8.42 -5.69
N VAL D 280 27.64 -8.23 -6.21
CA VAL D 280 28.10 -6.89 -6.59
C VAL D 280 27.49 -6.48 -7.91
N LYS D 281 26.82 -5.34 -7.91
CA LYS D 281 26.22 -4.78 -9.11
C LYS D 281 27.16 -3.74 -9.68
N ALA D 282 26.89 -3.27 -10.89
CA ALA D 282 27.72 -2.25 -11.52
C ALA D 282 27.64 -0.91 -10.78
N ILE D 283 26.44 -0.55 -10.33
CA ILE D 283 26.23 0.66 -9.55
C ILE D 283 27.02 0.66 -8.23
N ASP D 284 27.25 -0.53 -7.66
CA ASP D 284 28.04 -0.65 -6.44
C ASP D 284 29.50 -0.28 -6.69
N ILE D 285 30.04 -0.69 -7.84
CA ILE D 285 31.43 -0.44 -8.19
C ILE D 285 31.64 1.06 -8.37
N TRP D 286 30.73 1.69 -9.09
CA TRP D 286 30.78 3.12 -9.34
C TRP D 286 30.73 3.90 -8.04
N MET D 287 29.74 3.62 -7.20
CA MET D 287 29.63 4.30 -5.91
C MET D 287 30.83 4.04 -5.02
N ALA D 288 31.40 2.84 -5.13
CA ALA D 288 32.57 2.50 -4.34
C ALA D 288 33.77 3.34 -4.76
N VAL D 289 34.02 3.42 -6.06
CA VAL D 289 35.16 4.16 -6.58
C VAL D 289 34.97 5.65 -6.36
N CYS D 290 33.79 6.18 -6.63
CA CYS D 290 33.50 7.59 -6.32
C CYS D 290 33.78 7.90 -4.86
N LEU D 291 33.36 7.01 -3.98
CA LEU D 291 33.56 7.18 -2.55
C LEU D 291 35.04 7.05 -2.16
N LEU D 292 35.78 6.25 -2.93
CA LEU D 292 37.22 6.13 -2.75
C LEU D 292 37.93 7.43 -3.07
N PHE D 293 37.56 8.05 -4.20
CA PHE D 293 38.12 9.33 -4.63
C PHE D 293 37.79 10.49 -3.67
N VAL D 294 36.59 10.45 -3.12
CA VAL D 294 36.13 11.47 -2.19
C VAL D 294 36.79 11.29 -0.81
N PHE D 295 37.01 10.02 -0.43
CA PHE D 295 37.65 9.66 0.84
C PHE D 295 39.16 9.90 0.78
N SER D 296 39.77 9.61 -0.36
CA SER D 296 41.19 9.85 -0.58
C SER D 296 41.54 11.33 -0.49
N ALA D 297 40.63 12.17 -0.96
CA ALA D 297 40.80 13.62 -0.90
C ALA D 297 40.87 14.13 0.54
N LEU D 298 40.08 13.54 1.43
CA LEU D 298 40.11 13.89 2.86
C LEU D 298 41.43 13.40 3.48
N LEU D 299 41.80 12.16 3.20
CA LEU D 299 43.09 11.63 3.62
C LEU D 299 44.22 12.47 3.08
N GLU D 300 44.03 13.02 1.87
CA GLU D 300 45.03 13.90 1.29
C GLU D 300 45.28 15.10 2.20
N TYR D 301 44.22 15.74 2.70
CA TYR D 301 44.41 16.88 3.60
C TYR D 301 44.99 16.46 4.94
N ALA D 302 44.50 15.34 5.49
CA ALA D 302 45.09 14.80 6.71
C ALA D 302 46.60 14.69 6.55
N ALA D 303 47.06 14.23 5.40
CA ALA D 303 48.49 14.17 5.09
C ALA D 303 49.08 15.56 5.02
N VAL D 304 48.46 16.45 4.25
CA VAL D 304 48.93 17.83 4.12
C VAL D 304 49.05 18.50 5.49
N ASN D 305 48.01 18.38 6.29
CA ASN D 305 47.99 18.95 7.64
C ASN D 305 49.08 18.36 8.53
N PHE D 306 49.27 17.05 8.43
CA PHE D 306 50.21 16.34 9.30
C PHE D 306 51.68 16.57 8.96
N VAL D 307 52.03 16.62 7.68
CA VAL D 307 53.43 16.80 7.29
C VAL D 307 53.91 18.22 7.55
N SER D 308 52.97 19.16 7.60
CA SER D 308 53.29 20.57 7.83
C SER D 308 53.17 21.03 9.30
N ARG D 309 53.15 20.10 10.26
CA ARG D 309 52.98 20.44 11.68
C ARG D 309 53.98 21.51 12.13
N ALA D 310 55.27 21.18 12.08
CA ALA D 310 56.31 22.16 12.32
C ALA D 310 56.22 23.16 11.18
N GLY D 311 56.17 24.45 11.51
CA GLY D 311 55.94 25.49 10.51
C GLY D 311 57.13 25.87 9.64
N THR D 312 58.05 24.92 9.43
CA THR D 312 59.31 25.18 8.72
C THR D 312 59.17 24.99 7.22
N LYS D 313 59.92 25.79 6.46
CA LYS D 313 59.78 25.84 5.00
C LYS D 313 59.89 24.48 4.31
N VAL D 314 60.84 23.66 4.74
CA VAL D 314 61.07 22.35 4.11
C VAL D 314 59.83 21.46 4.19
N PHE D 315 59.13 21.53 5.31
CA PHE D 315 57.92 20.75 5.55
C PHE D 315 56.69 21.42 4.93
N ILE D 316 56.61 22.75 4.98
CA ILE D 316 55.54 23.51 4.32
C ILE D 316 55.60 23.27 2.81
N ASP D 317 56.81 23.25 2.25
CA ASP D 317 57.01 22.98 0.82
C ASP D 317 56.57 21.58 0.45
N ARG D 318 56.87 20.62 1.30
CA ARG D 318 56.50 19.22 1.08
C ARG D 318 54.98 19.05 1.05
N ALA D 319 54.30 19.73 1.97
CA ALA D 319 52.83 19.74 2.01
C ALA D 319 52.24 20.41 0.76
N LYS D 320 52.83 21.54 0.35
CA LYS D 320 52.38 22.26 -0.84
C LYS D 320 52.48 21.39 -2.10
N LYS D 321 53.54 20.56 -2.18
CA LYS D 321 53.73 19.64 -3.31
C LYS D 321 52.64 18.57 -3.36
N ILE D 322 52.20 18.11 -2.19
CA ILE D 322 51.10 17.14 -2.12
C ILE D 322 49.83 17.74 -2.75
N ASP D 323 49.53 19.00 -2.45
CA ASP D 323 48.39 19.70 -3.05
C ASP D 323 48.52 19.90 -4.56
N THR D 324 49.68 20.35 -5.03
CA THR D 324 49.84 20.66 -6.47
C THR D 324 49.82 19.38 -7.31
N ILE D 325 50.40 18.30 -6.80
CA ILE D 325 50.28 16.99 -7.44
C ILE D 325 48.82 16.53 -7.47
N SER D 326 48.12 16.73 -6.34
CA SER D 326 46.70 16.33 -6.21
C SER D 326 45.78 17.00 -7.22
N ARG D 327 45.99 18.29 -7.48
CA ARG D 327 45.17 19.03 -8.45
C ARG D 327 45.18 18.43 -9.85
N ALA D 328 46.31 17.84 -10.23
CA ALA D 328 46.46 17.19 -11.54
C ALA D 328 46.04 15.73 -11.47
N CYS D 329 46.59 15.01 -10.51
CA CYS D 329 46.40 13.56 -10.44
C CYS D 329 44.99 13.10 -10.11
N PHE D 330 44.31 13.80 -9.19
CA PHE D 330 42.97 13.37 -8.80
C PHE D 330 42.01 13.37 -10.00
N PRO D 331 41.90 14.52 -10.70
CA PRO D 331 41.04 14.53 -11.89
C PRO D 331 41.53 13.57 -12.97
N LEU D 332 42.83 13.56 -13.22
CA LEU D 332 43.40 12.69 -14.24
C LEU D 332 43.07 11.22 -13.94
N ALA D 333 43.23 10.81 -12.68
CA ALA D 333 42.95 9.43 -12.27
C ALA D 333 41.46 9.13 -12.39
N PHE D 334 40.64 10.09 -12.01
CA PHE D 334 39.18 9.92 -12.09
C PHE D 334 38.71 9.84 -13.55
N LEU D 335 39.38 10.57 -14.43
CA LEU D 335 39.09 10.50 -15.88
C LEU D 335 39.46 9.13 -16.42
N ILE D 336 40.64 8.62 -16.03
CA ILE D 336 41.07 7.28 -16.42
C ILE D 336 40.09 6.22 -15.93
N PHE D 337 39.61 6.36 -14.69
CA PHE D 337 38.63 5.41 -14.16
C PHE D 337 37.37 5.40 -15.02
N ASN D 338 36.86 6.57 -15.37
CA ASN D 338 35.69 6.68 -16.23
C ASN D 338 35.86 6.00 -17.57
N ILE D 339 37.03 6.18 -18.19
CA ILE D 339 37.32 5.52 -19.46
C ILE D 339 37.14 4.01 -19.24
N PHE D 340 37.84 3.45 -18.26
CA PHE D 340 37.76 2.01 -17.97
C PHE D 340 36.33 1.55 -17.69
N TYR D 341 35.66 2.23 -16.77
CA TYR D 341 34.30 1.85 -16.35
C TYR D 341 33.33 1.81 -17.52
N TRP D 342 33.26 2.90 -18.27
CA TRP D 342 32.31 3.01 -19.39
C TRP D 342 32.65 2.03 -20.52
N VAL D 343 33.94 1.90 -20.84
CA VAL D 343 34.38 0.94 -21.86
C VAL D 343 33.99 -0.50 -21.49
N ILE D 344 34.22 -0.89 -20.24
CA ILE D 344 33.90 -2.25 -19.78
C ILE D 344 32.42 -2.58 -19.92
N TYR D 345 31.57 -1.74 -19.36
CA TYR D 345 30.11 -2.02 -19.32
C TYR D 345 29.39 -1.69 -20.62
N LYS D 346 29.73 -0.56 -21.26
CA LYS D 346 29.13 -0.18 -22.55
C LYS D 346 30.07 -0.47 -23.76
N ILE D 347 30.78 -1.60 -23.72
CA ILE D 347 31.62 -2.04 -24.85
C ILE D 347 32.42 -3.31 -24.54
N MET E 8 -18.82 -48.58 -23.16
CA MET E 8 -19.75 -47.60 -22.50
C MET E 8 -19.30 -46.16 -22.77
N SER E 9 -20.25 -45.29 -23.10
CA SER E 9 -19.92 -43.88 -23.38
C SER E 9 -19.50 -43.19 -22.08
N PRO E 10 -18.53 -42.26 -22.17
CA PRO E 10 -18.07 -41.55 -20.98
C PRO E 10 -19.21 -40.87 -20.19
N SER E 11 -20.14 -40.24 -20.90
CA SER E 11 -21.24 -39.53 -20.26
C SER E 11 -22.07 -40.45 -19.38
N ASP E 12 -22.36 -41.66 -19.87
CA ASP E 12 -23.10 -42.66 -19.09
C ASP E 12 -22.28 -43.22 -17.94
N PHE E 13 -20.98 -43.43 -18.17
CA PHE E 13 -20.09 -43.93 -17.13
C PHE E 13 -20.01 -42.97 -15.93
N LEU E 14 -19.83 -41.69 -16.21
CA LEU E 14 -19.81 -40.67 -15.14
C LEU E 14 -21.17 -40.57 -14.45
N ASP E 15 -22.23 -40.80 -15.20
CA ASP E 15 -23.58 -40.79 -14.66
C ASP E 15 -23.82 -41.97 -13.69
N LYS E 16 -23.28 -43.14 -14.04
CA LYS E 16 -23.43 -44.36 -13.23
C LYS E 16 -22.48 -44.40 -12.04
N LEU E 17 -21.35 -43.70 -12.14
CA LEU E 17 -20.31 -43.74 -11.10
C LEU E 17 -20.52 -42.72 -9.99
N MET E 18 -20.80 -41.48 -10.38
CA MET E 18 -20.99 -40.37 -9.43
C MET E 18 -22.11 -39.38 -9.77
N GLY E 19 -22.90 -39.67 -10.81
CA GLY E 19 -23.94 -38.74 -11.27
C GLY E 19 -25.33 -39.11 -10.78
N ARG E 20 -26.35 -38.71 -11.54
CA ARG E 20 -27.76 -38.94 -11.19
C ARG E 20 -28.04 -40.40 -10.83
N THR E 21 -27.79 -41.31 -11.76
CA THR E 21 -28.12 -42.73 -11.57
C THR E 21 -27.16 -43.50 -10.64
N SER E 22 -26.15 -42.83 -10.09
CA SER E 22 -25.11 -43.50 -9.31
C SER E 22 -25.50 -43.75 -7.86
N GLY E 23 -26.30 -42.85 -7.30
CA GLY E 23 -26.65 -42.91 -5.89
C GLY E 23 -25.50 -42.60 -4.96
N TYR E 24 -24.46 -41.97 -5.51
CA TYR E 24 -23.29 -41.54 -4.75
C TYR E 24 -23.65 -40.31 -3.94
N ASP E 25 -23.19 -40.24 -2.70
CA ASP E 25 -23.42 -39.08 -1.85
C ASP E 25 -22.10 -38.53 -1.35
N ALA E 26 -21.73 -37.35 -1.85
CA ALA E 26 -20.44 -36.73 -1.49
C ALA E 26 -20.39 -36.21 -0.06
N ARG E 27 -21.52 -36.26 0.64
CA ARG E 27 -21.57 -35.90 2.06
C ARG E 27 -21.15 -37.05 2.97
N ILE E 28 -20.88 -38.21 2.37
CA ILE E 28 -20.46 -39.39 3.10
C ILE E 28 -19.05 -39.78 2.67
N ARG E 29 -18.17 -39.97 3.66
CA ARG E 29 -16.78 -40.33 3.40
C ARG E 29 -16.66 -41.78 2.97
N PRO E 30 -15.51 -42.13 2.37
CA PRO E 30 -15.19 -43.54 2.11
C PRO E 30 -15.15 -44.38 3.38
N ASN E 31 -15.80 -45.54 3.35
CA ASN E 31 -15.86 -46.45 4.50
C ASN E 31 -16.33 -45.74 5.77
N PHE E 32 -17.48 -45.10 5.71
CA PHE E 32 -17.87 -44.17 6.79
C PHE E 32 -18.14 -44.88 8.12
N LYS E 33 -18.57 -46.13 8.08
CA LYS E 33 -18.71 -46.92 9.30
C LYS E 33 -17.41 -47.57 9.72
N GLY E 34 -16.42 -47.57 8.83
CA GLY E 34 -15.14 -48.22 9.07
C GLY E 34 -14.06 -47.30 9.63
N PRO E 35 -12.78 -47.66 9.41
CA PRO E 35 -11.66 -46.87 9.93
C PRO E 35 -11.49 -45.53 9.19
N PRO E 36 -10.62 -44.64 9.72
CA PRO E 36 -10.46 -43.32 9.12
C PRO E 36 -9.94 -43.37 7.70
N VAL E 37 -10.27 -42.35 6.91
CA VAL E 37 -9.76 -42.26 5.55
C VAL E 37 -8.29 -41.85 5.64
N GLN E 38 -7.43 -42.65 5.04
CA GLN E 38 -5.99 -42.38 5.02
C GLN E 38 -5.68 -41.54 3.79
N VAL E 39 -5.37 -40.27 4.01
CA VAL E 39 -5.01 -39.37 2.94
C VAL E 39 -3.50 -39.23 2.92
N THR E 40 -2.95 -39.15 1.71
CA THR E 40 -1.50 -39.04 1.50
C THR E 40 -1.21 -37.77 0.72
N CYS E 41 -0.52 -36.84 1.36
CA CYS E 41 -0.26 -35.54 0.78
C CYS E 41 1.15 -35.44 0.23
N ASN E 42 1.31 -34.63 -0.82
CA ASN E 42 2.62 -34.18 -1.26
C ASN E 42 2.47 -32.82 -1.95
N ILE E 43 3.49 -31.98 -1.85
CA ILE E 43 3.44 -30.65 -2.46
C ILE E 43 4.57 -30.45 -3.46
N PHE E 44 4.26 -29.78 -4.57
CA PHE E 44 5.27 -29.27 -5.48
C PHE E 44 5.33 -27.77 -5.22
N ILE E 45 6.52 -27.24 -4.95
CA ILE E 45 6.69 -25.83 -4.65
C ILE E 45 7.09 -25.10 -5.92
N ASN E 46 6.11 -24.44 -6.52
CA ASN E 46 6.27 -23.74 -7.79
C ASN E 46 6.98 -22.40 -7.61
N SER E 47 6.77 -21.77 -6.45
CA SER E 47 7.50 -20.55 -6.10
C SER E 47 7.50 -20.37 -4.59
N PHE E 48 8.46 -19.57 -4.11
CA PHE E 48 8.72 -19.41 -2.68
C PHE E 48 9.36 -18.04 -2.50
N GLY E 49 8.71 -17.16 -1.76
CA GLY E 49 9.22 -15.79 -1.66
C GLY E 49 8.44 -14.89 -0.73
N SER E 50 8.58 -13.58 -0.95
CA SER E 50 7.95 -12.57 -0.11
C SER E 50 8.17 -12.89 1.37
N ILE E 51 9.41 -13.21 1.73
CA ILE E 51 9.73 -13.53 3.12
C ILE E 51 9.91 -12.23 3.89
N ALA E 52 8.88 -11.86 4.63
CA ALA E 52 8.84 -10.56 5.30
C ALA E 52 9.12 -10.69 6.80
N GLU E 53 10.06 -9.89 7.28
CA GLU E 53 10.38 -9.85 8.69
C GLU E 53 9.34 -9.03 9.45
N THR E 54 8.87 -7.93 8.84
CA THR E 54 7.99 -6.98 9.51
C THR E 54 6.63 -7.60 9.80
N THR E 55 6.04 -8.17 8.77
CA THR E 55 4.74 -8.85 8.87
C THR E 55 4.91 -10.28 9.36
N MET E 56 6.14 -10.81 9.28
CA MET E 56 6.52 -12.07 9.91
C MET E 56 5.82 -13.26 9.23
N ASP E 57 5.98 -13.34 7.91
CA ASP E 57 5.29 -14.35 7.10
C ASP E 57 6.03 -14.56 5.78
N TYR E 58 5.54 -15.50 4.97
CA TYR E 58 6.14 -15.78 3.67
C TYR E 58 5.08 -16.31 2.73
N ARG E 59 5.40 -16.36 1.43
CA ARG E 59 4.43 -16.73 0.40
C ARG E 59 4.90 -17.86 -0.48
N VAL E 60 4.00 -18.78 -0.80
CA VAL E 60 4.31 -19.90 -1.69
C VAL E 60 3.21 -20.10 -2.70
N ASN E 61 3.58 -20.58 -3.88
CA ASN E 61 2.66 -21.09 -4.87
C ASN E 61 2.94 -22.57 -4.98
N ILE E 62 1.96 -23.40 -4.67
CA ILE E 62 2.16 -24.84 -4.63
C ILE E 62 1.13 -25.59 -5.46
N PHE E 63 1.46 -26.82 -5.84
CA PHE E 63 0.47 -27.80 -6.27
C PHE E 63 0.30 -28.75 -5.10
N LEU E 64 -0.89 -28.78 -4.52
CA LEU E 64 -1.20 -29.67 -3.41
C LEU E 64 -1.82 -30.94 -3.96
N ARG E 65 -1.14 -32.06 -3.73
CA ARG E 65 -1.64 -33.36 -4.17
C ARG E 65 -2.17 -34.11 -2.98
N GLN E 66 -3.38 -34.68 -3.11
CA GLN E 66 -3.95 -35.53 -2.09
C GLN E 66 -4.34 -36.85 -2.72
N LYS E 67 -4.10 -37.93 -1.98
CA LYS E 67 -4.42 -39.26 -2.45
C LYS E 67 -5.17 -40.02 -1.37
N TRP E 68 -6.27 -40.66 -1.76
CA TRP E 68 -7.05 -41.49 -0.86
C TRP E 68 -7.85 -42.48 -1.68
N ASN E 69 -8.37 -43.50 -1.02
CA ASN E 69 -9.17 -44.52 -1.70
C ASN E 69 -10.64 -44.33 -1.44
N ASP E 70 -11.42 -44.32 -2.51
CA ASP E 70 -12.87 -44.29 -2.42
C ASP E 70 -13.43 -45.52 -3.17
N PRO E 71 -13.74 -46.61 -2.43
CA PRO E 71 -14.22 -47.82 -3.12
C PRO E 71 -15.46 -47.58 -4.01
N ARG E 72 -16.23 -46.55 -3.73
CA ARG E 72 -17.36 -46.17 -4.59
C ARG E 72 -16.94 -45.80 -6.02
N LEU E 73 -15.71 -45.31 -6.19
CA LEU E 73 -15.22 -44.85 -7.48
C LEU E 73 -14.40 -45.89 -8.23
N ALA E 74 -14.32 -47.10 -7.68
CA ALA E 74 -13.67 -48.20 -8.37
C ALA E 74 -14.50 -48.52 -9.62
N TYR E 75 -13.81 -48.92 -10.69
CA TYR E 75 -14.48 -49.23 -11.97
C TYR E 75 -13.85 -50.44 -12.67
N SER E 76 -14.67 -51.12 -13.47
CA SER E 76 -14.21 -52.21 -14.34
C SER E 76 -14.55 -51.98 -15.83
N GLU E 77 -15.35 -50.96 -16.13
CA GLU E 77 -15.89 -50.74 -17.47
C GLU E 77 -14.82 -50.46 -18.52
N TYR E 78 -13.66 -49.96 -18.09
CA TYR E 78 -12.55 -49.72 -18.99
C TYR E 78 -11.29 -50.45 -18.49
N PRO E 79 -10.45 -50.90 -19.43
CA PRO E 79 -9.19 -51.55 -19.08
C PRO E 79 -8.10 -50.57 -18.61
N ASP E 80 -8.35 -49.27 -18.79
CA ASP E 80 -7.40 -48.23 -18.43
C ASP E 80 -7.16 -48.27 -16.92
N ASP E 81 -5.88 -48.23 -16.52
CA ASP E 81 -5.48 -48.20 -15.10
C ASP E 81 -5.98 -46.96 -14.38
N SER E 82 -5.99 -45.83 -15.08
CA SER E 82 -6.56 -44.60 -14.53
C SER E 82 -7.36 -43.84 -15.58
N LEU E 83 -8.28 -42.99 -15.10
CA LEU E 83 -9.03 -42.08 -15.95
C LEU E 83 -8.77 -40.66 -15.50
N ASP E 84 -8.33 -39.82 -16.43
CA ASP E 84 -8.17 -38.38 -16.17
C ASP E 84 -9.53 -37.70 -16.39
N LEU E 85 -10.14 -37.23 -15.31
CA LEU E 85 -11.48 -36.63 -15.35
C LEU E 85 -11.48 -35.10 -15.34
N ASP E 86 -12.55 -34.53 -15.90
CA ASP E 86 -12.76 -33.09 -15.91
C ASP E 86 -13.01 -32.59 -14.49
N PRO E 87 -12.29 -31.52 -14.06
CA PRO E 87 -12.37 -31.05 -12.68
C PRO E 87 -13.75 -30.64 -12.18
N SER E 88 -14.70 -30.40 -13.09
CA SER E 88 -16.10 -30.16 -12.71
C SER E 88 -16.66 -31.32 -11.88
N MET E 89 -16.16 -32.52 -12.12
CA MET E 89 -16.57 -33.70 -11.35
C MET E 89 -16.06 -33.74 -9.91
N LEU E 90 -15.12 -32.86 -9.55
CA LEU E 90 -14.67 -32.75 -8.16
C LEU E 90 -15.79 -32.33 -7.22
N ASP E 91 -16.72 -31.51 -7.71
CA ASP E 91 -17.89 -31.11 -6.93
C ASP E 91 -18.82 -32.29 -6.64
N SER E 92 -18.82 -33.28 -7.53
CA SER E 92 -19.68 -34.47 -7.37
C SER E 92 -19.12 -35.55 -6.45
N ILE E 93 -17.86 -35.48 -6.07
CA ILE E 93 -17.25 -36.52 -5.22
C ILE E 93 -16.85 -36.01 -3.85
N TRP E 94 -16.75 -36.93 -2.89
CA TRP E 94 -16.24 -36.63 -1.56
C TRP E 94 -14.76 -36.32 -1.67
N LYS E 95 -14.30 -35.37 -0.87
CA LYS E 95 -12.86 -35.06 -0.77
C LYS E 95 -12.51 -34.48 0.59
N PRO E 96 -11.25 -34.61 1.03
CA PRO E 96 -10.87 -34.16 2.36
C PRO E 96 -11.01 -32.65 2.51
N ASP E 97 -11.16 -32.17 3.74
CA ASP E 97 -11.37 -30.76 4.00
C ASP E 97 -10.09 -30.08 4.51
N LEU E 98 -8.97 -30.44 3.87
CA LEU E 98 -7.66 -29.97 4.27
C LEU E 98 -7.63 -28.45 4.26
N PHE E 99 -7.11 -27.87 5.33
CA PHE E 99 -6.85 -26.43 5.36
C PHE E 99 -5.48 -26.17 5.95
N PHE E 100 -4.94 -24.99 5.69
CA PHE E 100 -3.61 -24.64 6.17
C PHE E 100 -3.70 -23.85 7.48
N ALA E 101 -3.32 -24.51 8.57
CA ALA E 101 -3.60 -24.01 9.91
C ALA E 101 -2.93 -22.67 10.21
N ASN E 102 -1.77 -22.44 9.61
CA ASN E 102 -1.02 -21.19 9.83
C ASN E 102 -1.06 -20.26 8.62
N GLU E 103 -2.17 -20.29 7.89
CA GLU E 103 -2.33 -19.48 6.69
C GLU E 103 -2.99 -18.14 7.02
N LYS E 104 -2.35 -17.06 6.58
CA LYS E 104 -2.91 -15.72 6.74
C LYS E 104 -3.79 -15.37 5.55
N GLY E 105 -3.34 -15.74 4.36
CA GLY E 105 -4.14 -15.59 3.13
C GLY E 105 -3.95 -16.79 2.22
N ALA E 106 -5.01 -17.19 1.54
CA ALA E 106 -4.96 -18.33 0.62
C ALA E 106 -5.92 -18.09 -0.51
N ASN E 107 -5.55 -18.52 -1.71
CA ASN E 107 -6.48 -18.48 -2.83
C ASN E 107 -6.26 -19.58 -3.85
N PHE E 108 -7.32 -19.88 -4.58
CA PHE E 108 -7.26 -20.79 -5.70
C PHE E 108 -6.84 -20.01 -6.94
N HIS E 109 -6.59 -20.73 -8.03
CA HIS E 109 -6.27 -20.13 -9.31
C HIS E 109 -7.29 -20.57 -10.32
N GLU E 110 -7.88 -19.60 -11.03
CA GLU E 110 -9.01 -19.85 -11.89
C GLU E 110 -8.81 -19.40 -13.33
N VAL E 111 -7.62 -18.90 -13.67
CA VAL E 111 -7.31 -18.45 -15.02
C VAL E 111 -6.44 -19.51 -15.68
N THR E 112 -6.79 -19.99 -16.89
CA THR E 112 -7.99 -19.61 -17.63
C THR E 112 -9.18 -20.50 -17.28
N THR E 113 -8.90 -21.61 -16.59
CA THR E 113 -9.94 -22.43 -15.97
C THR E 113 -9.44 -22.77 -14.57
N ASP E 114 -10.27 -23.43 -13.77
CA ASP E 114 -9.85 -23.82 -12.42
C ASP E 114 -8.60 -24.67 -12.55
N ASN E 115 -7.53 -24.27 -11.85
CA ASN E 115 -6.28 -25.01 -11.85
C ASN E 115 -6.39 -26.22 -10.93
N LYS E 116 -7.10 -27.23 -11.41
CA LYS E 116 -7.36 -28.45 -10.65
C LYS E 116 -7.17 -29.69 -11.50
N LEU E 117 -6.94 -30.81 -10.83
CA LEU E 117 -6.67 -32.06 -11.49
C LEU E 117 -7.42 -33.15 -10.76
N LEU E 118 -8.16 -33.96 -11.49
CA LEU E 118 -8.81 -35.15 -10.92
C LEU E 118 -8.42 -36.38 -11.72
N ARG E 119 -7.98 -37.42 -11.02
CA ARG E 119 -7.64 -38.69 -11.64
C ARG E 119 -8.09 -39.80 -10.72
N ILE E 120 -8.85 -40.74 -11.26
CA ILE E 120 -9.29 -41.92 -10.50
C ILE E 120 -8.72 -43.20 -11.11
N PHE E 121 -8.51 -44.21 -10.28
CA PHE E 121 -7.90 -45.48 -10.70
C PHE E 121 -8.89 -46.63 -10.61
N LYS E 122 -8.57 -47.76 -11.26
CA LYS E 122 -9.43 -48.97 -11.27
C LYS E 122 -9.96 -49.34 -9.89
N ASN E 123 -9.07 -49.32 -8.90
CA ASN E 123 -9.42 -49.73 -7.54
C ASN E 123 -10.12 -48.66 -6.70
N GLY E 124 -10.42 -47.51 -7.29
CA GLY E 124 -11.11 -46.43 -6.59
C GLY E 124 -10.19 -45.41 -5.95
N ASN E 125 -8.89 -45.55 -6.12
CA ASN E 125 -7.96 -44.52 -5.67
C ASN E 125 -8.20 -43.21 -6.39
N VAL E 126 -7.97 -42.10 -5.70
CA VAL E 126 -8.14 -40.78 -6.26
C VAL E 126 -6.83 -40.00 -6.12
N LEU E 127 -6.47 -39.28 -7.17
CA LEU E 127 -5.42 -38.26 -7.12
C LEU E 127 -6.08 -36.91 -7.36
N TYR E 128 -5.90 -35.99 -6.43
CA TYR E 128 -6.50 -34.68 -6.52
C TYR E 128 -5.41 -33.63 -6.32
N SER E 129 -5.06 -32.91 -7.39
CA SER E 129 -4.08 -31.85 -7.31
C SER E 129 -4.74 -30.51 -7.55
N ILE E 130 -4.43 -29.55 -6.70
CA ILE E 130 -4.97 -28.20 -6.80
C ILE E 130 -3.88 -27.17 -6.56
N ARG E 131 -3.90 -26.12 -7.36
CA ARG E 131 -2.89 -25.06 -7.28
C ARG E 131 -3.34 -23.96 -6.32
N LEU E 132 -2.45 -23.59 -5.40
CA LEU E 132 -2.78 -22.64 -4.36
C LEU E 132 -1.65 -21.64 -4.15
N THR E 133 -2.02 -20.37 -3.98
CA THR E 133 -1.11 -19.37 -3.44
C THR E 133 -1.45 -19.23 -1.96
N LEU E 134 -0.45 -19.42 -1.10
CA LEU E 134 -0.63 -19.29 0.34
C LEU E 134 0.35 -18.28 0.90
N THR E 135 -0.14 -17.45 1.81
CA THR E 135 0.71 -16.64 2.68
C THR E 135 0.64 -17.30 4.05
N LEU E 136 1.79 -17.76 4.54
CA LEU E 136 1.85 -18.51 5.77
C LEU E 136 2.62 -17.73 6.80
N SER E 137 2.19 -17.82 8.05
CA SER E 137 2.88 -17.13 9.14
C SER E 137 4.14 -17.90 9.52
N CYS E 138 5.22 -17.17 9.72
CA CYS E 138 6.50 -17.74 10.11
C CYS E 138 7.11 -16.82 11.16
N PRO E 139 6.83 -17.09 12.45
CA PRO E 139 7.45 -16.38 13.56
C PRO E 139 8.95 -16.50 13.49
N MET E 140 9.66 -15.37 13.62
CA MET E 140 11.08 -15.33 13.39
C MET E 140 11.86 -14.95 14.63
N ASP E 141 13.02 -15.58 14.79
CA ASP E 141 13.95 -15.28 15.88
C ASP E 141 15.08 -14.45 15.30
N LEU E 142 15.05 -13.14 15.52
CA LEU E 142 16.03 -12.25 14.93
C LEU E 142 17.26 -11.98 15.81
N LYS E 143 17.48 -12.80 16.84
CA LYS E 143 18.62 -12.64 17.76
C LYS E 143 19.97 -12.52 17.05
N ASN E 144 20.16 -13.28 15.96
CA ASN E 144 21.43 -13.29 15.23
C ASN E 144 21.41 -12.54 13.90
N PHE E 145 20.40 -11.72 13.67
CA PHE E 145 20.26 -10.98 12.42
C PHE E 145 21.45 -10.04 12.25
N PRO E 146 22.07 -9.99 11.07
CA PRO E 146 21.62 -10.66 9.85
C PRO E 146 22.35 -11.96 9.54
N MET E 147 22.89 -12.62 10.55
CA MET E 147 23.51 -13.93 10.36
C MET E 147 22.56 -15.02 10.85
N ASP E 148 21.26 -14.73 10.82
CA ASP E 148 20.24 -15.62 11.36
C ASP E 148 19.84 -16.67 10.34
N VAL E 149 19.16 -17.68 10.84
CA VAL E 149 18.57 -18.72 10.00
C VAL E 149 17.17 -18.99 10.57
N GLN E 150 16.16 -18.89 9.71
CA GLN E 150 14.79 -19.05 10.15
C GLN E 150 14.27 -20.43 9.82
N THR E 151 13.20 -20.82 10.51
CA THR E 151 12.50 -22.07 10.26
C THR E 151 11.03 -21.75 10.04
N CYS E 152 10.58 -21.83 8.80
CA CYS E 152 9.21 -21.50 8.46
C CYS E 152 8.44 -22.78 8.20
N ILE E 153 7.24 -22.88 8.75
CA ILE E 153 6.47 -24.12 8.68
C ILE E 153 5.23 -23.98 7.80
N MET E 154 4.55 -25.10 7.62
CA MET E 154 3.35 -25.17 6.81
C MET E 154 2.55 -26.36 7.31
N GLN E 155 1.41 -26.08 7.92
CA GLN E 155 0.61 -27.12 8.55
C GLN E 155 -0.62 -27.48 7.72
N LEU E 156 -0.75 -28.76 7.39
CA LEU E 156 -1.91 -29.28 6.67
C LEU E 156 -2.81 -30.00 7.67
N GLU E 157 -4.04 -29.51 7.83
CA GLU E 157 -4.90 -29.94 8.92
C GLU E 157 -6.32 -30.19 8.42
N SER E 158 -7.07 -31.03 9.10
CA SER E 158 -8.49 -31.21 8.82
C SER E 158 -9.29 -30.30 9.73
N PHE E 159 -10.30 -29.62 9.19
CA PHE E 159 -11.09 -28.71 9.99
C PHE E 159 -12.24 -29.40 10.71
N GLY E 160 -12.94 -30.29 10.01
CA GLY E 160 -14.19 -30.88 10.51
C GLY E 160 -14.13 -32.34 10.91
N TYR E 161 -13.17 -33.08 10.34
CA TYR E 161 -13.03 -34.52 10.58
C TYR E 161 -12.06 -34.77 11.70
N THR E 162 -12.48 -35.55 12.70
CA THR E 162 -11.59 -35.95 13.79
C THR E 162 -10.76 -37.16 13.37
N MET E 163 -9.75 -37.47 14.19
CA MET E 163 -8.79 -38.55 13.90
C MET E 163 -9.41 -39.93 13.67
N ASN E 164 -10.65 -40.12 14.11
CA ASN E 164 -11.34 -41.38 13.88
C ASN E 164 -12.06 -41.46 12.54
N ASP E 165 -12.15 -40.33 11.82
CA ASP E 165 -12.75 -40.31 10.48
C ASP E 165 -11.76 -39.98 9.36
N LEU E 166 -10.68 -39.25 9.66
CA LEU E 166 -9.76 -38.76 8.64
C LEU E 166 -8.35 -38.57 9.18
N ILE E 167 -7.36 -39.09 8.45
CA ILE E 167 -5.95 -39.03 8.85
C ILE E 167 -5.04 -38.61 7.70
N PHE E 168 -4.32 -37.50 7.87
CA PHE E 168 -3.32 -37.06 6.89
C PHE E 168 -1.95 -37.64 7.21
N GLU E 169 -1.17 -37.83 6.15
CA GLU E 169 0.14 -38.42 6.24
C GLU E 169 0.95 -37.94 5.04
N TRP E 170 2.22 -37.59 5.24
CA TRP E 170 3.09 -37.27 4.11
C TRP E 170 3.36 -38.53 3.32
N GLN E 171 3.47 -38.37 2.01
CA GLN E 171 3.87 -39.45 1.11
C GLN E 171 5.22 -40.03 1.52
N ASP E 172 5.44 -41.31 1.23
CA ASP E 172 6.73 -41.93 1.53
C ASP E 172 7.82 -41.38 0.62
N GLU E 173 7.63 -41.49 -0.69
CA GLU E 173 8.65 -41.06 -1.67
C GLU E 173 8.40 -39.62 -2.15
N ALA E 174 9.35 -38.73 -1.84
CA ALA E 174 9.40 -37.36 -2.35
C ALA E 174 8.13 -36.55 -2.06
N PRO E 175 7.85 -36.29 -0.77
CA PRO E 175 6.64 -35.59 -0.39
C PRO E 175 6.67 -34.11 -0.74
N VAL E 176 7.86 -33.51 -0.77
CA VAL E 176 8.00 -32.09 -1.05
C VAL E 176 8.99 -31.90 -2.21
N GLN E 177 8.47 -31.60 -3.41
CA GLN E 177 9.31 -31.30 -4.56
C GLN E 177 9.43 -29.78 -4.68
N VAL E 178 10.55 -29.33 -5.24
CA VAL E 178 10.79 -27.92 -5.46
C VAL E 178 11.16 -27.69 -6.92
N ALA E 179 10.55 -26.67 -7.52
CA ALA E 179 10.75 -26.38 -8.95
C ALA E 179 12.22 -26.19 -9.27
N GLU E 180 12.64 -26.70 -10.42
CA GLU E 180 14.05 -26.63 -10.84
C GLU E 180 14.47 -25.18 -11.03
N GLY E 181 15.62 -24.82 -10.47
CA GLY E 181 16.18 -23.48 -10.60
C GLY E 181 15.49 -22.41 -9.77
N LEU E 182 14.69 -22.82 -8.79
CA LEU E 182 14.02 -21.89 -7.91
C LEU E 182 15.01 -21.28 -6.94
N THR E 183 15.14 -19.95 -6.93
CA THR E 183 16.04 -19.26 -6.00
C THR E 183 15.31 -18.19 -5.21
N LEU E 184 15.90 -17.83 -4.08
CA LEU E 184 15.43 -16.73 -3.26
C LEU E 184 16.57 -15.70 -3.21
N PRO E 185 16.23 -14.40 -3.27
CA PRO E 185 17.31 -13.39 -3.32
C PRO E 185 18.03 -13.12 -1.98
N GLN E 186 17.29 -13.23 -0.88
CA GLN E 186 17.81 -12.93 0.46
C GLN E 186 18.20 -14.18 1.25
N PHE E 187 17.61 -15.32 0.90
CA PHE E 187 17.84 -16.56 1.66
C PHE E 187 18.34 -17.71 0.79
N LEU E 188 18.86 -18.74 1.45
CA LEU E 188 19.14 -20.03 0.82
C LEU E 188 18.19 -21.03 1.44
N LEU E 189 17.39 -21.68 0.60
CA LEU E 189 16.46 -22.69 1.05
C LEU E 189 17.18 -24.02 1.13
N LYS E 190 17.31 -24.58 2.34
CA LYS E 190 18.07 -25.80 2.54
C LYS E 190 17.34 -27.01 1.98
N GLU E 191 18.12 -27.93 1.41
CA GLU E 191 17.61 -29.12 0.75
C GLU E 191 16.77 -29.99 1.70
N GLU E 192 17.20 -30.12 2.95
CA GLU E 192 16.50 -30.96 3.92
C GLU E 192 15.28 -30.24 4.50
N LYS E 193 14.09 -30.80 4.23
CA LYS E 193 12.85 -30.39 4.87
C LYS E 193 12.51 -31.39 5.97
N ASP E 194 12.14 -30.88 7.14
CA ASP E 194 11.70 -31.74 8.24
C ASP E 194 10.23 -31.97 8.06
N LEU E 195 9.79 -33.21 8.25
CA LEU E 195 8.37 -33.55 8.28
C LEU E 195 8.02 -33.99 9.68
N ARG E 196 6.82 -33.65 10.13
CA ARG E 196 6.37 -34.08 11.46
C ARG E 196 4.86 -33.99 11.63
N TYR E 197 4.38 -34.27 12.83
CA TYR E 197 2.97 -34.18 13.15
C TYR E 197 2.67 -32.99 14.04
N CYS E 198 1.58 -32.28 13.75
CA CYS E 198 1.10 -31.18 14.59
C CYS E 198 -0.24 -31.54 15.24
N THR E 199 -0.55 -32.84 15.33
CA THR E 199 -1.87 -33.31 15.76
C THR E 199 -2.51 -32.39 16.80
N LYS E 200 -3.65 -31.80 16.44
CA LYS E 200 -4.28 -30.75 17.25
C LYS E 200 -5.35 -31.32 18.19
N HIS E 201 -5.35 -30.82 19.43
CA HIS E 201 -6.42 -31.11 20.39
C HIS E 201 -7.15 -29.82 20.74
N TYR E 202 -8.37 -29.66 20.23
CA TYR E 202 -9.22 -28.54 20.57
C TYR E 202 -10.34 -29.02 21.47
N ASN E 203 -11.15 -28.10 21.98
CA ASN E 203 -12.35 -28.48 22.73
C ASN E 203 -13.44 -29.12 21.84
N THR E 204 -13.25 -29.05 20.51
CA THR E 204 -14.15 -29.69 19.56
C THR E 204 -13.69 -31.09 19.20
N GLY E 205 -12.48 -31.45 19.61
CA GLY E 205 -11.95 -32.77 19.38
C GLY E 205 -10.47 -32.80 19.02
N LYS E 206 -10.04 -33.96 18.54
CA LYS E 206 -8.66 -34.22 18.17
C LYS E 206 -8.59 -34.29 16.65
N PHE E 207 -7.72 -33.49 16.06
CA PHE E 207 -7.70 -33.33 14.60
C PHE E 207 -6.33 -33.63 14.00
N THR E 208 -6.34 -34.37 12.88
CA THR E 208 -5.11 -34.68 12.16
C THR E 208 -4.46 -33.43 11.60
N CYS E 209 -3.14 -33.43 11.62
CA CYS E 209 -2.36 -32.29 11.21
C CYS E 209 -0.94 -32.82 10.95
N ILE E 210 -0.43 -32.54 9.75
CA ILE E 210 0.95 -32.84 9.39
C ILE E 210 1.61 -31.53 9.02
N GLU E 211 2.94 -31.49 9.17
CA GLU E 211 3.69 -30.25 9.13
C GLU E 211 4.93 -30.46 8.28
N VAL E 212 5.38 -29.41 7.61
CA VAL E 212 6.69 -29.43 6.94
C VAL E 212 7.46 -28.18 7.33
N ARG E 213 8.74 -28.33 7.64
CA ARG E 213 9.57 -27.20 8.04
C ARG E 213 10.64 -26.93 7.00
N PHE E 214 10.67 -25.70 6.48
CA PHE E 214 11.70 -25.26 5.57
C PHE E 214 12.73 -24.46 6.38
N HIS E 215 14.01 -24.67 6.09
CA HIS E 215 15.07 -23.91 6.77
C HIS E 215 15.66 -22.87 5.83
N LEU E 216 15.64 -21.62 6.27
CA LEU E 216 16.04 -20.50 5.43
C LEU E 216 17.26 -19.80 6.02
N GLU E 217 18.41 -20.00 5.41
CA GLU E 217 19.64 -19.37 5.84
C GLU E 217 19.79 -18.02 5.13
N ARG E 218 19.86 -16.94 5.90
CA ARG E 218 19.97 -15.62 5.31
C ARG E 218 21.33 -15.46 4.67
N GLN E 219 21.34 -14.94 3.44
CA GLN E 219 22.59 -14.68 2.73
C GLN E 219 23.27 -13.42 3.27
N MET E 220 24.55 -13.56 3.56
CA MET E 220 25.32 -12.56 4.28
C MET E 220 25.86 -11.44 3.39
N GLY E 221 26.02 -11.74 2.10
CA GLY E 221 26.69 -10.84 1.17
C GLY E 221 26.13 -9.43 1.10
N TYR E 222 24.82 -9.31 1.06
CA TYR E 222 24.17 -7.99 1.02
C TYR E 222 24.58 -7.10 2.19
N TYR E 223 24.69 -7.70 3.38
CA TYR E 223 24.96 -6.96 4.61
C TYR E 223 26.41 -6.51 4.76
N LEU E 224 27.33 -7.24 4.13
CA LEU E 224 28.71 -6.78 4.07
C LEU E 224 28.79 -5.45 3.34
N ILE E 225 28.10 -5.37 2.21
CA ILE E 225 28.18 -4.20 1.35
C ILE E 225 27.36 -3.02 1.86
N GLN E 226 26.18 -3.28 2.41
CA GLN E 226 25.27 -2.19 2.73
C GLN E 226 25.17 -1.88 4.23
N MET E 227 25.85 -2.66 5.07
CA MET E 227 25.77 -2.45 6.52
C MET E 227 27.12 -2.46 7.23
N TYR E 228 27.90 -3.51 7.01
CA TYR E 228 29.18 -3.70 7.72
C TYR E 228 30.31 -2.85 7.15
N ILE E 229 30.45 -2.81 5.83
CA ILE E 229 31.49 -1.99 5.23
C ILE E 229 31.26 -0.48 5.42
N PRO E 230 30.03 0.02 5.17
CA PRO E 230 29.85 1.45 5.39
C PRO E 230 29.98 1.90 6.84
N SER E 231 29.78 0.99 7.79
CA SER E 231 30.02 1.31 9.20
C SER E 231 31.52 1.30 9.48
N LEU E 232 32.25 0.45 8.76
CA LEU E 232 33.71 0.43 8.82
C LEU E 232 34.29 1.75 8.33
N LEU E 233 33.68 2.34 7.30
CA LEU E 233 34.05 3.67 6.81
C LEU E 233 33.98 4.71 7.91
N ILE E 234 32.84 4.78 8.58
CA ILE E 234 32.61 5.84 9.57
C ILE E 234 33.59 5.72 10.73
N VAL E 235 33.93 4.48 11.10
CA VAL E 235 34.90 4.26 12.16
C VAL E 235 36.30 4.70 11.70
N ILE E 236 36.70 4.28 10.51
CA ILE E 236 38.00 4.68 9.94
C ILE E 236 38.07 6.19 9.73
N LEU E 237 36.99 6.77 9.25
CA LEU E 237 36.89 8.22 9.07
C LEU E 237 37.11 8.92 10.39
N SER E 238 36.54 8.37 11.46
CA SER E 238 36.67 8.97 12.79
C SER E 238 38.12 9.09 13.24
N TRP E 239 38.97 8.19 12.75
CA TRP E 239 40.38 8.15 13.15
C TRP E 239 41.24 9.23 12.53
N VAL E 240 40.81 9.84 11.42
CA VAL E 240 41.64 10.86 10.77
C VAL E 240 41.81 12.08 11.67
N SER E 241 40.86 12.28 12.59
CA SER E 241 40.96 13.31 13.63
C SER E 241 42.29 13.22 14.38
N PHE E 242 42.78 12.00 14.62
CA PHE E 242 44.03 11.80 15.38
C PHE E 242 45.28 12.32 14.65
N TRP E 243 45.20 12.47 13.34
CA TRP E 243 46.30 13.06 12.56
C TRP E 243 46.10 14.55 12.27
N ILE E 244 44.99 15.13 12.74
CA ILE E 244 44.72 16.55 12.58
C ILE E 244 45.33 17.31 13.76
N ASN E 245 45.72 18.55 13.49
CA ASN E 245 46.34 19.43 14.47
C ASN E 245 45.40 19.65 15.66
N MET E 246 45.93 19.48 16.87
CA MET E 246 45.14 19.67 18.09
C MET E 246 44.61 21.11 18.26
N ASP E 247 45.26 22.08 17.61
CA ASP E 247 44.80 23.47 17.62
C ASP E 247 43.53 23.70 16.80
N ALA E 248 43.28 22.83 15.82
CA ALA E 248 42.10 22.95 14.96
C ALA E 248 40.87 22.27 15.60
N ALA E 249 40.33 22.91 16.64
CA ALA E 249 39.18 22.37 17.36
C ALA E 249 37.94 22.24 16.49
N PRO E 250 37.58 23.30 15.75
CA PRO E 250 36.37 23.18 14.92
C PRO E 250 36.42 22.04 13.90
N ALA E 251 37.62 21.74 13.39
CA ALA E 251 37.80 20.65 12.44
C ALA E 251 37.66 19.29 13.13
N ARG E 252 38.33 19.13 14.28
CA ARG E 252 38.33 17.85 14.98
C ARG E 252 37.00 17.53 15.67
N VAL E 253 36.31 18.57 16.13
CA VAL E 253 34.96 18.40 16.67
C VAL E 253 33.98 18.11 15.54
N ALA E 254 34.15 18.81 14.42
CA ALA E 254 33.32 18.56 13.24
C ALA E 254 33.38 17.09 12.82
N LEU E 255 34.59 16.54 12.75
CA LEU E 255 34.77 15.13 12.42
C LEU E 255 34.09 14.23 13.44
N GLY E 256 34.29 14.54 14.72
CA GLY E 256 33.72 13.74 15.79
C GLY E 256 32.21 13.71 15.82
N ILE E 257 31.58 14.87 15.68
CA ILE E 257 30.13 14.96 15.66
C ILE E 257 29.62 14.18 14.46
N THR E 258 30.05 14.58 13.26
CA THR E 258 29.47 14.03 12.02
C THR E 258 29.66 12.52 11.87
N THR E 259 30.72 11.96 12.45
CA THR E 259 30.86 10.51 12.45
C THR E 259 29.89 9.86 13.42
N VAL E 260 29.73 10.43 14.61
CA VAL E 260 28.73 9.94 15.57
C VAL E 260 27.33 9.98 14.95
N LEU E 261 26.97 11.12 14.37
CA LEU E 261 25.64 11.30 13.80
C LEU E 261 25.42 10.42 12.57
N THR E 262 26.43 10.31 11.72
CA THR E 262 26.34 9.39 10.58
C THR E 262 26.12 7.97 11.08
N MET E 263 26.84 7.63 12.15
CA MET E 263 26.76 6.31 12.74
C MET E 263 25.39 6.01 13.36
N THR E 264 24.73 7.03 13.91
CA THR E 264 23.39 6.85 14.47
C THR E 264 22.31 6.71 13.39
N THR E 265 22.43 7.47 12.32
CA THR E 265 21.44 7.39 11.22
C THR E 265 21.65 6.09 10.42
N GLN E 266 22.89 5.65 10.33
CA GLN E 266 23.21 4.33 9.80
C GLN E 266 22.51 3.25 10.62
N SER E 267 22.62 3.37 11.94
CA SER E 267 22.08 2.39 12.87
C SER E 267 20.56 2.29 12.82
N SER E 268 19.90 3.44 12.83
CA SER E 268 18.43 3.47 12.79
C SER E 268 17.89 3.23 11.39
N GLY E 269 18.70 3.51 10.37
CA GLY E 269 18.36 3.17 8.99
C GLY E 269 18.15 1.67 8.82
N SER E 270 19.05 0.87 9.41
CA SER E 270 18.97 -0.60 9.33
C SER E 270 17.83 -1.20 10.19
N ARG E 271 17.50 -0.56 11.31
CA ARG E 271 16.39 -0.97 12.18
C ARG E 271 14.99 -0.72 11.56
N ALA E 272 14.94 0.08 10.48
CA ALA E 272 13.69 0.45 9.83
C ALA E 272 13.05 -0.69 9.03
N SER E 273 13.87 -1.64 8.60
CA SER E 273 13.41 -2.76 7.78
C SER E 273 12.91 -3.98 8.61
N LEU E 274 12.93 -3.86 9.93
CA LEU E 274 12.64 -4.97 10.84
C LEU E 274 11.41 -4.71 11.70
N PRO E 275 10.86 -5.76 12.32
CA PRO E 275 9.80 -5.54 13.29
C PRO E 275 10.36 -4.94 14.58
N LYS E 276 9.50 -4.44 15.44
CA LYS E 276 9.93 -3.77 16.66
C LYS E 276 10.01 -4.77 17.81
N VAL E 277 10.92 -5.73 17.66
CA VAL E 277 11.19 -6.72 18.70
C VAL E 277 11.91 -6.06 19.86
N SER E 278 11.71 -6.63 21.06
CA SER E 278 12.27 -6.09 22.29
C SER E 278 13.43 -6.95 22.82
N TYR E 279 14.26 -7.47 21.94
CA TYR E 279 15.47 -8.19 22.35
C TYR E 279 16.68 -7.73 21.54
N VAL E 280 17.88 -7.98 22.08
CA VAL E 280 19.11 -7.52 21.45
C VAL E 280 19.45 -8.45 20.28
N LYS E 281 19.62 -7.87 19.11
CA LYS E 281 20.01 -8.61 17.93
C LYS E 281 21.51 -8.45 17.73
N ALA E 282 22.09 -9.23 16.82
CA ALA E 282 23.53 -9.14 16.54
C ALA E 282 23.90 -7.80 15.91
N ILE E 283 23.06 -7.31 15.02
CA ILE E 283 23.26 -6.00 14.38
C ILE E 283 23.26 -4.85 15.41
N ASP E 284 22.51 -5.00 16.50
CA ASP E 284 22.50 -3.99 17.57
C ASP E 284 23.85 -3.90 18.27
N ILE E 285 24.49 -5.06 18.50
CA ILE E 285 25.77 -5.10 19.18
C ILE E 285 26.84 -4.43 18.33
N TRP E 286 26.84 -4.76 17.05
CA TRP E 286 27.79 -4.17 16.10
C TRP E 286 27.65 -2.66 16.05
N MET E 287 26.43 -2.17 15.83
CA MET E 287 26.17 -0.74 15.77
C MET E 287 26.50 -0.05 17.08
N ALA E 288 26.29 -0.75 18.20
CA ALA E 288 26.60 -0.20 19.51
C ALA E 288 28.11 -0.01 19.68
N VAL E 289 28.87 -1.05 19.34
CA VAL E 289 30.32 -0.98 19.48
C VAL E 289 30.94 0.00 18.49
N CYS E 290 30.50 -0.02 17.23
CA CYS E 290 30.95 0.99 16.26
C CYS E 290 30.70 2.39 16.77
N LEU E 291 29.54 2.61 17.36
CA LEU E 291 29.17 3.91 17.89
C LEU E 291 30.00 4.27 19.13
N LEU E 292 30.42 3.25 19.86
CA LEU E 292 31.30 3.42 21.02
C LEU E 292 32.68 3.92 20.58
N PHE E 293 33.23 3.29 19.55
CA PHE E 293 34.52 3.67 18.98
C PHE E 293 34.52 5.07 18.38
N VAL E 294 33.41 5.44 17.77
CA VAL E 294 33.25 6.74 17.13
C VAL E 294 33.04 7.83 18.19
N PHE E 295 32.34 7.47 19.27
CA PHE E 295 32.07 8.37 20.38
C PHE E 295 33.31 8.57 21.26
N SER E 296 34.07 7.50 21.45
CA SER E 296 35.31 7.55 22.22
C SER E 296 36.34 8.47 21.58
N ALA E 297 36.36 8.47 20.24
CA ALA E 297 37.26 9.33 19.48
C ALA E 297 36.98 10.82 19.71
N LEU E 298 35.71 11.18 19.85
CA LEU E 298 35.33 12.55 20.16
C LEU E 298 35.74 12.90 21.58
N LEU E 299 35.44 12.01 22.52
CA LEU E 299 35.90 12.16 23.91
C LEU E 299 37.41 12.26 23.97
N GLU E 300 38.09 11.53 23.08
CA GLU E 300 39.54 11.62 23.01
C GLU E 300 40.00 13.05 22.74
N TYR E 301 39.38 13.74 21.78
CA TYR E 301 39.76 15.12 21.51
C TYR E 301 39.36 16.05 22.64
N ALA E 302 38.18 15.87 23.21
CA ALA E 302 37.79 16.63 24.39
C ALA E 302 38.89 16.55 25.45
N ALA E 303 39.47 15.36 25.64
CA ALA E 303 40.58 15.19 26.57
C ALA E 303 41.83 15.93 26.07
N VAL E 304 42.19 15.73 24.81
CA VAL E 304 43.34 16.41 24.20
C VAL E 304 43.21 17.93 24.34
N ASN E 305 42.05 18.45 23.99
CA ASN E 305 41.77 19.88 24.09
C ASN E 305 41.85 20.39 25.53
N PHE E 306 41.31 19.61 26.46
CA PHE E 306 41.23 20.02 27.87
C PHE E 306 42.58 19.99 28.61
N VAL E 307 43.40 18.97 28.37
CA VAL E 307 44.69 18.86 29.08
C VAL E 307 45.69 19.90 28.58
N SER E 308 45.50 20.39 27.36
CA SER E 308 46.39 21.37 26.76
C SER E 308 45.92 22.83 26.87
N ARG E 309 45.00 23.12 27.79
CA ARG E 309 44.44 24.49 27.95
C ARG E 309 45.54 25.54 28.09
N ALA E 310 46.33 25.43 29.16
CA ALA E 310 47.52 26.26 29.31
C ALA E 310 48.48 25.85 28.21
N GLY E 311 48.99 26.82 27.45
CA GLY E 311 49.81 26.52 26.27
C GLY E 311 51.25 26.11 26.54
N THR E 312 51.50 25.52 27.71
CA THR E 312 52.86 25.18 28.16
C THR E 312 53.32 23.80 27.67
N LYS E 313 54.61 23.66 27.39
CA LYS E 313 55.17 22.45 26.77
C LYS E 313 54.83 21.15 27.50
N VAL E 314 54.89 21.16 28.83
CA VAL E 314 54.60 19.95 29.62
C VAL E 314 53.18 19.42 29.38
N PHE E 315 52.23 20.34 29.22
CA PHE E 315 50.83 19.99 28.98
C PHE E 315 50.56 19.71 27.51
N ILE E 316 51.20 20.47 26.63
CA ILE E 316 51.13 20.23 25.18
C ILE E 316 51.68 18.83 24.85
N ASP E 317 52.79 18.47 25.50
CA ASP E 317 53.38 17.14 25.33
C ASP E 317 52.45 16.03 25.80
N ARG E 318 51.78 16.26 26.93
CA ARG E 318 50.85 15.27 27.49
C ARG E 318 49.67 15.02 26.54
N ALA E 319 49.16 16.10 25.94
CA ALA E 319 48.09 16.01 24.94
C ALA E 319 48.55 15.29 23.67
N LYS E 320 49.76 15.60 23.22
CA LYS E 320 50.34 14.95 22.03
C LYS E 320 50.47 13.43 22.22
N LYS E 321 50.81 13.00 23.44
CA LYS E 321 50.93 11.57 23.76
C LYS E 321 49.57 10.86 23.67
N ILE E 322 48.51 11.54 24.07
CA ILE E 322 47.15 10.99 23.95
C ILE E 322 46.82 10.69 22.47
N ASP E 323 47.18 11.61 21.57
CA ASP E 323 46.99 11.40 20.13
C ASP E 323 47.83 10.25 19.57
N THR E 324 49.12 10.19 19.91
CA THR E 324 50.00 9.17 19.32
C THR E 324 49.62 7.77 19.81
N ILE E 325 49.24 7.66 21.08
CA ILE E 325 48.71 6.39 21.59
C ILE E 325 47.41 6.02 20.86
N SER E 326 46.54 7.01 20.64
CA SER E 326 45.25 6.80 19.98
C SER E 326 45.38 6.25 18.56
N ARG E 327 46.36 6.75 17.80
CA ARG E 327 46.59 6.29 16.43
C ARG E 327 46.86 4.79 16.33
N ALA E 328 47.49 4.23 17.35
CA ALA E 328 47.78 2.80 17.40
C ALA E 328 46.65 2.02 18.06
N CYS E 329 46.23 2.48 19.24
CA CYS E 329 45.27 1.73 20.05
C CYS E 329 43.85 1.65 19.49
N PHE E 330 43.36 2.75 18.90
CA PHE E 330 42.00 2.76 18.36
C PHE E 330 41.82 1.70 17.26
N PRO E 331 42.67 1.72 16.22
CA PRO E 331 42.57 0.66 15.22
C PRO E 331 42.84 -0.73 15.78
N LEU E 332 43.87 -0.85 16.61
CA LEU E 332 44.21 -2.14 17.19
C LEU E 332 43.05 -2.71 17.99
N ALA E 333 42.40 -1.87 18.79
CA ALA E 333 41.26 -2.29 19.61
C ALA E 333 40.07 -2.67 18.72
N PHE E 334 39.85 -1.88 17.68
CA PHE E 334 38.75 -2.15 16.75
C PHE E 334 38.99 -3.46 15.98
N LEU E 335 40.25 -3.74 15.67
CA LEU E 335 40.62 -5.00 15.01
C LEU E 335 40.35 -6.19 15.94
N ILE E 336 40.74 -6.06 17.20
CA ILE E 336 40.47 -7.08 18.22
C ILE E 336 38.96 -7.31 18.36
N PHE E 337 38.17 -6.23 18.37
CA PHE E 337 36.72 -6.38 18.46
C PHE E 337 36.16 -7.20 17.30
N ASN E 338 36.60 -6.89 16.08
CA ASN E 338 36.19 -7.63 14.89
C ASN E 338 36.51 -9.12 14.98
N ILE E 339 37.71 -9.45 15.47
CA ILE E 339 38.08 -10.85 15.66
C ILE E 339 37.02 -11.50 16.55
N PHE E 340 36.79 -10.93 17.73
CA PHE E 340 35.80 -11.48 18.68
C PHE E 340 34.41 -11.60 18.07
N TYR E 341 33.92 -10.51 17.49
CA TYR E 341 32.56 -10.47 16.93
C TYR E 341 32.34 -11.54 15.87
N TRP E 342 33.22 -11.58 14.88
CA TRP E 342 33.09 -12.52 13.77
C TRP E 342 33.27 -13.98 14.21
N VAL E 343 34.24 -14.22 15.09
CA VAL E 343 34.45 -15.57 15.64
C VAL E 343 33.22 -16.06 16.40
N ILE E 344 32.63 -15.21 17.24
CA ILE E 344 31.45 -15.60 18.03
C ILE E 344 30.28 -16.07 17.12
N TYR E 345 29.96 -15.33 16.06
CA TYR E 345 28.84 -15.69 15.17
C TYR E 345 29.24 -16.62 13.99
C11 7C6 F . -41.39 -17.55 11.86
C1 7C6 F . -40.42 -16.35 11.97
C2 7C6 F . -40.97 -15.09 11.27
C3 7C6 F . -42.02 -15.43 10.20
O1 7C6 F . -41.65 -15.66 9.04
N2 7C6 F . -43.39 -15.48 10.49
C12 7C6 F . -44.35 -15.81 9.41
C4 7C6 F . -43.84 -15.23 11.81
C5 7C6 F . -45.14 -15.57 12.19
C6 7C6 F . -45.57 -15.31 13.49
N3 7C6 F . -44.76 -14.75 14.37
C7 7C6 F . -43.51 -14.41 14.05
C8 7C6 F . -43.00 -14.63 12.77
C9 7C6 F . -41.54 -14.22 12.41
C10 7C6 F . -40.57 -14.52 13.56
N1 7C6 F . -40.18 -15.96 13.38
S1 7C6 F . -38.63 -16.27 13.91
O2 7C6 F . -38.27 -17.69 13.58
O3 7C6 F . -38.59 -16.06 15.39
C13 7C6 F . -37.46 -15.23 13.13
C14 7C6 F . -37.10 -14.01 13.70
C15 7C6 F . -36.16 -13.19 13.06
O4 7C6 F . -35.65 -11.98 13.39
C19 7C6 F . -34.41 -11.95 12.67
O5 7C6 F . -34.71 -12.62 11.47
C16 7C6 F . -35.58 -13.59 11.86
C17 7C6 F . -35.93 -14.82 11.32
C18 7C6 F . -36.86 -15.63 11.94
N GLY G . -28.94 -4.23 14.15
CA GLY G . -29.03 -3.53 12.83
C GLY G . -29.99 -2.37 12.93
O GLY G . -30.75 -2.34 13.87
OXT GLY G . -30.02 -1.46 12.11
C1 IVM H . 7.66 26.79 24.74
O1 IVM H . 10.85 24.81 23.66
C2 IVM H . 8.40 26.50 23.43
O2 IVM H . 4.74 21.77 26.52
C3 IVM H . 9.85 26.99 23.46
O3 IVM H . 1.49 24.35 25.31
C4 IVM H . 10.42 27.13 22.03
O4 IVM H . 0.27 21.96 26.31
C5 IVM H . 10.73 26.07 24.34
O5 IVM H . -3.22 24.41 25.89
C6 IVM H . 11.49 23.80 24.42
O6 IVM H . -4.09 21.89 24.60
C7 IVM H . 12.92 24.23 24.78
O7 IVM H . -1.61 20.57 26.83
C8 IVM H . 12.99 25.66 25.37
O8 IVM H . 3.36 22.09 28.41
C9 IVM H . 12.14 26.64 24.56
O9 IVM H . 8.52 16.90 20.58
C10 IVM H . 12.11 28.04 25.18
O10 IVM H . 8.98 16.49 17.99
C11 IVM H . 11.52 22.55 23.55
O11 IVM H . 10.05 21.86 20.68
C12 IVM H . 10.09 22.05 23.30
O12 IVM H . 10.09 20.78 22.66
C13 IVM H . 9.47 21.78 24.65
O13 IVM H . 7.48 20.24 20.00
C14 IVM H . 9.46 23.06 25.45
O14 IVM H . 10.79 23.54 25.64
C15 IVM H . 8.83 22.73 26.81
C16 IVM H . 7.55 22.22 26.66
C17 IVM H . 6.96 21.22 27.43
C18 IVM H . 7.75 20.61 28.59
C19 IVM H . 5.54 20.73 27.14
C20 IVM H . 4.26 22.74 27.50
C21 IVM H . 3.52 23.90 26.81
C22 IVM H . 2.30 23.34 26.02
C23 IVM H . 2.12 25.63 25.13
C24 IVM H . 1.41 22.52 27.00
C25 IVM H . -0.86 21.76 27.21
C26 IVM H . -1.70 23.04 27.23
C27 IVM H . -2.41 23.19 25.89
C28 IVM H . -2.48 25.56 25.42
C29 IVM H . -3.17 21.85 25.70
C30 IVM H . -2.17 20.69 25.52
C31 IVM H . -2.75 19.37 25.02
C32 IVM H . 2.28 21.44 27.70
C33 IVM H . 1.53 20.48 28.66
C34 IVM H . 5.65 19.49 26.24
C35 IVM H . 4.31 18.77 26.10
C36 IVM H . 6.15 19.93 24.86
C37 IVM H . 6.72 19.04 23.97
C38 IVM H . 7.17 19.52 22.75
C39 IVM H . 7.75 18.64 21.84
C40 IVM H . 7.97 17.26 21.87
C41 IVM H . 7.99 17.89 19.70
C42 IVM H . 8.61 17.83 18.28
C43 IVM H . 9.85 18.69 18.13
C44 IVM H . 10.37 19.47 19.17
C45 IVM H . 9.74 19.48 20.58
C46 IVM H . 9.97 20.81 21.31
C47 IVM H . 8.24 19.15 20.51
C48 IVM H . 10.52 18.69 16.75
ZN ZN I . -9.21 -6.47 33.71
C11 7C6 J . -44.28 -2.31 -13.72
C1 7C6 J . -42.97 -1.51 -13.76
C2 7C6 J . -42.39 -1.48 -15.19
C3 7C6 J . -42.93 -2.57 -16.14
O1 7C6 J . -42.38 -3.66 -16.24
N2 7C6 J . -43.99 -2.33 -16.98
C12 7C6 J . -44.42 -3.40 -17.90
C4 7C6 J . -44.70 -1.14 -16.92
C5 7C6 J . -45.98 -1.09 -17.45
C6 7C6 J . -46.67 0.12 -17.36
N3 7C6 J . -46.12 1.17 -16.77
C7 7C6 J . -44.91 1.14 -16.24
C8 7C6 J . -44.16 -0.03 -16.30
C9 7C6 J . -42.75 -0.08 -15.70
C10 7C6 J . -42.69 0.76 -14.43
N1 7C6 J . -43.24 -0.10 -13.37
S1 7C6 J . -42.63 0.31 -11.90
O2 7C6 J . -43.07 -0.72 -10.89
O3 7C6 J . -43.08 1.69 -11.51
C13 7C6 J . -40.93 0.32 -11.95
C14 7C6 J . -40.27 1.49 -12.29
C15 7C6 J . -38.89 1.46 -12.33
O4 7C6 J . -37.98 2.44 -12.63
C19 7C6 J . -36.80 1.98 -11.97
O5 7C6 J . -36.86 0.56 -12.14
C16 7C6 J . -38.18 0.30 -12.03
C17 7C6 J . -38.84 -0.88 -11.68
C18 7C6 J . -40.22 -0.86 -11.64
N GLY K . -28.80 7.97 -12.55
CA GLY K . -29.25 7.45 -13.87
C GLY K . -28.28 7.84 -14.96
O GLY K . -28.27 8.98 -15.41
OXT GLY K . -27.50 7.01 -15.43
C1 IVM L . 10.57 35.73 -3.56
O1 IVM L . 11.55 34.01 0.42
C2 IVM L . 10.76 34.89 -2.28
O2 IVM L . 4.47 34.53 -1.03
C3 IVM L . 12.09 35.19 -1.56
O3 IVM L . 4.21 34.64 -5.26
C4 IVM L . 13.16 34.12 -1.88
O4 IVM L . 1.49 33.80 -4.25
C5 IVM L . 11.89 35.35 -0.05
O5 IVM L . -0.89 30.67 -6.06
C6 IVM L . 11.21 33.96 1.81
O6 IVM L . -2.79 32.14 -4.70
C7 IVM L . 12.38 34.46 2.66
O7 IVM L . -0.34 34.82 -5.53
C8 IVM L . 13.56 34.99 1.82
O8 IVM L . 2.73 36.17 -1.60
C9 IVM L . 13.11 35.93 0.70
O9 IVM L . 6.73 27.00 2.70
C10 IVM L . 12.87 37.34 1.28
O10 IVM L . 7.85 24.41 2.12
C11 IVM L . 10.91 32.50 2.16
O11 IVM L . 10.77 29.69 0.86
C12 IVM L . 9.66 32.04 1.41
O12 IVM L . 9.22 30.84 2.03
C13 IVM L . 8.48 32.99 1.59
O13 IVM L . 8.29 28.16 -0.26
C14 IVM L . 8.90 34.43 1.28
O14 IVM L . 10.04 34.76 2.11
C15 IVM L . 7.73 35.44 1.52
C16 IVM L . 6.59 35.03 0.83
C17 IVM L . 5.28 34.96 1.29
C18 IVM L . 4.93 35.39 2.72
C19 IVM L . 4.16 34.43 0.38
C20 IVM L . 4.14 35.82 -1.63
C21 IVM L . 4.57 35.78 -3.12
C22 IVM L . 3.76 34.70 -3.87
C23 IVM L . 4.61 33.33 -5.70
C24 IVM L . 2.24 34.96 -3.77
C25 IVM L . 0.89 34.02 -5.56
C26 IVM L . 0.62 32.66 -6.22
C27 IVM L . -0.53 31.94 -5.47
C28 IVM L . -0.80 29.63 -5.09
C29 IVM L . -1.77 32.81 -5.45
C30 IVM L . -1.44 34.19 -4.81
C31 IVM L . -2.68 35.10 -4.74
C32 IVM L . 1.88 35.19 -2.28
C33 IVM L . 0.40 35.57 -2.14
C34 IVM L . 3.88 32.95 0.77
C35 IVM L . 2.62 32.39 0.09
C36 IVM L . 5.07 32.05 0.42
C37 IVM L . 5.32 30.89 1.15
C38 IVM L . 6.42 30.12 0.79
C39 IVM L . 6.72 28.94 1.48
C40 IVM L . 6.09 28.30 2.56
C41 IVM L . 7.32 26.71 1.39
C42 IVM L . 8.30 25.51 1.32
C43 IVM L . 9.73 25.88 1.73
C44 IVM L . 10.11 27.19 2.03
C45 IVM L . 9.11 28.37 2.02
C46 IVM L . 9.78 29.68 1.59
C47 IVM L . 7.92 28.08 1.10
C48 IVM L . 10.78 24.79 1.75
ZN ZN M . -24.53 23.90 9.93
C11 7C6 N . -27.30 -15.40 -34.46
C1 7C6 N . -25.99 -14.86 -33.89
C2 7C6 N . -24.86 -15.88 -33.88
C3 7C6 N . -25.32 -17.32 -33.59
O1 7C6 N . -25.34 -17.71 -32.41
N2 7C6 N . -25.63 -18.23 -34.64
C12 7C6 N . -26.04 -19.60 -34.33
C4 7C6 N . -25.62 -17.80 -35.99
C5 7C6 N . -26.27 -18.54 -36.97
C6 7C6 N . -26.25 -18.07 -38.29
N3 7C6 N . -25.63 -16.94 -38.60
C7 7C6 N . -25.00 -16.20 -37.69
C8 7C6 N . -24.99 -16.60 -36.35
C9 7C6 N . -24.25 -15.77 -35.27
C10 7C6 N . -24.36 -14.28 -35.56
N1 7C6 N . -25.53 -13.79 -34.80
S1 7C6 N . -25.25 -12.30 -34.11
O2 7C6 N . -26.52 -11.84 -33.44
O3 7C6 N . -24.81 -11.33 -35.18
C13 7C6 N . -24.06 -12.32 -32.89
C14 7C6 N . -22.76 -11.95 -33.21
C15 7C6 N . -21.80 -11.97 -32.20
O4 7C6 N . -20.47 -11.66 -32.23
C19 7C6 N . -20.18 -11.36 -30.86
O5 7C6 N . -21.04 -12.28 -30.14
C16 7C6 N . -22.15 -12.35 -30.90
C17 7C6 N . -23.44 -12.71 -30.60
C18 7C6 N . -24.40 -12.68 -31.60
N GLY O . 0.29 -29.76 -13.48
CA GLY O . -0.66 -30.42 -12.53
C GLY O . -0.03 -30.90 -11.23
O GLY O . -0.34 -30.36 -10.17
OXT GLY O . 0.78 -31.82 -11.19
C1 IVM P . 28.91 17.73 -16.40
O1 IVM P . 27.08 19.75 -13.12
C2 IVM P . 28.09 17.78 -15.11
O2 IVM P . 23.01 18.11 -18.61
C3 IVM P . 28.88 18.48 -13.99
O3 IVM P . 23.93 14.32 -20.19
C4 IVM P . 28.90 17.62 -12.72
O4 IVM P . 21.61 14.88 -21.64
C5 IVM P . 28.33 19.90 -13.76
O5 IVM P . 23.40 12.14 -24.41
C6 IVM P . 26.32 20.96 -12.89
O6 IVM P . 20.82 10.69 -23.93
C7 IVM P . 27.16 22.08 -12.29
O7 IVM P . 19.77 14.09 -23.10
C8 IVM P . 28.56 21.61 -11.85
O8 IVM P . 22.97 18.42 -21.01
C9 IVM P . 29.29 20.74 -12.89
O9 IVM P . 18.91 17.23 -11.10
C10 IVM P . 30.24 21.56 -13.77
O10 IVM P . 18.65 14.84 -9.24
C11 IVM P . 25.17 20.53 -11.97
O11 IVM P . 24.04 17.32 -10.94
C12 IVM P . 24.39 19.36 -12.62
O12 IVM P . 23.14 19.15 -11.93
C13 IVM P . 23.97 19.65 -14.05
O13 IVM P . 21.83 15.56 -12.23
C14 IVM P . 25.02 20.50 -14.86
O14 IVM P . 25.74 21.49 -14.09
C15 IVM P . 24.30 21.17 -16.07
C16 IVM P . 23.66 20.20 -16.84
C17 IVM P . 22.65 20.39 -17.77
C18 IVM P . 22.13 21.79 -18.06
C19 IVM P . 22.05 19.18 -18.49
C20 IVM P . 23.76 18.16 -19.83
C21 IVM P . 24.49 16.83 -20.01
C22 IVM P . 23.43 15.71 -20.20
C23 IVM P . 25.36 14.17 -20.08
C24 IVM P . 22.60 15.95 -21.48
C25 IVM P . 21.06 14.81 -22.99
C26 IVM P . 22.14 14.23 -23.91
C27 IVM P . 22.29 12.72 -23.63
C28 IVM P . 24.58 12.97 -24.44
C29 IVM P . 20.85 12.14 -23.88
C30 IVM P . 19.90 12.68 -22.82
C31 IVM P . 18.52 12.00 -22.86
C32 IVM P . 21.98 17.38 -21.38
C33 IVM P . 21.23 17.77 -22.67
C34 IVM P . 20.81 18.74 -17.70
C35 IVM P . 19.92 17.81 -18.52
C36 IVM P . 21.21 18.02 -16.41
C37 IVM P . 20.45 18.11 -15.26
C38 IVM P . 20.93 17.42 -14.16
C39 IVM P . 20.33 17.40 -12.91
C40 IVM P . 19.16 17.95 -12.38
C41 IVM P . 19.68 16.00 -11.18
C42 IVM P . 19.91 15.21 -9.88
C43 IVM P . 20.84 15.95 -8.91
C44 IVM P . 21.67 16.99 -9.34
C45 IVM P . 21.65 17.55 -10.77
C46 IVM P . 23.05 17.98 -11.23
C47 IVM P . 20.95 16.59 -11.78
C48 IVM P . 20.96 15.48 -7.45
ZN ZN Q . -8.58 19.91 -27.66
C11 7C6 R . -13.84 -38.81 -21.50
C1 7C6 R . -12.63 -38.24 -20.75
C2 7C6 R . -12.42 -38.88 -19.35
C3 7C6 R . -13.66 -39.59 -18.80
O1 7C6 R . -14.45 -38.95 -18.12
N2 7C6 R . -13.88 -40.96 -19.03
C12 7C6 R . -15.08 -41.63 -18.45
C4 7C6 R . -12.98 -41.70 -19.79
C5 7C6 R . -13.36 -42.94 -20.28
C6 7C6 R . -12.45 -43.66 -21.05
N3 7C6 R . -11.24 -43.17 -21.29
C7 7C6 R . -10.85 -41.99 -20.83
C8 7C6 R . -11.72 -41.22 -20.07
C9 7C6 R . -11.26 -39.86 -19.55
C10 7C6 R . -10.42 -39.14 -20.60
N1 7C6 R . -11.38 -38.50 -21.51
S1 7C6 R . -10.71 -37.12 -22.14
O2 7C6 R . -11.69 -36.44 -23.04
O3 7C6 R . -9.46 -37.46 -22.91
C13 7C6 R . -10.24 -36.02 -20.89
C14 7C6 R . -8.91 -35.91 -20.51
C15 7C6 R . -8.57 -35.02 -19.50
O4 7C6 R . -7.36 -34.72 -18.94
C19 7C6 R . -7.70 -34.06 -17.70
O5 7C6 R . -8.98 -33.46 -17.95
C16 7C6 R . -9.55 -34.24 -18.89
C17 7C6 R . -10.86 -34.34 -19.28
C18 7C6 R . -11.22 -35.23 -20.29
N GLY S . -10.81 -7.85 -30.02
CA GLY S . -11.01 -9.28 -29.68
C GLY S . -9.70 -10.04 -29.65
O GLY S . -8.90 -9.95 -30.57
OXT GLY S . -9.43 -10.75 -28.70
C1 IVM T . 37.56 -1.86 2.19
O1 IVM T . 35.90 1.55 1.80
C2 IVM T . 36.51 -1.16 3.03
O2 IVM T . 34.27 -4.39 -2.18
C3 IVM T . 36.95 0.24 3.49
O3 IVM T . 33.70 -7.68 0.25
C4 IVM T . 35.94 0.81 4.48
O4 IVM T . 33.36 -8.84 -2.22
C5 IVM T . 37.19 1.18 2.29
O5 IVM T . 34.38 -12.35 0.28
C6 IVM T . 35.93 2.29 0.56
O6 IVM T . 31.36 -12.37 -0.11
C7 IVM T . 36.93 3.47 0.62
O7 IVM T . 32.43 -10.74 -3.24
C8 IVM T . 37.60 3.69 1.99
O8 IVM T . 35.69 -6.07 -3.10
C9 IVM T . 38.04 2.40 2.70
O9 IVM T . 27.73 1.11 -1.50
C10 IVM T . 39.54 2.15 2.52
O10 IVM T . 25.60 1.66 0.25
C11 IVM T . 34.51 2.78 0.33
O11 IVM T . 31.54 2.31 1.88
C12 IVM T . 33.57 1.56 0.24
O12 IVM T . 32.27 2.00 -0.22
C13 IVM T . 34.06 0.47 -0.76
O13 IVM T . 29.63 -0.14 1.26
C14 IVM T . 35.58 0.24 -0.62
O14 IVM T . 36.27 1.49 -0.58
C15 IVM T . 36.16 -0.57 -1.79
C16 IVM T . 35.47 -1.75 -1.99
C17 IVM T . 35.06 -2.25 -3.23
C18 IVM T . 35.35 -1.46 -4.51
C19 IVM T . 34.27 -3.55 -3.35
C20 IVM T . 35.46 -5.15 -2.01
C21 IVM T . 35.28 -5.97 -0.74
C22 IVM T . 34.11 -6.96 -0.95
C23 IVM T . 34.81 -7.97 1.13
C24 IVM T . 34.45 -7.91 -2.09
C25 IVM T . 33.68 -10.12 -2.84
C26 IVM T . 34.47 -11.06 -1.90
C27 IVM T . 33.61 -11.45 -0.65
C28 IVM T . 35.10 -11.64 1.33
C29 IVM T . 32.23 -11.98 -1.19
C30 IVM T . 31.55 -10.93 -2.11
C31 IVM T . 30.13 -11.29 -2.61
C32 IVM T . 34.59 -7.00 -3.31
C33 IVM T . 34.73 -7.77 -4.64
C34 IVM T . 32.83 -3.12 -3.59
C35 IVM T . 31.97 -4.35 -3.87
C36 IVM T . 32.29 -2.41 -2.34
C37 IVM T . 31.22 -1.53 -2.41
C38 IVM T . 30.79 -0.91 -1.24
C39 IVM T . 29.73 0.00 -1.21
C40 IVM T . 28.87 0.48 -2.19
C41 IVM T . 27.78 0.62 -0.14
C42 IVM T . 26.90 1.41 0.84
C43 IVM T . 27.60 2.73 1.31
C44 IVM T . 28.94 2.99 1.04
C45 IVM T . 29.84 2.07 0.19
C46 IVM T . 31.28 2.11 0.70
C47 IVM T . 29.29 0.65 0.10
C48 IVM T . 26.85 3.76 2.17
ZN ZN U . 17.06 -13.67 -28.39
C11 7C6 V . -22.38 -40.36 7.29
C1 7C6 V . -21.56 -39.19 7.86
C2 7C6 V . -22.32 -38.32 8.90
C3 7C6 V . -23.84 -38.29 8.67
O1 7C6 V . -24.32 -37.40 7.97
N2 7C6 V . -24.70 -39.26 9.26
C12 7C6 V . -26.15 -39.20 9.04
C4 7C6 V . -24.16 -40.29 10.07
C5 7C6 V . -24.91 -41.42 10.38
C6 7C6 V . -24.34 -42.42 11.18
N3 7C6 V . -23.10 -42.32 11.63
C7 7C6 V . -22.36 -41.25 11.35
C8 7C6 V . -22.85 -40.21 10.55
C9 7C6 V . -21.97 -38.98 10.24
C10 7C6 V . -20.50 -39.37 10.03
N1 7C6 V . -20.38 -39.73 8.59
S1 7C6 V . -18.89 -39.36 7.92
O2 7C6 V . -18.86 -39.83 6.49
O3 7C6 V . -17.84 -40.08 8.70
C13 7C6 V . -18.54 -37.67 7.89
C14 7C6 V . -17.78 -37.08 8.90
C15 7C6 V . -17.52 -35.73 8.83
O4 7C6 V . -16.81 -34.90 9.66
C19 7C6 V . -17.24 -33.57 9.33
O5 7C6 V . -17.56 -33.67 7.94
C16 7C6 V . -17.98 -34.96 7.77
C17 7C6 V . -18.72 -35.55 6.77
C18 7C6 V . -18.99 -36.91 6.83
N GLY W . -11.29 -27.40 13.88
CA GLY W . -12.35 -26.37 14.11
C GLY W . -12.69 -26.22 15.57
O GLY W . -13.20 -25.19 15.99
OXT GLY W . -12.46 -27.10 16.38
C1 IVM X . 24.33 4.38 28.71
O1 IVM X . 25.91 4.84 24.56
C2 IVM X . 24.25 4.59 27.19
O2 IVM X . 23.24 -2.04 25.67
C3 IVM X . 25.28 5.63 26.72
O3 IVM X . 20.54 -1.74 28.94
C4 IVM X . 24.61 6.77 25.94
O4 IVM X . 20.15 -4.53 27.89
C5 IVM X . 26.41 4.99 25.90
O5 IVM X . 17.16 -4.21 31.21
C6 IVM X . 26.81 4.13 23.71
O6 IVM X . 15.69 -5.17 28.77
C7 IVM X . 28.16 4.88 23.63
O7 IVM X . 19.03 -6.60 28.18
C8 IVM X . 28.28 6.10 24.57
O8 IVM X . 23.71 -3.70 27.27
C9 IVM X . 27.69 5.86 25.96
O9 IVM X . 21.40 1.14 17.92
C10 IVM X . 28.72 5.25 26.90
O10 IVM X . 19.89 2.76 16.45
C11 IVM X . 26.13 4.06 22.35
O11 IVM X . 22.96 4.77 21.32
C12 IVM X . 24.85 3.19 22.50
O12 IVM X . 24.23 2.89 21.26
C13 IVM X . 25.24 1.83 23.06
O13 IVM X . 20.59 2.71 21.00
C14 IVM X . 25.93 2.00 24.39
O14 IVM X . 27.08 2.79 24.14
C15 IVM X . 26.37 0.64 24.92
C16 IVM X . 25.34 -0.28 24.98
C17 IVM X . 25.42 -1.63 24.61
C18 IVM X . 26.74 -2.19 24.09
C19 IVM X . 24.19 -2.54 24.70
C20 IVM X . 23.65 -2.29 27.01
C21 IVM X . 22.65 -1.60 27.93
C22 IVM X . 21.31 -2.32 27.88
C23 IVM X . 19.74 -0.66 28.44
C24 IVM X . 21.43 -3.85 28.09
C25 IVM X . 19.89 -5.62 28.82
C26 IVM X . 19.28 -5.11 30.14
C27 IVM X . 17.82 -4.58 29.92
C28 IVM X . 17.28 -2.81 31.59
C29 IVM X . 17.02 -5.62 29.08
C30 IVM X . 17.78 -6.01 27.77
C31 IVM X . 16.98 -6.95 26.85
C32 IVM X . 22.43 -4.38 27.07
C33 IVM X . 22.63 -5.90 27.14
C34 IVM X . 23.48 -2.64 23.34
C35 IVM X . 22.35 -3.67 23.34
C36 IVM X . 22.92 -1.26 22.97
C37 IVM X . 22.65 -0.89 21.65
C38 IVM X . 22.17 0.40 21.41
C39 IVM X . 21.90 0.85 20.13
C40 IVM X . 21.98 0.22 18.89
C41 IVM X . 20.50 1.99 18.67
C42 IVM X . 19.99 3.17 17.81
C43 IVM X . 20.91 4.41 17.88
C44 IVM X . 22.05 4.43 18.70
C45 IVM X . 22.52 3.22 19.54
C46 IVM X . 23.24 3.70 20.79
C47 IVM X . 21.37 2.26 19.90
C48 IVM X . 20.55 5.66 17.07
ZN ZN Y . 16.61 -30.09 9.51
#